data_8UY5
# 
_entry.id   8UY5 
# 
_audit_conform.dict_name       mmcif_pdbx.dic 
_audit_conform.dict_version    5.401 
_audit_conform.dict_location   http://mmcif.pdb.org/dictionaries/ascii/mmcif_pdbx.dic 
# 
loop_
_database_2.database_id 
_database_2.database_code 
_database_2.pdbx_database_accession 
_database_2.pdbx_DOI 
PDB   8UY5         pdb_00008uy5 10.2210/pdb8uy5/pdb 
WWPDB D_1000279151 ?            ?                   
# 
_pdbx_audit_revision_history.ordinal             1 
_pdbx_audit_revision_history.data_content_type   'Structure model' 
_pdbx_audit_revision_history.major_revision      1 
_pdbx_audit_revision_history.minor_revision      0 
_pdbx_audit_revision_history.revision_date       2025-01-22 
# 
_pdbx_audit_revision_details.ordinal             1 
_pdbx_audit_revision_details.revision_ordinal    1 
_pdbx_audit_revision_details.data_content_type   'Structure model' 
_pdbx_audit_revision_details.provider            repository 
_pdbx_audit_revision_details.type                'Initial release' 
_pdbx_audit_revision_details.description         ? 
_pdbx_audit_revision_details.details             ? 
# 
_pdbx_database_status.status_code                     REL 
_pdbx_database_status.status_code_sf                  REL 
_pdbx_database_status.status_code_mr                  ? 
_pdbx_database_status.entry_id                        8UY5 
_pdbx_database_status.recvd_initial_deposition_date   2023-11-13 
_pdbx_database_status.SG_entry                        N 
_pdbx_database_status.deposit_site                    RCSB 
_pdbx_database_status.process_site                    RCSB 
_pdbx_database_status.status_code_cs                  ? 
_pdbx_database_status.status_code_nmr_data            ? 
_pdbx_database_status.methods_development_category    ? 
_pdbx_database_status.pdb_format_compatible           Y 
# 
_pdbx_contact_author.id                 2 
_pdbx_contact_author.email              rs17@nyu.edu 
_pdbx_contact_author.name_first         Ruojie 
_pdbx_contact_author.name_last          Sha 
_pdbx_contact_author.name_mi            ? 
_pdbx_contact_author.role               'principal investigator/group leader' 
_pdbx_contact_author.identifier_ORCID   0000-0002-0807-734X 
# 
loop_
_audit_author.name 
_audit_author.pdbx_ordinal 
_audit_author.identifier_ORCID 
'Vecchioni, S.' 1 0000-0001-8243-650X 
'Sha, R.'       2 0000-0002-0807-734X 
'Ohayon, Y.P.'  3 0000-0001-7500-4282 
'Hernandez, C.' 4 0000-0001-8589-6536 
# 
_citation.abstract                  ? 
_citation.abstract_id_CAS           ? 
_citation.book_id_ISBN              ? 
_citation.book_publisher            ? 
_citation.book_publisher_city       ? 
_citation.book_title                ? 
_citation.coordinate_linkage        ? 
_citation.country                   US 
_citation.database_id_Medline       ? 
_citation.details                   ? 
_citation.id                        primary 
_citation.journal_abbrev            'Nano Lett.' 
_citation.journal_id_ASTM           ? 
_citation.journal_id_CSD            ? 
_citation.journal_id_ISSN           1530-6992 
_citation.journal_full              ? 
_citation.journal_issue             ? 
_citation.journal_volume            24 
_citation.language                  ? 
_citation.page_first                14302 
_citation.page_last                 14306 
_citation.title                     
'Six-Letter DNA Nanotechnology: Incorporation of Z - P Base Pairs into Self-Assembling 3D Crystals.' 
_citation.year                      2024 
_citation.database_id_CSD           ? 
_citation.pdbx_database_id_DOI      10.1021/acs.nanolett.4c03949 
_citation.pdbx_database_id_PubMed   39471314 
_citation.pdbx_database_id_patent   ? 
_citation.unpublished_flag          ? 
# 
loop_
_citation_author.citation_id 
_citation_author.name 
_citation_author.ordinal 
_citation_author.identifier_ORCID 
primary 'Vecchioni, S.' 1 ?                   
primary 'Ohayon, Y.P.'  2 ?                   
primary 'Hernandez, C.' 3 ?                   
primary 'Hoshika, S.'   4 0000-0001-9128-1183 
primary 'Mao, C.'       5 0000-0001-7516-8666 
primary 'Benner, S.A.'  6 ?                   
primary 'Sha, R.'       7 0000-0002-0807-734X 
# 
loop_
_entity.id 
_entity.type 
_entity.src_method 
_entity.pdbx_description 
_entity.formula_weight 
_entity.pdbx_number_of_molecules 
_entity.pdbx_ec 
_entity.pdbx_mutation 
_entity.pdbx_fragment 
_entity.details 
1 polymer syn 
;DNA (5'-D(*GP*AP*GP*CP*AP*GP*CP*CP*TP*(DP)P*TP*AP*CP*GP*GP*AP*CP*AP*TP*CP*A)-3')
;
6457.188 1 ? ? ? ? 
2 polymer syn 
;DNA (5'-D(P*CP*CP*GP*TP*AP*(DZ)P*A)-3')
;
2126.410 1 ? ? ? ? 
3 polymer syn 
;DNA (5'-D(P*GP*GP*CP*TP*GP*CP*T)-3')
;
2129.409 1 ? ? ? ? 
4 polymer syn 
;DNA (5'-D(P*CP*TP*GP*AP*TP*GP*T)-3')
;
2128.421 1 ? ? ? ? 
# 
loop_
_entity_poly.entity_id 
_entity_poly.type 
_entity_poly.nstd_linkage 
_entity_poly.nstd_monomer 
_entity_poly.pdbx_seq_one_letter_code 
_entity_poly.pdbx_seq_one_letter_code_can 
_entity_poly.pdbx_strand_id 
_entity_poly.pdbx_target_identifier 
1 polydeoxyribonucleotide no yes 
;(DG)(DA)(DG)(DC)(DA)(DG)(DC)(DC)(DT)(DP)(DT)(DA)(DC)(DG)(DG)(DA)(DC)(DA)(DT)(DC)
(DA)
;
GAGCAGCCTXTACGGACATCA A ? 
2 polydeoxyribonucleotide no yes '(DC)(DC)(DG)(DT)(DA)(DZ)(DA)'                                                          CCGTAXA B 
? 
3 polydeoxyribonucleotide no no  '(DG)(DG)(DC)(DT)(DG)(DC)(DT)'                                                          GGCTGCT C 
? 
4 polydeoxyribonucleotide no no  '(DC)(DT)(DG)(DA)(DT)(DG)(DT)'                                                          CTGATGT D 
? 
# 
loop_
_entity_poly_seq.entity_id 
_entity_poly_seq.num 
_entity_poly_seq.mon_id 
_entity_poly_seq.hetero 
1 1  DG n 
1 2  DA n 
1 3  DG n 
1 4  DC n 
1 5  DA n 
1 6  DG n 
1 7  DC n 
1 8  DC n 
1 9  DT n 
1 10 DP n 
1 11 DT n 
1 12 DA n 
1 13 DC n 
1 14 DG n 
1 15 DG n 
1 16 DA n 
1 17 DC n 
1 18 DA n 
1 19 DT n 
1 20 DC n 
1 21 DA n 
2 1  DC n 
2 2  DC n 
2 3  DG n 
2 4  DT n 
2 5  DA n 
2 6  DZ n 
2 7  DA n 
3 1  DG n 
3 2  DG n 
3 3  DC n 
3 4  DT n 
3 5  DG n 
3 6  DC n 
3 7  DT n 
4 1  DC n 
4 2  DT n 
4 3  DG n 
4 4  DA n 
4 5  DT n 
4 6  DG n 
4 7  DT n 
# 
loop_
_pdbx_entity_src_syn.entity_id 
_pdbx_entity_src_syn.pdbx_src_id 
_pdbx_entity_src_syn.pdbx_alt_source_flag 
_pdbx_entity_src_syn.pdbx_beg_seq_num 
_pdbx_entity_src_syn.pdbx_end_seq_num 
_pdbx_entity_src_syn.organism_scientific 
_pdbx_entity_src_syn.organism_common_name 
_pdbx_entity_src_syn.ncbi_taxonomy_id 
_pdbx_entity_src_syn.details 
1 1 sample 1 21 'synthetic construct' ? 32630 ? 
2 1 sample 1 7  'synthetic construct' ? 32630 ? 
3 1 sample 1 7  'synthetic construct' ? 32630 ? 
4 1 sample 1 7  'synthetic construct' ? 32630 ? 
# 
loop_
_chem_comp.id 
_chem_comp.type 
_chem_comp.mon_nstd_flag 
_chem_comp.name 
_chem_comp.pdbx_synonyms 
_chem_comp.formula 
_chem_comp.formula_weight 
DA 'DNA linking' y "2'-DEOXYADENOSINE-5'-MONOPHOSPHATE" ? 'C10 H14 N5 O6 P' 331.222 
DC 'DNA linking' y "2'-DEOXYCYTIDINE-5'-MONOPHOSPHATE" ? 'C9 H14 N3 O7 P'  307.197 
DG 'DNA linking' y "2'-DEOXYGUANOSINE-5'-MONOPHOSPHATE" ? 'C10 H14 N5 O7 P' 347.221 
DP 'DNA linking' . 
;[(2~{R},3~{S},5~{R})-5-(2-azanyl-4-oxidanylidene-imidazo[1,2-a][1,3,5]triazin-8-yl)-3-oxidanyl-oxolan-2-yl]methyl dihydrogen phosphate
;
? 'C10 H14 N5 O7 P' 347.221 
DT 'DNA linking' y "THYMIDINE-5'-MONOPHOSPHATE" ? 'C10 H15 N2 O8 P' 322.208 
DZ 'DNA linking' . 
'[(2~{R},3~{S},5~{R})-5-(6-azanyl-5-nitro-2-oxidanylidene-1~{H}-pyridin-3-yl)-3-oxidanyl-oxolan-2-yl]methyl dihydrogen phosphate' 
? 'C10 H14 N3 O9 P' 351.207 
# 
loop_
_pdbx_poly_seq_scheme.asym_id 
_pdbx_poly_seq_scheme.entity_id 
_pdbx_poly_seq_scheme.seq_id 
_pdbx_poly_seq_scheme.mon_id 
_pdbx_poly_seq_scheme.ndb_seq_num 
_pdbx_poly_seq_scheme.pdb_seq_num 
_pdbx_poly_seq_scheme.auth_seq_num 
_pdbx_poly_seq_scheme.pdb_mon_id 
_pdbx_poly_seq_scheme.auth_mon_id 
_pdbx_poly_seq_scheme.pdb_strand_id 
_pdbx_poly_seq_scheme.pdb_ins_code 
_pdbx_poly_seq_scheme.hetero 
A 1 1  DG 1  1  1  DG DG  A . n 
A 1 2  DA 2  2  2  DA DA  A . n 
A 1 3  DG 3  3  3  DG DG  A . n 
A 1 4  DC 4  4  4  DC DC  A . n 
A 1 5  DA 5  5  5  DA DA  A . n 
A 1 6  DG 6  6  6  DG DG  A . n 
A 1 7  DC 7  7  7  DC DC  A . n 
A 1 8  DC 8  8  8  DC DC  A . n 
A 1 9  DT 9  9  9  DT DT  A . n 
A 1 10 DP 10 10 10 DP 1WA A . n 
A 1 11 DT 11 11 11 DT DT  A . n 
A 1 12 DA 12 12 12 DA DA  A . n 
A 1 13 DC 13 13 13 DC DC  A . n 
A 1 14 DG 14 14 14 DG DG  A . n 
A 1 15 DG 15 15 15 DG DG  A . n 
A 1 16 DA 16 16 16 DA DA  A . n 
A 1 17 DC 17 17 17 DC DC  A . n 
A 1 18 DA 18 18 18 DA DA  A . n 
A 1 19 DT 19 19 19 DT DT  A . n 
A 1 20 DC 20 20 20 DC DC  A . n 
A 1 21 DA 21 21 21 DA DA  A . n 
B 2 1  DC 1  1  1  DC DC  B . n 
B 2 2  DC 2  2  2  DC DC  B . n 
B 2 3  DG 3  3  3  DG DG  B . n 
B 2 4  DT 4  4  4  DT DT  B . n 
B 2 5  DA 5  5  5  DA DA  B . n 
B 2 6  DZ 6  6  6  DZ 1W5 B . n 
B 2 7  DA 7  7  7  DA DA  B . n 
C 3 1  DG 1  8  8  DG DG  C . n 
C 3 2  DG 2  9  9  DG DG  C . n 
C 3 3  DC 3  10 10 DC DC  C . n 
C 3 4  DT 4  11 11 DT DT  C . n 
C 3 5  DG 5  12 12 DG DG  C . n 
C 3 6  DC 6  13 13 DC DC  C . n 
C 3 7  DT 7  14 14 DT DT  C . n 
D 4 1  DC 1  1  1  DC DC  D . n 
D 4 2  DT 2  2  2  DT DT  D . n 
D 4 3  DG 3  3  3  DG DG  D . n 
D 4 4  DA 4  4  4  DA DA  D . n 
D 4 5  DT 5  5  5  DT DT  D . n 
D 4 6  DG 6  6  6  DG DG  D . n 
D 4 7  DT 7  7  7  DT DT  D . n 
# 
loop_
_pdbx_entity_instance_feature.ordinal 
_pdbx_entity_instance_feature.comp_id 
_pdbx_entity_instance_feature.asym_id 
_pdbx_entity_instance_feature.seq_num 
_pdbx_entity_instance_feature.auth_comp_id 
_pdbx_entity_instance_feature.auth_asym_id 
_pdbx_entity_instance_feature.auth_seq_num 
_pdbx_entity_instance_feature.feature_type 
_pdbx_entity_instance_feature.details 
1 DZ ? ? DZ ? ? 'SUBJECT OF INVESTIGATION' ? 
2 DP ? ? DP ? ? 'SUBJECT OF INVESTIGATION' ? 
# 
loop_
_software.citation_id 
_software.classification 
_software.compiler_name 
_software.compiler_version 
_software.contact_author 
_software.contact_author_email 
_software.date 
_software.description 
_software.dependencies 
_software.hardware 
_software.language 
_software.location 
_software.mods 
_software.name 
_software.os 
_software.os_version 
_software.type 
_software.version 
_software.pdbx_ordinal 
? refinement       ? ? ? ? ? ? ? ? ? ? ? PHENIX    ? ? ? 1.20.1_4487 1 
? 'data reduction' ? ? ? ? ? ? ? ? ? ? ? autoPROC  ? ? ? .           2 
? 'data scaling'   ? ? ? ? ? ? ? ? ? ? ? STARANISO ? ? ? .           3 
? phasing          ? ? ? ? ? ? ? ? ? ? ? PHASER    ? ? ? .           4 
# 
_cell.angle_alpha                  90.000 
_cell.angle_alpha_esd              ? 
_cell.angle_beta                   90.000 
_cell.angle_beta_esd               ? 
_cell.angle_gamma                  120.000 
_cell.angle_gamma_esd              ? 
_cell.entry_id                     8UY5 
_cell.details                      ? 
_cell.formula_units_Z              ? 
_cell.length_a                     106.274 
_cell.length_a_esd                 ? 
_cell.length_b                     106.274 
_cell.length_b_esd                 ? 
_cell.length_c                     94.462 
_cell.length_c_esd                 ? 
_cell.volume                       923935.858 
_cell.volume_esd                   ? 
_cell.Z_PDB                        9 
_cell.reciprocal_angle_alpha       ? 
_cell.reciprocal_angle_beta        ? 
_cell.reciprocal_angle_gamma       ? 
_cell.reciprocal_angle_alpha_esd   ? 
_cell.reciprocal_angle_beta_esd    ? 
_cell.reciprocal_angle_gamma_esd   ? 
_cell.reciprocal_length_a          ? 
_cell.reciprocal_length_b          ? 
_cell.reciprocal_length_c          ? 
_cell.reciprocal_length_a_esd      ? 
_cell.reciprocal_length_b_esd      ? 
_cell.reciprocal_length_c_esd      ? 
_cell.pdbx_unique_axis             ? 
_cell.pdbx_esd_method              ? 
# 
_symmetry.entry_id                         8UY5 
_symmetry.cell_setting                     ? 
_symmetry.Int_Tables_number                146 
_symmetry.space_group_name_Hall            'R 3' 
_symmetry.space_group_name_H-M             'H 3' 
_symmetry.pdbx_full_space_group_name_H-M   ? 
# 
_exptl.absorpt_coefficient_mu     ? 
_exptl.absorpt_correction_T_max   ? 
_exptl.absorpt_correction_T_min   ? 
_exptl.absorpt_correction_type    ? 
_exptl.absorpt_process_details    ? 
_exptl.entry_id                   8UY5 
_exptl.crystals_number            1 
_exptl.details                    ? 
_exptl.method                     'X-RAY DIFFRACTION' 
_exptl.method_details             ? 
# 
_exptl_crystal.colour                       ? 
_exptl_crystal.density_diffrn               ? 
_exptl_crystal.density_Matthews             ? 
_exptl_crystal.density_method               ? 
_exptl_crystal.density_percent_sol          ? 
_exptl_crystal.description                  ? 
_exptl_crystal.F_000                        ? 
_exptl_crystal.id                           1 
_exptl_crystal.preparation                  ? 
_exptl_crystal.size_max                     ? 
_exptl_crystal.size_mid                     ? 
_exptl_crystal.size_min                     ? 
_exptl_crystal.size_rad                     ? 
_exptl_crystal.colour_lustre                ? 
_exptl_crystal.colour_modifier              ? 
_exptl_crystal.colour_primary               ? 
_exptl_crystal.density_meas                 ? 
_exptl_crystal.density_meas_esd             ? 
_exptl_crystal.density_meas_gt              ? 
_exptl_crystal.density_meas_lt              ? 
_exptl_crystal.density_meas_temp            ? 
_exptl_crystal.density_meas_temp_esd        ? 
_exptl_crystal.density_meas_temp_gt         ? 
_exptl_crystal.density_meas_temp_lt         ? 
_exptl_crystal.pdbx_crystal_image_url       ? 
_exptl_crystal.pdbx_crystal_image_format    ? 
_exptl_crystal.pdbx_mosaicity               ? 
_exptl_crystal.pdbx_mosaicity_esd           ? 
_exptl_crystal.pdbx_mosaic_method           ? 
_exptl_crystal.pdbx_mosaic_block_size       ? 
_exptl_crystal.pdbx_mosaic_block_size_esd   ? 
# 
_exptl_crystal_grow.apparatus       ? 
_exptl_crystal_grow.atmosphere      ? 
_exptl_crystal_grow.crystal_id      1 
_exptl_crystal_grow.details         ? 
_exptl_crystal_grow.method          'VAPOR DIFFUSION, HANGING DROP' 
_exptl_crystal_grow.method_ref      ? 
_exptl_crystal_grow.pH              7.8 
_exptl_crystal_grow.pressure        ? 
_exptl_crystal_grow.pressure_esd    ? 
_exptl_crystal_grow.seeding         ? 
_exptl_crystal_grow.seeding_ref     ? 
_exptl_crystal_grow.temp_details    '338-293 at 0.4/hr' 
_exptl_crystal_grow.temp_esd        ? 
_exptl_crystal_grow.time            ? 
_exptl_crystal_grow.pdbx_details    '100 mM MOPS, 1.25 M magnesium sulfate' 
_exptl_crystal_grow.pdbx_pH_range   ? 
_exptl_crystal_grow.temp            293 
# 
_diffrn.ambient_environment              ? 
_diffrn.ambient_temp                     100 
_diffrn.ambient_temp_details             ? 
_diffrn.ambient_temp_esd                 ? 
_diffrn.crystal_id                       1 
_diffrn.crystal_support                  ? 
_diffrn.crystal_treatment                ? 
_diffrn.details                          ? 
_diffrn.id                               1 
_diffrn.ambient_pressure                 ? 
_diffrn.ambient_pressure_esd             ? 
_diffrn.ambient_pressure_gt              ? 
_diffrn.ambient_pressure_lt              ? 
_diffrn.ambient_temp_gt                  ? 
_diffrn.ambient_temp_lt                  ? 
_diffrn.pdbx_serial_crystal_experiment   N 
# 
_diffrn_detector.details                      ? 
_diffrn_detector.detector                     CCD 
_diffrn_detector.diffrn_id                    1 
_diffrn_detector.type                         'ADSC QUANTUM 4' 
_diffrn_detector.area_resol_mean              ? 
_diffrn_detector.dtime                        ? 
_diffrn_detector.pdbx_frames_total            ? 
_diffrn_detector.pdbx_collection_time_total   ? 
_diffrn_detector.pdbx_collection_date         2015-05-09 
_diffrn_detector.pdbx_frequency               ? 
_diffrn_detector.id                           ? 
_diffrn_detector.number_of_axes               ? 
# 
_diffrn_radiation.collimation                      ? 
_diffrn_radiation.diffrn_id                        1 
_diffrn_radiation.filter_edge                      ? 
_diffrn_radiation.inhomogeneity                    ? 
_diffrn_radiation.monochromator                    ? 
_diffrn_radiation.polarisn_norm                    ? 
_diffrn_radiation.polarisn_ratio                   ? 
_diffrn_radiation.probe                            ? 
_diffrn_radiation.type                             ? 
_diffrn_radiation.xray_symbol                      ? 
_diffrn_radiation.wavelength_id                    1 
_diffrn_radiation.pdbx_monochromatic_or_laue_m_l   M 
_diffrn_radiation.pdbx_wavelength_list             ? 
_diffrn_radiation.pdbx_wavelength                  ? 
_diffrn_radiation.pdbx_diffrn_protocol             'SINGLE WAVELENGTH' 
_diffrn_radiation.pdbx_analyzer                    ? 
_diffrn_radiation.pdbx_scattering_type             x-ray 
# 
_diffrn_radiation_wavelength.id           1 
_diffrn_radiation_wavelength.wavelength   0.979237 
_diffrn_radiation_wavelength.wt           1.0 
# 
_diffrn_source.current                     ? 
_diffrn_source.details                     ? 
_diffrn_source.diffrn_id                   1 
_diffrn_source.power                       ? 
_diffrn_source.size                        ? 
_diffrn_source.source                      SYNCHROTRON 
_diffrn_source.target                      ? 
_diffrn_source.type                        'NSLS-II BEAMLINE 17-ID-2' 
_diffrn_source.voltage                     ? 
_diffrn_source.take-off_angle              ? 
_diffrn_source.pdbx_wavelength_list        0.979237 
_diffrn_source.pdbx_wavelength             ? 
_diffrn_source.pdbx_synchrotron_beamline   17-ID-2 
_diffrn_source.pdbx_synchrotron_site       NSLS-II 
# 
_reflns.B_iso_Wilson_estimate                          184.88 
_reflns.entry_id                                       8UY5 
_reflns.data_reduction_details                         ? 
_reflns.data_reduction_method                          ? 
_reflns.d_resolution_high                              3.562 
_reflns.d_resolution_low                               20.084 
_reflns.details                                        ? 
_reflns.limit_h_max                                    ? 
_reflns.limit_h_min                                    ? 
_reflns.limit_k_max                                    ? 
_reflns.limit_k_min                                    ? 
_reflns.limit_l_max                                    ? 
_reflns.limit_l_min                                    ? 
_reflns.number_all                                     ? 
_reflns.number_obs                                     2928 
_reflns.observed_criterion                             ? 
_reflns.observed_criterion_F_max                       ? 
_reflns.observed_criterion_F_min                       ? 
_reflns.observed_criterion_I_max                       ? 
_reflns.observed_criterion_I_min                       ? 
_reflns.observed_criterion_sigma_F                     ? 
_reflns.observed_criterion_sigma_I                     ? 
_reflns.percent_possible_obs                           78.3 
_reflns.R_free_details                                 ? 
_reflns.Rmerge_F_all                                   ? 
_reflns.Rmerge_F_obs                                   ? 
_reflns.Friedel_coverage                               ? 
_reflns.number_gt                                      ? 
_reflns.threshold_expression                           ? 
_reflns.pdbx_redundancy                                11.3 
_reflns.pdbx_netI_over_av_sigmaI                       ? 
_reflns.pdbx_netI_over_sigmaI                          12.3 
_reflns.pdbx_res_netI_over_av_sigmaI_2                 ? 
_reflns.pdbx_res_netI_over_sigmaI_2                    ? 
_reflns.pdbx_chi_squared                               ? 
_reflns.pdbx_scaling_rejects                           ? 
_reflns.pdbx_d_res_high_opt                            ? 
_reflns.pdbx_d_res_low_opt                             ? 
_reflns.pdbx_d_res_opt_method                          ? 
_reflns.phase_calculation_details                      ? 
_reflns.pdbx_Rrim_I_all                                ? 
_reflns.pdbx_Rpim_I_all                                ? 
_reflns.pdbx_d_opt                                     ? 
_reflns.pdbx_number_measured_all                       ? 
_reflns.pdbx_diffrn_id                                 1 
_reflns.pdbx_ordinal                                   1 
_reflns.pdbx_CC_half                                   0.999 
_reflns.pdbx_CC_star                                   ? 
_reflns.pdbx_R_split                                   ? 
_reflns.pdbx_Rmerge_I_obs                              ? 
_reflns.pdbx_Rmerge_I_all                              ? 
_reflns.pdbx_Rsym_value                                ? 
_reflns.pdbx_CC_split_method                           ? 
_reflns.pdbx_aniso_diffraction_limit_axis_1_ortho[1]   ? 
_reflns.pdbx_aniso_diffraction_limit_axis_1_ortho[2]   ? 
_reflns.pdbx_aniso_diffraction_limit_axis_1_ortho[3]   ? 
_reflns.pdbx_aniso_diffraction_limit_axis_2_ortho[1]   ? 
_reflns.pdbx_aniso_diffraction_limit_axis_2_ortho[2]   ? 
_reflns.pdbx_aniso_diffraction_limit_axis_2_ortho[3]   ? 
_reflns.pdbx_aniso_diffraction_limit_axis_3_ortho[1]   ? 
_reflns.pdbx_aniso_diffraction_limit_axis_3_ortho[2]   ? 
_reflns.pdbx_aniso_diffraction_limit_axis_3_ortho[3]   ? 
_reflns.pdbx_aniso_diffraction_limit_1                 ? 
_reflns.pdbx_aniso_diffraction_limit_2                 ? 
_reflns.pdbx_aniso_diffraction_limit_3                 ? 
_reflns.pdbx_aniso_B_tensor_eigenvector_1_ortho[1]     ? 
_reflns.pdbx_aniso_B_tensor_eigenvector_1_ortho[2]     ? 
_reflns.pdbx_aniso_B_tensor_eigenvector_1_ortho[3]     ? 
_reflns.pdbx_aniso_B_tensor_eigenvector_2_ortho[1]     ? 
_reflns.pdbx_aniso_B_tensor_eigenvector_2_ortho[2]     ? 
_reflns.pdbx_aniso_B_tensor_eigenvector_2_ortho[3]     ? 
_reflns.pdbx_aniso_B_tensor_eigenvector_3_ortho[1]     ? 
_reflns.pdbx_aniso_B_tensor_eigenvector_3_ortho[2]     ? 
_reflns.pdbx_aniso_B_tensor_eigenvector_3_ortho[3]     ? 
_reflns.pdbx_aniso_B_tensor_eigenvalue_1               ? 
_reflns.pdbx_aniso_B_tensor_eigenvalue_2               ? 
_reflns.pdbx_aniso_B_tensor_eigenvalue_3               ? 
_reflns.pdbx_orthogonalization_convention              ? 
_reflns.pdbx_percent_possible_ellipsoidal              ? 
_reflns.pdbx_percent_possible_spherical                ? 
_reflns.pdbx_percent_possible_ellipsoidal_anomalous    ? 
_reflns.pdbx_percent_possible_spherical_anomalous      ? 
_reflns.pdbx_redundancy_anomalous                      ? 
_reflns.pdbx_CC_half_anomalous                         ? 
_reflns.pdbx_absDiff_over_sigma_anomalous              ? 
_reflns.pdbx_percent_possible_anomalous                ? 
_reflns.pdbx_observed_signal_threshold                 ? 
_reflns.pdbx_signal_type                               ? 
_reflns.pdbx_signal_details                            ? 
_reflns.pdbx_signal_software_id                        ? 
# 
loop_
_reflns_shell.d_res_high 
_reflns_shell.d_res_low 
_reflns_shell.meanI_over_sigI_all 
_reflns_shell.meanI_over_sigI_obs 
_reflns_shell.number_measured_all 
_reflns_shell.number_measured_obs 
_reflns_shell.number_possible 
_reflns_shell.number_unique_all 
_reflns_shell.number_unique_obs 
_reflns_shell.percent_possible_obs 
_reflns_shell.Rmerge_F_all 
_reflns_shell.Rmerge_F_obs 
_reflns_shell.meanI_over_sigI_gt 
_reflns_shell.meanI_over_uI_all 
_reflns_shell.meanI_over_uI_gt 
_reflns_shell.number_measured_gt 
_reflns_shell.number_unique_gt 
_reflns_shell.percent_possible_gt 
_reflns_shell.Rmerge_F_gt 
_reflns_shell.Rmerge_I_gt 
_reflns_shell.pdbx_redundancy 
_reflns_shell.pdbx_chi_squared 
_reflns_shell.pdbx_netI_over_sigmaI_all 
_reflns_shell.pdbx_netI_over_sigmaI_obs 
_reflns_shell.pdbx_Rrim_I_all 
_reflns_shell.pdbx_Rpim_I_all 
_reflns_shell.pdbx_rejects 
_reflns_shell.pdbx_ordinal 
_reflns_shell.pdbx_diffrn_id 
_reflns_shell.pdbx_CC_half 
_reflns_shell.pdbx_CC_star 
_reflns_shell.pdbx_R_split 
_reflns_shell.percent_possible_all 
_reflns_shell.Rmerge_I_all 
_reflns_shell.Rmerge_I_obs 
_reflns_shell.pdbx_Rsym_value 
_reflns_shell.pdbx_percent_possible_ellipsoidal 
_reflns_shell.pdbx_percent_possible_spherical 
_reflns_shell.pdbx_percent_possible_ellipsoidal_anomalous 
_reflns_shell.pdbx_percent_possible_spherical_anomalous 
_reflns_shell.pdbx_redundancy_anomalous 
_reflns_shell.pdbx_CC_half_anomalous 
_reflns_shell.pdbx_absDiff_over_sigma_anomalous 
_reflns_shell.pdbx_percent_possible_anomalous 
3.562 4.068  ? ? ? ? ? ? 195 ? ? ? ? ? ? ? ? ? ? ? 11.4 ? ? ? ? ? ? 1 1 0.579 ? ? ? ? ? ? ? ? ? ? ? ? ? ? 
9.801 20.084 ? ? ? ? ? ? 195 ? ? ? ? ? ? ? ? ? ? ? 11.0 ? ? ? ? ? ? 2 1 0.999 ? ? ? ? ? ? ? ? ? ? ? ? ? ? 
# 
_refine.aniso_B[1][1]                            ? 
_refine.aniso_B[1][2]                            ? 
_refine.aniso_B[1][3]                            ? 
_refine.aniso_B[2][2]                            ? 
_refine.aniso_B[2][3]                            ? 
_refine.aniso_B[3][3]                            ? 
_refine.B_iso_max                                ? 
_refine.B_iso_mean                               180.50 
_refine.B_iso_min                                ? 
_refine.correlation_coeff_Fo_to_Fc               ? 
_refine.correlation_coeff_Fo_to_Fc_free          ? 
_refine.details                                  ? 
_refine.diff_density_max                         ? 
_refine.diff_density_max_esd                     ? 
_refine.diff_density_min                         ? 
_refine.diff_density_min_esd                     ? 
_refine.diff_density_rms                         ? 
_refine.diff_density_rms_esd                     ? 
_refine.entry_id                                 8UY5 
_refine.pdbx_refine_id                           'X-RAY DIFFRACTION' 
_refine.ls_abs_structure_details                 ? 
_refine.ls_abs_structure_Flack                   ? 
_refine.ls_abs_structure_Flack_esd               ? 
_refine.ls_abs_structure_Rogers                  ? 
_refine.ls_abs_structure_Rogers_esd              ? 
_refine.ls_d_res_high                            3.562 
_refine.ls_d_res_low                             20.08 
_refine.ls_extinction_coef                       ? 
_refine.ls_extinction_coef_esd                   ? 
_refine.ls_extinction_expression                 ? 
_refine.ls_extinction_method                     ? 
_refine.ls_goodness_of_fit_all                   ? 
_refine.ls_goodness_of_fit_all_esd               ? 
_refine.ls_goodness_of_fit_obs                   ? 
_refine.ls_goodness_of_fit_obs_esd               ? 
_refine.ls_hydrogen_treatment                    ? 
_refine.ls_matrix_type                           ? 
_refine.ls_number_constraints                    ? 
_refine.ls_number_parameters                     ? 
_refine.ls_number_reflns_all                     ? 
_refine.ls_number_reflns_obs                     2893 
_refine.ls_number_reflns_R_free                  111 
_refine.ls_number_reflns_R_work                  2782 
_refine.ls_number_restraints                     ? 
_refine.ls_percent_reflns_obs                    60.94 
_refine.ls_percent_reflns_R_free                 3.84 
_refine.ls_R_factor_all                          ? 
_refine.ls_R_factor_obs                          0.1526 
_refine.ls_R_factor_R_free                       0.1723 
_refine.ls_R_factor_R_free_error                 ? 
_refine.ls_R_factor_R_free_error_details         ? 
_refine.ls_R_factor_R_work                       0.1520 
_refine.ls_R_Fsqd_factor_obs                     ? 
_refine.ls_R_I_factor_obs                        ? 
_refine.ls_redundancy_reflns_all                 ? 
_refine.ls_redundancy_reflns_obs                 ? 
_refine.ls_restrained_S_all                      ? 
_refine.ls_restrained_S_obs                      ? 
_refine.ls_shift_over_esd_max                    ? 
_refine.ls_shift_over_esd_mean                   ? 
_refine.ls_structure_factor_coef                 ? 
_refine.ls_weighting_details                     ? 
_refine.ls_weighting_scheme                      ? 
_refine.ls_wR_factor_all                         ? 
_refine.ls_wR_factor_obs                         ? 
_refine.ls_wR_factor_R_free                      ? 
_refine.ls_wR_factor_R_work                      ? 
_refine.occupancy_max                            ? 
_refine.occupancy_min                            ? 
_refine.solvent_model_details                    'FLAT BULK SOLVENT MODEL' 
_refine.solvent_model_param_bsol                 ? 
_refine.solvent_model_param_ksol                 ? 
_refine.pdbx_R_complete                          ? 
_refine.ls_R_factor_gt                           ? 
_refine.ls_goodness_of_fit_gt                    ? 
_refine.ls_goodness_of_fit_ref                   ? 
_refine.ls_shift_over_su_max                     ? 
_refine.ls_shift_over_su_max_lt                  ? 
_refine.ls_shift_over_su_mean                    ? 
_refine.ls_shift_over_su_mean_lt                 ? 
_refine.pdbx_ls_sigma_I                          ? 
_refine.pdbx_ls_sigma_F                          1.96 
_refine.pdbx_ls_sigma_Fsqd                       ? 
_refine.pdbx_data_cutoff_high_absF               ? 
_refine.pdbx_data_cutoff_high_rms_absF           ? 
_refine.pdbx_data_cutoff_low_absF                ? 
_refine.pdbx_isotropic_thermal_model             ? 
_refine.pdbx_ls_cross_valid_method               'FREE R-VALUE' 
_refine.pdbx_method_to_determine_struct          'MOLECULAR REPLACEMENT' 
_refine.pdbx_starting_model                      ? 
_refine.pdbx_stereochemistry_target_values       'GeoStd + Monomer Library + CDL v1.2' 
_refine.pdbx_R_Free_selection_details            ? 
_refine.pdbx_stereochem_target_val_spec_case     ? 
_refine.pdbx_overall_ESU_R                       ? 
_refine.pdbx_overall_ESU_R_Free                  ? 
_refine.pdbx_solvent_vdw_probe_radii             1.1000 
_refine.pdbx_solvent_ion_probe_radii             ? 
_refine.pdbx_solvent_shrinkage_radii             0.9000 
_refine.pdbx_real_space_R                        ? 
_refine.pdbx_density_correlation                 ? 
_refine.pdbx_pd_number_of_powder_patterns        ? 
_refine.pdbx_pd_number_of_points                 ? 
_refine.pdbx_pd_meas_number_of_points            ? 
_refine.pdbx_pd_proc_ls_prof_R_factor            ? 
_refine.pdbx_pd_proc_ls_prof_wR_factor           ? 
_refine.pdbx_pd_Marquardt_correlation_coeff      ? 
_refine.pdbx_pd_Fsqrd_R_factor                   ? 
_refine.pdbx_pd_ls_matrix_band_width             ? 
_refine.pdbx_overall_phase_error                 22.0974 
_refine.pdbx_overall_SU_R_free_Cruickshank_DPI   ? 
_refine.pdbx_overall_SU_R_free_Blow_DPI          ? 
_refine.pdbx_overall_SU_R_Blow_DPI               ? 
_refine.pdbx_TLS_residual_ADP_flag               ? 
_refine.pdbx_diffrn_id                           1 
_refine.overall_SU_B                             ? 
_refine.overall_SU_ML                            0.4585 
_refine.overall_SU_R_Cruickshank_DPI             ? 
_refine.overall_SU_R_free                        ? 
_refine.overall_FOM_free_R_set                   ? 
_refine.overall_FOM_work_R_set                   ? 
_refine.pdbx_average_fsc_overall                 ? 
_refine.pdbx_average_fsc_work                    ? 
_refine.pdbx_average_fsc_free                    ? 
# 
_refine_hist.pdbx_refine_id                   'X-RAY DIFFRACTION' 
_refine_hist.cycle_id                         LAST 
_refine_hist.details                          ? 
_refine_hist.d_res_high                       3.562 
_refine_hist.d_res_low                        20.08 
_refine_hist.number_atoms_solvent             0 
_refine_hist.number_atoms_total               861 
_refine_hist.number_reflns_all                ? 
_refine_hist.number_reflns_obs                ? 
_refine_hist.number_reflns_R_free             ? 
_refine_hist.number_reflns_R_work             ? 
_refine_hist.R_factor_all                     ? 
_refine_hist.R_factor_obs                     ? 
_refine_hist.R_factor_R_free                  ? 
_refine_hist.R_factor_R_work                  ? 
_refine_hist.pdbx_number_residues_total       ? 
_refine_hist.pdbx_B_iso_mean_ligand           ? 
_refine_hist.pdbx_B_iso_mean_solvent          ? 
_refine_hist.pdbx_number_atoms_protein        0 
_refine_hist.pdbx_number_atoms_nucleic_acid   861 
_refine_hist.pdbx_number_atoms_ligand         0 
_refine_hist.pdbx_number_atoms_lipid          ? 
_refine_hist.pdbx_number_atoms_carb           ? 
_refine_hist.pdbx_pseudo_atom_details         ? 
# 
loop_
_refine_ls_restr.pdbx_refine_id 
_refine_ls_restr.criterion 
_refine_ls_restr.dev_ideal 
_refine_ls_restr.dev_ideal_target 
_refine_ls_restr.number 
_refine_ls_restr.rejects 
_refine_ls_restr.type 
_refine_ls_restr.weight 
_refine_ls_restr.pdbx_restraint_function 
'X-RAY DIFFRACTION' ? 0.0078  ? 962  ? f_bond_d           ? ? 
'X-RAY DIFFRACTION' ? 1.0600  ? 1476 ? f_angle_d          ? ? 
'X-RAY DIFFRACTION' ? 0.0477  ? 165  ? f_chiral_restr     ? ? 
'X-RAY DIFFRACTION' ? 0.0046  ? 43   ? f_plane_restr      ? ? 
'X-RAY DIFFRACTION' ? 39.8005 ? 399  ? f_dihedral_angle_d ? ? 
# 
_refine_ls_shell.pdbx_refine_id                   'X-RAY DIFFRACTION' 
_refine_ls_shell.d_res_high                       3.562 
_refine_ls_shell.d_res_low                        20.08 
_refine_ls_shell.number_reflns_all                ? 
_refine_ls_shell.number_reflns_obs                ? 
_refine_ls_shell.number_reflns_R_free             111 
_refine_ls_shell.number_reflns_R_work             2782 
_refine_ls_shell.percent_reflns_obs               60.94 
_refine_ls_shell.percent_reflns_R_free            ? 
_refine_ls_shell.R_factor_all                     ? 
_refine_ls_shell.R_factor_obs                     ? 
_refine_ls_shell.R_factor_R_free_error            ? 
_refine_ls_shell.R_factor_R_work                  0.1520 
_refine_ls_shell.redundancy_reflns_all            ? 
_refine_ls_shell.redundancy_reflns_obs            ? 
_refine_ls_shell.wR_factor_all                    ? 
_refine_ls_shell.wR_factor_obs                    ? 
_refine_ls_shell.wR_factor_R_free                 ? 
_refine_ls_shell.wR_factor_R_work                 ? 
_refine_ls_shell.pdbx_R_complete                  ? 
_refine_ls_shell.pdbx_total_number_of_bins_used   ? 
_refine_ls_shell.pdbx_phase_error                 ? 
_refine_ls_shell.pdbx_fsc_work                    ? 
_refine_ls_shell.pdbx_fsc_free                    ? 
_refine_ls_shell.R_factor_R_free                  0.1723 
# 
_struct.entry_id                     8UY5 
_struct.title                        
'[ZP] Self-assembling DNA crystal with expanded genetic code using C,A,T,G, Z and P nucleotides' 
_struct.pdbx_model_details           ? 
_struct.pdbx_formula_weight          ? 
_struct.pdbx_formula_weight_method   ? 
_struct.pdbx_model_type_details      ? 
_struct.pdbx_CASP_flag               N 
# 
_struct_keywords.entry_id        8UY5 
_struct_keywords.text            'Tensegrity triangle, DNA nanotechnology, synthetic biology, AEGIS, DNA, ZP' 
_struct_keywords.pdbx_keywords   DNA 
# 
loop_
_struct_asym.id 
_struct_asym.pdbx_blank_PDB_chainid_flag 
_struct_asym.pdbx_modified 
_struct_asym.entity_id 
_struct_asym.details 
A N N 1 ? 
B N N 2 ? 
C N N 3 ? 
D N N 4 ? 
# 
loop_
_struct_ref.id 
_struct_ref.db_name 
_struct_ref.db_code 
_struct_ref.pdbx_db_accession 
_struct_ref.pdbx_db_isoform 
_struct_ref.entity_id 
_struct_ref.pdbx_seq_one_letter_code 
_struct_ref.pdbx_align_begin 
1 PDB 8UY5 8UY5 ? 1 ? 1 
2 PDB 8UY5 8UY5 ? 2 ? 1 
3 PDB 8UY5 8UY5 ? 3 ? 1 
4 PDB 8UY5 8UY5 ? 4 ? 1 
# 
loop_
_struct_ref_seq.align_id 
_struct_ref_seq.ref_id 
_struct_ref_seq.pdbx_PDB_id_code 
_struct_ref_seq.pdbx_strand_id 
_struct_ref_seq.seq_align_beg 
_struct_ref_seq.pdbx_seq_align_beg_ins_code 
_struct_ref_seq.seq_align_end 
_struct_ref_seq.pdbx_seq_align_end_ins_code 
_struct_ref_seq.pdbx_db_accession 
_struct_ref_seq.db_align_beg 
_struct_ref_seq.pdbx_db_align_beg_ins_code 
_struct_ref_seq.db_align_end 
_struct_ref_seq.pdbx_db_align_end_ins_code 
_struct_ref_seq.pdbx_auth_seq_align_beg 
_struct_ref_seq.pdbx_auth_seq_align_end 
1 1 8UY5 A 1 ? 21 ? 8UY5 1 ? 21 ? 1 21 
2 2 8UY5 B 1 ? 7  ? 8UY5 1 ? 7  ? 1 7  
3 3 8UY5 C 1 ? 7  ? 8UY5 8 ? 14 ? 8 14 
4 4 8UY5 D 1 ? 7  ? 8UY5 1 ? 7  ? 1 7  
# 
_pdbx_struct_assembly.id                   1 
_pdbx_struct_assembly.details              author_defined_assembly 
_pdbx_struct_assembly.method_details       ? 
_pdbx_struct_assembly.oligomeric_details   dodecameric 
_pdbx_struct_assembly.oligomeric_count     12 
# 
loop_
_pdbx_struct_assembly_gen.assembly_id 
_pdbx_struct_assembly_gen.oper_expression 
_pdbx_struct_assembly_gen.asym_id_list 
1 1 A,B,C,D 
1 2 A,B,C,D 
1 3 A,B,C,D 
# 
loop_
_pdbx_struct_oper_list.id 
_pdbx_struct_oper_list.type 
_pdbx_struct_oper_list.name 
_pdbx_struct_oper_list.symmetry_operation 
_pdbx_struct_oper_list.matrix[1][1] 
_pdbx_struct_oper_list.matrix[1][2] 
_pdbx_struct_oper_list.matrix[1][3] 
_pdbx_struct_oper_list.vector[1] 
_pdbx_struct_oper_list.matrix[2][1] 
_pdbx_struct_oper_list.matrix[2][2] 
_pdbx_struct_oper_list.matrix[2][3] 
_pdbx_struct_oper_list.vector[2] 
_pdbx_struct_oper_list.matrix[3][1] 
_pdbx_struct_oper_list.matrix[3][2] 
_pdbx_struct_oper_list.matrix[3][3] 
_pdbx_struct_oper_list.vector[3] 
1 'identity operation'         1_555 x,y,z     1.0000000000 0.0000000000 0.0000000000  0.0000000000  0.0000000000 1.0000000000  0.0000000000  0.0000000000  0.0000000000  0.0000000000  1.0000000000  0.0000000000  
2 'crystal symmetry operation' 2_555 -y,x-y,z  0.7819934978 0.5125083919 0.3547130074  -9.1282949768 0.5436388072 -0.2824780492 -0.7903562482 22.5608988760 -0.3048655714 0.8108892033  -0.4995154486 -8.4818915511 
3 'crystal symmetry operation' 3_555 -x+y,-x,z 0.7819934978 0.5436388072 -0.3048655714 -7.7125495518 0.5125083919 -0.2824780492 0.8108892033  17.9291607636 0.3547130074  -0.7903562482 -0.4995154486 16.8322364909 
# 
loop_
_struct_conn.id 
_struct_conn.conn_type_id 
_struct_conn.pdbx_leaving_atom_flag 
_struct_conn.pdbx_PDB_id 
_struct_conn.ptnr1_label_asym_id 
_struct_conn.ptnr1_label_comp_id 
_struct_conn.ptnr1_label_seq_id 
_struct_conn.ptnr1_label_atom_id 
_struct_conn.pdbx_ptnr1_label_alt_id 
_struct_conn.pdbx_ptnr1_PDB_ins_code 
_struct_conn.pdbx_ptnr1_standard_comp_id 
_struct_conn.ptnr1_symmetry 
_struct_conn.ptnr2_label_asym_id 
_struct_conn.ptnr2_label_comp_id 
_struct_conn.ptnr2_label_seq_id 
_struct_conn.ptnr2_label_atom_id 
_struct_conn.pdbx_ptnr2_label_alt_id 
_struct_conn.pdbx_ptnr2_PDB_ins_code 
_struct_conn.ptnr1_auth_asym_id 
_struct_conn.ptnr1_auth_comp_id 
_struct_conn.ptnr1_auth_seq_id 
_struct_conn.ptnr2_auth_asym_id 
_struct_conn.ptnr2_auth_comp_id 
_struct_conn.ptnr2_auth_seq_id 
_struct_conn.ptnr2_symmetry 
_struct_conn.pdbx_ptnr3_label_atom_id 
_struct_conn.pdbx_ptnr3_label_seq_id 
_struct_conn.pdbx_ptnr3_label_comp_id 
_struct_conn.pdbx_ptnr3_label_asym_id 
_struct_conn.pdbx_ptnr3_label_alt_id 
_struct_conn.pdbx_ptnr3_PDB_ins_code 
_struct_conn.details 
_struct_conn.pdbx_dist_value 
_struct_conn.pdbx_value_order 
_struct_conn.pdbx_role 
covale1  covale both ? A DT 9  "O3'" ? ? ? 1_555 A DP 10 P  ? ? A DT 9  A DP 10 1_555 ? ? ? ? ? ? ?            1.603 ? ? 
covale2  covale one  ? A DP 10 "O3'" ? ? ? 1_555 A DT 11 P  ? ? A DP 10 A DT 11 1_555 ? ? ? ? ? ? ?            1.604 ? ? 
covale3  covale both ? B DA 5  "O3'" ? ? ? 1_555 B DZ 6  P  ? ? B DA 5  B DZ 6  1_555 ? ? ? ? ? ? ?            1.605 ? ? 
covale4  covale one  ? B DZ 6  "O3'" ? ? ? 1_555 B DA 7  P  ? ? B DZ 6  B DA 7  1_555 ? ? ? ? ? ? ?            1.609 ? ? 
hydrog1  hydrog ?    ? A DA 2  N1    ? ? ? 1_555 C DT 7  N3 ? ? A DA 2  C DT 14 1_555 ? ? ? ? ? ? WATSON-CRICK ?     ? ? 
hydrog2  hydrog ?    ? A DA 2  N6    ? ? ? 1_555 C DT 7  O4 ? ? A DA 2  C DT 14 1_555 ? ? ? ? ? ? WATSON-CRICK ?     ? ? 
hydrog3  hydrog ?    ? A DG 3  N1    ? ? ? 1_555 C DC 6  N3 ? ? A DG 3  C DC 13 1_555 ? ? ? ? ? ? WATSON-CRICK ?     ? ? 
hydrog4  hydrog ?    ? A DG 3  N2    ? ? ? 1_555 C DC 6  O2 ? ? A DG 3  C DC 13 1_555 ? ? ? ? ? ? WATSON-CRICK ?     ? ? 
hydrog5  hydrog ?    ? A DG 3  O6    ? ? ? 1_555 C DC 6  N4 ? ? A DG 3  C DC 13 1_555 ? ? ? ? ? ? WATSON-CRICK ?     ? ? 
hydrog6  hydrog ?    ? A DC 4  N3    ? ? ? 1_555 C DG 5  N1 ? ? A DC 4  C DG 12 1_555 ? ? ? ? ? ? WATSON-CRICK ?     ? ? 
hydrog7  hydrog ?    ? A DC 4  N4    ? ? ? 1_555 C DG 5  O6 ? ? A DC 4  C DG 12 1_555 ? ? ? ? ? ? WATSON-CRICK ?     ? ? 
hydrog8  hydrog ?    ? A DC 4  O2    ? ? ? 1_555 C DG 5  N2 ? ? A DC 4  C DG 12 1_555 ? ? ? ? ? ? WATSON-CRICK ?     ? ? 
hydrog9  hydrog ?    ? A DA 5  N1    ? ? ? 1_555 C DT 4  N3 ? ? A DA 5  C DT 11 1_555 ? ? ? ? ? ? WATSON-CRICK ?     ? ? 
hydrog10 hydrog ?    ? A DA 5  N6    ? ? ? 1_555 C DT 4  O4 ? ? A DA 5  C DT 11 1_555 ? ? ? ? ? ? WATSON-CRICK ?     ? ? 
hydrog11 hydrog ?    ? A DG 6  N1    ? ? ? 1_555 C DC 3  N3 ? ? A DG 6  C DC 10 1_555 ? ? ? ? ? ? WATSON-CRICK ?     ? ? 
hydrog12 hydrog ?    ? A DG 6  N2    ? ? ? 1_555 C DC 3  O2 ? ? A DG 6  C DC 10 1_555 ? ? ? ? ? ? WATSON-CRICK ?     ? ? 
hydrog13 hydrog ?    ? A DG 6  O6    ? ? ? 1_555 C DC 3  N4 ? ? A DG 6  C DC 10 1_555 ? ? ? ? ? ? WATSON-CRICK ?     ? ? 
hydrog14 hydrog ?    ? A DC 7  N3    ? ? ? 1_555 C DG 2  N1 ? ? A DC 7  C DG 9  1_555 ? ? ? ? ? ? WATSON-CRICK ?     ? ? 
hydrog15 hydrog ?    ? A DC 7  N4    ? ? ? 1_555 C DG 2  O6 ? ? A DC 7  C DG 9  1_555 ? ? ? ? ? ? WATSON-CRICK ?     ? ? 
hydrog16 hydrog ?    ? A DC 7  O2    ? ? ? 1_555 C DG 2  N2 ? ? A DC 7  C DG 9  1_555 ? ? ? ? ? ? WATSON-CRICK ?     ? ? 
hydrog17 hydrog ?    ? A DC 8  N3    ? ? ? 1_555 C DG 1  N1 ? ? A DC 8  C DG 8  1_555 ? ? ? ? ? ? WATSON-CRICK ?     ? ? 
hydrog18 hydrog ?    ? A DC 8  N4    ? ? ? 1_555 C DG 1  O6 ? ? A DC 8  C DG 8  1_555 ? ? ? ? ? ? WATSON-CRICK ?     ? ? 
hydrog19 hydrog ?    ? A DC 8  O2    ? ? ? 1_555 C DG 1  N2 ? ? A DC 8  C DG 8  1_555 ? ? ? ? ? ? WATSON-CRICK ?     ? ? 
hydrog20 hydrog ?    ? A DT 9  N3    ? ? ? 1_555 B DA 7  N1 ? ? A DT 9  B DA 7  1_555 ? ? ? ? ? ? WATSON-CRICK ?     ? ? 
hydrog21 hydrog ?    ? A DT 9  O4    ? ? ? 1_555 B DA 7  N6 ? ? A DT 9  B DA 7  1_555 ? ? ? ? ? ? WATSON-CRICK ?     ? ? 
hydrog22 hydrog ?    ? A DT 11 N3    ? ? ? 1_555 B DA 5  N1 ? ? A DT 11 B DA 5  1_555 ? ? ? ? ? ? WATSON-CRICK ?     ? ? 
hydrog23 hydrog ?    ? A DT 11 O4    ? ? ? 1_555 B DA 5  N6 ? ? A DT 11 B DA 5  1_555 ? ? ? ? ? ? WATSON-CRICK ?     ? ? 
hydrog24 hydrog ?    ? A DA 12 N1    ? ? ? 1_555 B DT 4  N3 ? ? A DA 12 B DT 4  1_555 ? ? ? ? ? ? WATSON-CRICK ?     ? ? 
hydrog25 hydrog ?    ? A DA 12 N6    ? ? ? 1_555 B DT 4  O4 ? ? A DA 12 B DT 4  1_555 ? ? ? ? ? ? WATSON-CRICK ?     ? ? 
hydrog26 hydrog ?    ? A DC 13 N3    ? ? ? 1_555 B DG 3  N1 ? ? A DC 13 B DG 3  1_555 ? ? ? ? ? ? WATSON-CRICK ?     ? ? 
hydrog27 hydrog ?    ? A DC 13 N4    ? ? ? 1_555 B DG 3  O6 ? ? A DC 13 B DG 3  1_555 ? ? ? ? ? ? WATSON-CRICK ?     ? ? 
hydrog28 hydrog ?    ? A DC 13 O2    ? ? ? 1_555 B DG 3  N2 ? ? A DC 13 B DG 3  1_555 ? ? ? ? ? ? WATSON-CRICK ?     ? ? 
hydrog29 hydrog ?    ? A DG 14 N1    ? ? ? 1_555 B DC 2  N3 ? ? A DG 14 B DC 2  1_555 ? ? ? ? ? ? WATSON-CRICK ?     ? ? 
hydrog30 hydrog ?    ? A DG 14 N2    ? ? ? 1_555 B DC 2  O2 ? ? A DG 14 B DC 2  1_555 ? ? ? ? ? ? WATSON-CRICK ?     ? ? 
hydrog31 hydrog ?    ? A DG 14 O6    ? ? ? 1_555 B DC 2  N4 ? ? A DG 14 B DC 2  1_555 ? ? ? ? ? ? WATSON-CRICK ?     ? ? 
hydrog32 hydrog ?    ? A DG 15 N1    ? ? ? 1_555 B DC 1  N3 ? ? A DG 15 B DC 1  1_555 ? ? ? ? ? ? WATSON-CRICK ?     ? ? 
hydrog33 hydrog ?    ? A DG 15 N2    ? ? ? 1_555 B DC 1  O2 ? ? A DG 15 B DC 1  1_555 ? ? ? ? ? ? WATSON-CRICK ?     ? ? 
hydrog34 hydrog ?    ? A DG 15 O6    ? ? ? 1_555 B DC 1  N4 ? ? A DG 15 B DC 1  1_555 ? ? ? ? ? ? WATSON-CRICK ?     ? ? 
hydrog35 hydrog ?    ? A DA 16 N1    ? ? ? 1_555 D DT 7  N3 ? ? A DA 16 D DT 7  1_555 ? ? ? ? ? ? WATSON-CRICK ?     ? ? 
hydrog36 hydrog ?    ? A DA 16 N6    ? ? ? 1_555 D DT 7  O4 ? ? A DA 16 D DT 7  1_555 ? ? ? ? ? ? WATSON-CRICK ?     ? ? 
hydrog37 hydrog ?    ? A DC 17 N3    ? ? ? 1_555 D DG 6  N1 ? ? A DC 17 D DG 6  1_555 ? ? ? ? ? ? WATSON-CRICK ?     ? ? 
hydrog38 hydrog ?    ? A DC 17 N4    ? ? ? 1_555 D DG 6  O6 ? ? A DC 17 D DG 6  1_555 ? ? ? ? ? ? WATSON-CRICK ?     ? ? 
hydrog39 hydrog ?    ? A DC 17 O2    ? ? ? 1_555 D DG 6  N2 ? ? A DC 17 D DG 6  1_555 ? ? ? ? ? ? WATSON-CRICK ?     ? ? 
hydrog40 hydrog ?    ? A DA 18 N1    ? ? ? 1_555 D DT 5  N3 ? ? A DA 18 D DT 5  1_555 ? ? ? ? ? ? WATSON-CRICK ?     ? ? 
hydrog41 hydrog ?    ? A DA 18 N6    ? ? ? 1_555 D DT 5  O4 ? ? A DA 18 D DT 5  1_555 ? ? ? ? ? ? WATSON-CRICK ?     ? ? 
hydrog42 hydrog ?    ? A DT 19 N3    ? ? ? 1_555 D DA 4  N1 ? ? A DT 19 D DA 4  1_555 ? ? ? ? ? ? WATSON-CRICK ?     ? ? 
hydrog43 hydrog ?    ? A DT 19 O4    ? ? ? 1_555 D DA 4  N6 ? ? A DT 19 D DA 4  1_555 ? ? ? ? ? ? WATSON-CRICK ?     ? ? 
hydrog44 hydrog ?    ? A DC 20 N3    ? ? ? 1_555 D DG 3  N1 ? ? A DC 20 D DG 3  1_555 ? ? ? ? ? ? WATSON-CRICK ?     ? ? 
hydrog45 hydrog ?    ? A DC 20 N4    ? ? ? 1_555 D DG 3  O6 ? ? A DC 20 D DG 3  1_555 ? ? ? ? ? ? WATSON-CRICK ?     ? ? 
hydrog46 hydrog ?    ? A DC 20 O2    ? ? ? 1_555 D DG 3  N2 ? ? A DC 20 D DG 3  1_555 ? ? ? ? ? ? WATSON-CRICK ?     ? ? 
hydrog47 hydrog ?    ? A DA 21 N1    ? ? ? 1_555 D DT 2  N3 ? ? A DA 21 D DT 2  1_555 ? ? ? ? ? ? WATSON-CRICK ?     ? ? 
hydrog48 hydrog ?    ? A DA 21 N6    ? ? ? 1_555 D DT 2  O4 ? ? A DA 21 D DT 2  1_555 ? ? ? ? ? ? WATSON-CRICK ?     ? ? 
# 
loop_
_struct_conn_type.id 
_struct_conn_type.criteria 
_struct_conn_type.reference 
covale ? ? 
hydrog ? ? 
# 
_pdbx_entry_details.entry_id                   8UY5 
_pdbx_entry_details.has_ligand_of_interest     Y 
_pdbx_entry_details.compound_details           ? 
_pdbx_entry_details.source_details             ? 
_pdbx_entry_details.nonpolymer_details         ? 
_pdbx_entry_details.sequence_details           ? 
_pdbx_entry_details.has_protein_modification   N 
# 
loop_
_pdbx_validate_symm_contact.id 
_pdbx_validate_symm_contact.PDB_model_num 
_pdbx_validate_symm_contact.auth_atom_id_1 
_pdbx_validate_symm_contact.auth_asym_id_1 
_pdbx_validate_symm_contact.auth_comp_id_1 
_pdbx_validate_symm_contact.auth_seq_id_1 
_pdbx_validate_symm_contact.PDB_ins_code_1 
_pdbx_validate_symm_contact.label_alt_id_1 
_pdbx_validate_symm_contact.site_symmetry_1 
_pdbx_validate_symm_contact.auth_atom_id_2 
_pdbx_validate_symm_contact.auth_asym_id_2 
_pdbx_validate_symm_contact.auth_comp_id_2 
_pdbx_validate_symm_contact.auth_seq_id_2 
_pdbx_validate_symm_contact.PDB_ins_code_2 
_pdbx_validate_symm_contact.label_alt_id_2 
_pdbx_validate_symm_contact.site_symmetry_2 
_pdbx_validate_symm_contact.dist 
1 1 OP1   B DC 1 ? ? 1_555 "O3'" B DA 7 ? ? 2_555 1.36 
2 1 P     B DC 1 ? ? 1_555 "O3'" B DA 7 ? ? 2_555 1.60 
3 1 P     C DG 8 ? ? 1_555 "O3'" D DT 7 ? ? 3_555 1.61 
4 1 "O5'" C DG 8 ? ? 1_555 "O3'" D DT 7 ? ? 3_555 2.05 
5 1 "O5'" B DC 1 ? ? 1_555 "O3'" B DA 7 ? ? 2_555 2.05 
6 1 O6    A DG 1 ? ? 1_555 N4    D DC 1 ? ? 7_554 2.19 
# 
loop_
_pdbx_validate_rmsd_angle.id 
_pdbx_validate_rmsd_angle.PDB_model_num 
_pdbx_validate_rmsd_angle.auth_atom_id_1 
_pdbx_validate_rmsd_angle.auth_asym_id_1 
_pdbx_validate_rmsd_angle.auth_comp_id_1 
_pdbx_validate_rmsd_angle.auth_seq_id_1 
_pdbx_validate_rmsd_angle.PDB_ins_code_1 
_pdbx_validate_rmsd_angle.label_alt_id_1 
_pdbx_validate_rmsd_angle.auth_atom_id_2 
_pdbx_validate_rmsd_angle.auth_asym_id_2 
_pdbx_validate_rmsd_angle.auth_comp_id_2 
_pdbx_validate_rmsd_angle.auth_seq_id_2 
_pdbx_validate_rmsd_angle.PDB_ins_code_2 
_pdbx_validate_rmsd_angle.label_alt_id_2 
_pdbx_validate_rmsd_angle.auth_atom_id_3 
_pdbx_validate_rmsd_angle.auth_asym_id_3 
_pdbx_validate_rmsd_angle.auth_comp_id_3 
_pdbx_validate_rmsd_angle.auth_seq_id_3 
_pdbx_validate_rmsd_angle.PDB_ins_code_3 
_pdbx_validate_rmsd_angle.label_alt_id_3 
_pdbx_validate_rmsd_angle.angle_value 
_pdbx_validate_rmsd_angle.angle_target_value 
_pdbx_validate_rmsd_angle.angle_deviation 
_pdbx_validate_rmsd_angle.angle_standard_deviation 
_pdbx_validate_rmsd_angle.linker_flag 
1 1 "O4'" A DA 2  ? ? "C1'" A DA 2  ? ? N9    A DA 2  ? ? 110.81 108.30 2.51  0.30 N 
2 1 "O4'" A DG 3  ? ? "C1'" A DG 3  ? ? N9    A DG 3  ? ? 110.74 108.30 2.44  0.30 N 
3 1 "O4'" A DC 7  ? ? "C1'" A DC 7  ? ? N1    A DC 7  ? ? 110.12 108.30 1.82  0.30 N 
4 1 "O4'" A DC 17 ? ? "C1'" A DC 17 ? ? N1    A DC 17 ? ? 110.17 108.30 1.87  0.30 N 
5 1 "O4'" C DG 9  ? ? "C1'" C DG 9  ? ? N9    C DG 9  ? ? 110.77 108.30 2.47  0.30 N 
6 1 "C3'" D DA 4  ? ? "C2'" D DA 4  ? ? "C1'" D DA 4  ? ? 97.38  102.40 -5.02 0.80 N 
# 
loop_
_space_group_symop.id 
_space_group_symop.operation_xyz 
1 x,y,z                 
2 -y,x-y,z              
3 -x+y,-x,z             
4 x+1/3,y+2/3,z+2/3     
5 -y+1/3,x-y+2/3,z+2/3  
6 -x+y+1/3,-x+2/3,z+2/3 
7 x+2/3,y+1/3,z+1/3     
8 -y+2/3,x-y+1/3,z+1/3  
9 -x+y+2/3,-x+1/3,z+1/3 
# 
loop_
_chem_comp_atom.comp_id 
_chem_comp_atom.atom_id 
_chem_comp_atom.type_symbol 
_chem_comp_atom.pdbx_aromatic_flag 
_chem_comp_atom.pdbx_stereo_config 
_chem_comp_atom.pdbx_ordinal 
DA OP3    O N N 1   
DA P      P N N 2   
DA OP1    O N N 3   
DA OP2    O N N 4   
DA "O5'"  O N N 5   
DA "C5'"  C N N 6   
DA "C4'"  C N R 7   
DA "O4'"  O N N 8   
DA "C3'"  C N S 9   
DA "O3'"  O N N 10  
DA "C2'"  C N N 11  
DA "C1'"  C N R 12  
DA N9     N Y N 13  
DA C8     C Y N 14  
DA N7     N Y N 15  
DA C5     C Y N 16  
DA C6     C Y N 17  
DA N6     N N N 18  
DA N1     N Y N 19  
DA C2     C Y N 20  
DA N3     N Y N 21  
DA C4     C Y N 22  
DA HOP3   H N N 23  
DA HOP2   H N N 24  
DA "H5'"  H N N 25  
DA "H5''" H N N 26  
DA "H4'"  H N N 27  
DA "H3'"  H N N 28  
DA "HO3'" H N N 29  
DA "H2'"  H N N 30  
DA "H2''" H N N 31  
DA "H1'"  H N N 32  
DA H8     H N N 33  
DA H61    H N N 34  
DA H62    H N N 35  
DA H2     H N N 36  
DC OP3    O N N 37  
DC P      P N N 38  
DC OP1    O N N 39  
DC OP2    O N N 40  
DC "O5'"  O N N 41  
DC "C5'"  C N N 42  
DC "C4'"  C N R 43  
DC "O4'"  O N N 44  
DC "C3'"  C N S 45  
DC "O3'"  O N N 46  
DC "C2'"  C N N 47  
DC "C1'"  C N R 48  
DC N1     N N N 49  
DC C2     C N N 50  
DC O2     O N N 51  
DC N3     N N N 52  
DC C4     C N N 53  
DC N4     N N N 54  
DC C5     C N N 55  
DC C6     C N N 56  
DC HOP3   H N N 57  
DC HOP2   H N N 58  
DC "H5'"  H N N 59  
DC "H5''" H N N 60  
DC "H4'"  H N N 61  
DC "H3'"  H N N 62  
DC "HO3'" H N N 63  
DC "H2'"  H N N 64  
DC "H2''" H N N 65  
DC "H1'"  H N N 66  
DC H41    H N N 67  
DC H42    H N N 68  
DC H5     H N N 69  
DC H6     H N N 70  
DG OP3    O N N 71  
DG P      P N N 72  
DG OP1    O N N 73  
DG OP2    O N N 74  
DG "O5'"  O N N 75  
DG "C5'"  C N N 76  
DG "C4'"  C N R 77  
DG "O4'"  O N N 78  
DG "C3'"  C N S 79  
DG "O3'"  O N N 80  
DG "C2'"  C N N 81  
DG "C1'"  C N R 82  
DG N9     N Y N 83  
DG C8     C Y N 84  
DG N7     N Y N 85  
DG C5     C Y N 86  
DG C6     C N N 87  
DG O6     O N N 88  
DG N1     N N N 89  
DG C2     C N N 90  
DG N2     N N N 91  
DG N3     N N N 92  
DG C4     C Y N 93  
DG HOP3   H N N 94  
DG HOP2   H N N 95  
DG "H5'"  H N N 96  
DG "H5''" H N N 97  
DG "H4'"  H N N 98  
DG "H3'"  H N N 99  
DG "HO3'" H N N 100 
DG "H2'"  H N N 101 
DG "H2''" H N N 102 
DG "H1'"  H N N 103 
DG H8     H N N 104 
DG H1     H N N 105 
DG H21    H N N 106 
DG H22    H N N 107 
DP P      P N N 108 
DP OP1    O N N 109 
DP OP2    O N N 110 
DP "O5'"  O N N 111 
DP "C5'"  C N N 112 
DP "C4'"  C N R 113 
DP "O4'"  O N N 114 
DP "C1'"  C N R 115 
DP N9     N N N 116 
DP C8     C N N 117 
DP C7     C N N 118 
DP N5     N N N 119 
DP C6     C N N 120 
DP N1     N N N 121 
DP C2     C N N 122 
DP N3     N N N 123 
DP C4     C N N 124 
DP N2     N N N 125 
DP O6     O N N 126 
DP "C2'"  C N N 127 
DP "C3'"  C N S 128 
DP "O3'"  O N N 129 
DP OP3    O N N 130 
DP H1     H N N 131 
DP "H5''" H N N 132 
DP "H5'"  H N N 133 
DP "H4'"  H N N 134 
DP "H1'"  H N N 135 
DP H8     H N N 136 
DP H7     H N N 137 
DP H22    H N N 138 
DP H21    H N N 139 
DP "H2''" H N N 140 
DP "H2'"  H N N 141 
DP "H3'"  H N N 142 
DP H3     H N N 143 
DP H4     H N N 144 
DT OP3    O N N 145 
DT P      P N N 146 
DT OP1    O N N 147 
DT OP2    O N N 148 
DT "O5'"  O N N 149 
DT "C5'"  C N N 150 
DT "C4'"  C N R 151 
DT "O4'"  O N N 152 
DT "C3'"  C N S 153 
DT "O3'"  O N N 154 
DT "C2'"  C N N 155 
DT "C1'"  C N R 156 
DT N1     N N N 157 
DT C2     C N N 158 
DT O2     O N N 159 
DT N3     N N N 160 
DT C4     C N N 161 
DT O4     O N N 162 
DT C5     C N N 163 
DT C7     C N N 164 
DT C6     C N N 165 
DT HOP3   H N N 166 
DT HOP2   H N N 167 
DT "H5'"  H N N 168 
DT "H5''" H N N 169 
DT "H4'"  H N N 170 
DT "H3'"  H N N 171 
DT "HO3'" H N N 172 
DT "H2'"  H N N 173 
DT "H2''" H N N 174 
DT "H1'"  H N N 175 
DT H3     H N N 176 
DT H71    H N N 177 
DT H72    H N N 178 
DT H73    H N N 179 
DT H6     H N N 180 
DZ P      P N N 181 
DZ OP1    O N N 182 
DZ OP2    O N N 183 
DZ "O5'"  O N N 184 
DZ "C5'"  C N N 185 
DZ "C4'"  C N R 186 
DZ "O4'"  O N N 187 
DZ "C1'"  C N R 188 
DZ C1     C N N 189 
DZ C2     C N N 190 
DZ O2     O N N 191 
DZ N3     N N N 192 
DZ C4     C N N 193 
DZ C5     C N N 194 
DZ C6     C N N 195 
DZ N      N N N 196 
DZ ON1    O N N 197 
DZ ON2    O N N 198 
DZ N4     N N N 199 
DZ "C2'"  C N N 200 
DZ "C3'"  C N S 201 
DZ "O3'"  O N N 202 
DZ OP3    O N N 203 
DZ H1     H N N 204 
DZ "H5''" H N N 205 
DZ "H5'"  H N N 206 
DZ "H4'"  H N N 207 
DZ "H1'"  H N N 208 
DZ H3     H N N 209 
DZ H6     H N N 210 
DZ H42    H N N 211 
DZ H41    H N N 212 
DZ "H2''" H N N 213 
DZ "H2'"  H N N 214 
DZ "H3'"  H N N 215 
DZ H2     H N N 216 
DZ H4     H N N 217 
# 
loop_
_chem_comp_bond.comp_id 
_chem_comp_bond.atom_id_1 
_chem_comp_bond.atom_id_2 
_chem_comp_bond.value_order 
_chem_comp_bond.pdbx_aromatic_flag 
_chem_comp_bond.pdbx_stereo_config 
_chem_comp_bond.pdbx_ordinal 
DA OP3   P      sing N N 1   
DA OP3   HOP3   sing N N 2   
DA P     OP1    doub N N 3   
DA P     OP2    sing N N 4   
DA P     "O5'"  sing N N 5   
DA OP2   HOP2   sing N N 6   
DA "O5'" "C5'"  sing N N 7   
DA "C5'" "C4'"  sing N N 8   
DA "C5'" "H5'"  sing N N 9   
DA "C5'" "H5''" sing N N 10  
DA "C4'" "O4'"  sing N N 11  
DA "C4'" "C3'"  sing N N 12  
DA "C4'" "H4'"  sing N N 13  
DA "O4'" "C1'"  sing N N 14  
DA "C3'" "O3'"  sing N N 15  
DA "C3'" "C2'"  sing N N 16  
DA "C3'" "H3'"  sing N N 17  
DA "O3'" "HO3'" sing N N 18  
DA "C2'" "C1'"  sing N N 19  
DA "C2'" "H2'"  sing N N 20  
DA "C2'" "H2''" sing N N 21  
DA "C1'" N9     sing N N 22  
DA "C1'" "H1'"  sing N N 23  
DA N9    C8     sing Y N 24  
DA N9    C4     sing Y N 25  
DA C8    N7     doub Y N 26  
DA C8    H8     sing N N 27  
DA N7    C5     sing Y N 28  
DA C5    C6     sing Y N 29  
DA C5    C4     doub Y N 30  
DA C6    N6     sing N N 31  
DA C6    N1     doub Y N 32  
DA N6    H61    sing N N 33  
DA N6    H62    sing N N 34  
DA N1    C2     sing Y N 35  
DA C2    N3     doub Y N 36  
DA C2    H2     sing N N 37  
DA N3    C4     sing Y N 38  
DC OP3   P      sing N N 39  
DC OP3   HOP3   sing N N 40  
DC P     OP1    doub N N 41  
DC P     OP2    sing N N 42  
DC P     "O5'"  sing N N 43  
DC OP2   HOP2   sing N N 44  
DC "O5'" "C5'"  sing N N 45  
DC "C5'" "C4'"  sing N N 46  
DC "C5'" "H5'"  sing N N 47  
DC "C5'" "H5''" sing N N 48  
DC "C4'" "O4'"  sing N N 49  
DC "C4'" "C3'"  sing N N 50  
DC "C4'" "H4'"  sing N N 51  
DC "O4'" "C1'"  sing N N 52  
DC "C3'" "O3'"  sing N N 53  
DC "C3'" "C2'"  sing N N 54  
DC "C3'" "H3'"  sing N N 55  
DC "O3'" "HO3'" sing N N 56  
DC "C2'" "C1'"  sing N N 57  
DC "C2'" "H2'"  sing N N 58  
DC "C2'" "H2''" sing N N 59  
DC "C1'" N1     sing N N 60  
DC "C1'" "H1'"  sing N N 61  
DC N1    C2     sing N N 62  
DC N1    C6     sing N N 63  
DC C2    O2     doub N N 64  
DC C2    N3     sing N N 65  
DC N3    C4     doub N N 66  
DC C4    N4     sing N N 67  
DC C4    C5     sing N N 68  
DC N4    H41    sing N N 69  
DC N4    H42    sing N N 70  
DC C5    C6     doub N N 71  
DC C5    H5     sing N N 72  
DC C6    H6     sing N N 73  
DG OP3   P      sing N N 74  
DG OP3   HOP3   sing N N 75  
DG P     OP1    doub N N 76  
DG P     OP2    sing N N 77  
DG P     "O5'"  sing N N 78  
DG OP2   HOP2   sing N N 79  
DG "O5'" "C5'"  sing N N 80  
DG "C5'" "C4'"  sing N N 81  
DG "C5'" "H5'"  sing N N 82  
DG "C5'" "H5''" sing N N 83  
DG "C4'" "O4'"  sing N N 84  
DG "C4'" "C3'"  sing N N 85  
DG "C4'" "H4'"  sing N N 86  
DG "O4'" "C1'"  sing N N 87  
DG "C3'" "O3'"  sing N N 88  
DG "C3'" "C2'"  sing N N 89  
DG "C3'" "H3'"  sing N N 90  
DG "O3'" "HO3'" sing N N 91  
DG "C2'" "C1'"  sing N N 92  
DG "C2'" "H2'"  sing N N 93  
DG "C2'" "H2''" sing N N 94  
DG "C1'" N9     sing N N 95  
DG "C1'" "H1'"  sing N N 96  
DG N9    C8     sing Y N 97  
DG N9    C4     sing Y N 98  
DG C8    N7     doub Y N 99  
DG C8    H8     sing N N 100 
DG N7    C5     sing Y N 101 
DG C5    C6     sing N N 102 
DG C5    C4     doub Y N 103 
DG C6    O6     doub N N 104 
DG C6    N1     sing N N 105 
DG N1    C2     sing N N 106 
DG N1    H1     sing N N 107 
DG C2    N2     sing N N 108 
DG C2    N3     doub N N 109 
DG N2    H21    sing N N 110 
DG N2    H22    sing N N 111 
DG N3    C4     sing N N 112 
DP "O3'" "C3'"  sing N N 113 
DP "C3'" "C2'"  sing N N 114 
DP "C3'" "C4'"  sing N N 115 
DP "C2'" "C1'"  sing N N 116 
DP OP1   P      doub N N 117 
DP OP2   P      sing N N 118 
DP "O5'" "C5'"  sing N N 119 
DP "O5'" P      sing N N 120 
DP "C4'" "C5'"  sing N N 121 
DP "C4'" "O4'"  sing N N 122 
DP "C1'" "O4'"  sing N N 123 
DP "C1'" N9     sing N N 124 
DP N9    C8     sing N N 125 
DP N9    C4     sing N N 126 
DP N3    C4     doub N N 127 
DP N3    C2     sing N N 128 
DP C8    C7     doub N N 129 
DP C4    N5     sing N N 130 
DP N2    C2     sing N N 131 
DP C2    N1     doub N N 132 
DP C7    N5     sing N N 133 
DP N5    C6     sing N N 134 
DP N1    C6     sing N N 135 
DP C6    O6     doub N N 136 
DP P     OP3    sing N N 137 
DP OP2   H1     sing N N 138 
DP "C5'" "H5''" sing N N 139 
DP "C5'" "H5'"  sing N N 140 
DP "C4'" "H4'"  sing N N 141 
DP "C1'" "H1'"  sing N N 142 
DP C8    H8     sing N N 143 
DP C7    H7     sing N N 144 
DP N2    H22    sing N N 145 
DP N2    H21    sing N N 146 
DP "C2'" "H2''" sing N N 147 
DP "C2'" "H2'"  sing N N 148 
DP "C3'" "H3'"  sing N N 149 
DP "O3'" H3     sing N N 150 
DP OP3   H4     sing N N 151 
DT OP3   P      sing N N 152 
DT OP3   HOP3   sing N N 153 
DT P     OP1    doub N N 154 
DT P     OP2    sing N N 155 
DT P     "O5'"  sing N N 156 
DT OP2   HOP2   sing N N 157 
DT "O5'" "C5'"  sing N N 158 
DT "C5'" "C4'"  sing N N 159 
DT "C5'" "H5'"  sing N N 160 
DT "C5'" "H5''" sing N N 161 
DT "C4'" "O4'"  sing N N 162 
DT "C4'" "C3'"  sing N N 163 
DT "C4'" "H4'"  sing N N 164 
DT "O4'" "C1'"  sing N N 165 
DT "C3'" "O3'"  sing N N 166 
DT "C3'" "C2'"  sing N N 167 
DT "C3'" "H3'"  sing N N 168 
DT "O3'" "HO3'" sing N N 169 
DT "C2'" "C1'"  sing N N 170 
DT "C2'" "H2'"  sing N N 171 
DT "C2'" "H2''" sing N N 172 
DT "C1'" N1     sing N N 173 
DT "C1'" "H1'"  sing N N 174 
DT N1    C2     sing N N 175 
DT N1    C6     sing N N 176 
DT C2    O2     doub N N 177 
DT C2    N3     sing N N 178 
DT N3    C4     sing N N 179 
DT N3    H3     sing N N 180 
DT C4    O4     doub N N 181 
DT C4    C5     sing N N 182 
DT C5    C7     sing N N 183 
DT C5    C6     doub N N 184 
DT C7    H71    sing N N 185 
DT C7    H72    sing N N 186 
DT C7    H73    sing N N 187 
DT C6    H6     sing N N 188 
DZ OP2   P      doub N N 189 
DZ ON1   N      sing N N 190 
DZ OP1   P      sing N N 191 
DZ P     "O5'"  sing N N 192 
DZ "O5'" "C5'"  sing N N 193 
DZ N     ON2    doub N N 194 
DZ N     C5     sing N N 195 
DZ "C3'" "C2'"  sing N N 196 
DZ "C3'" "O3'"  sing N N 197 
DZ "C3'" "C4'"  sing N N 198 
DZ "C2'" "C1'"  sing N N 199 
DZ "C5'" "C4'"  sing N N 200 
DZ C6    C5     sing N N 201 
DZ C6    C1     doub N N 202 
DZ C5    C4     doub N N 203 
DZ "C4'" "O4'"  sing N N 204 
DZ "C1'" C1     sing N N 205 
DZ "C1'" "O4'"  sing N N 206 
DZ C1    C2     sing N N 207 
DZ C4    N4     sing N N 208 
DZ C4    N3     sing N N 209 
DZ N3    C2     sing N N 210 
DZ C2    O2     doub N N 211 
DZ P     OP3    sing N N 212 
DZ OP1   H1     sing N N 213 
DZ "C5'" "H5''" sing N N 214 
DZ "C5'" "H5'"  sing N N 215 
DZ "C4'" "H4'"  sing N N 216 
DZ "C1'" "H1'"  sing N N 217 
DZ N3    H3     sing N N 218 
DZ C6    H6     sing N N 219 
DZ N4    H42    sing N N 220 
DZ N4    H41    sing N N 221 
DZ "C2'" "H2''" sing N N 222 
DZ "C2'" "H2'"  sing N N 223 
DZ "C3'" "H3'"  sing N N 224 
DZ "O3'" H2     sing N N 225 
DZ OP3   H4     sing N N 226 
# 
loop_
_ndb_struct_conf_na.entry_id 
_ndb_struct_conf_na.feature 
8UY5 'double helix'        
8UY5 'a-form double helix' 
8UY5 'b-form double helix' 
# 
loop_
_ndb_struct_na_base_pair.model_number 
_ndb_struct_na_base_pair.i_label_asym_id 
_ndb_struct_na_base_pair.i_label_comp_id 
_ndb_struct_na_base_pair.i_label_seq_id 
_ndb_struct_na_base_pair.i_symmetry 
_ndb_struct_na_base_pair.j_label_asym_id 
_ndb_struct_na_base_pair.j_label_comp_id 
_ndb_struct_na_base_pair.j_label_seq_id 
_ndb_struct_na_base_pair.j_symmetry 
_ndb_struct_na_base_pair.shear 
_ndb_struct_na_base_pair.stretch 
_ndb_struct_na_base_pair.stagger 
_ndb_struct_na_base_pair.buckle 
_ndb_struct_na_base_pair.propeller 
_ndb_struct_na_base_pair.opening 
_ndb_struct_na_base_pair.pair_number 
_ndb_struct_na_base_pair.pair_name 
_ndb_struct_na_base_pair.i_auth_asym_id 
_ndb_struct_na_base_pair.i_auth_seq_id 
_ndb_struct_na_base_pair.i_PDB_ins_code 
_ndb_struct_na_base_pair.j_auth_asym_id 
_ndb_struct_na_base_pair.j_auth_seq_id 
_ndb_struct_na_base_pair.j_PDB_ins_code 
_ndb_struct_na_base_pair.hbond_type_28 
_ndb_struct_na_base_pair.hbond_type_12 
1 A DA 2  1_555 C DT 7 1_555 0.146  -0.089 0.688  1.295   2.687   -3.468  1  A_DA2:DT14_C A 2  ? C 14 ? 20 1 
1 A DG 3  1_555 C DC 6 1_555 -0.202 -0.031 0.281  2.802   3.973   1.842   2  A_DG3:DC13_C A 3  ? C 13 ? 19 1 
1 A DC 4  1_555 C DG 5 1_555 0.138  -0.143 0.421  -0.478  -1.233  -0.788  3  A_DC4:DG12_C A 4  ? C 12 ? 19 1 
1 A DA 5  1_555 C DT 4 1_555 1.741  0.533  0.696  5.284   -4.339  -11.006 4  A_DA5:DT11_C A 5  ? C 11 ? 20 1 
1 A DG 6  1_555 C DC 3 1_555 -0.128 -0.093 -0.102 2.013   -0.518  -0.307  5  A_DG6:DC10_C A 6  ? C 10 ? 19 1 
1 A DC 7  1_555 C DG 2 1_555 0.205  -0.075 0.037  1.874   1.072   0.527   6  A_DC7:DG9_C  A 7  ? C 9  ? 19 1 
1 A DC 8  1_555 C DG 1 1_555 0.145  -0.133 0.226  -4.816  -8.741  -2.331  7  A_DC8:DG8_C  A 8  ? C 8  ? 19 1 
1 A DT 9  1_555 B DA 7 1_555 -0.152 -0.180 0.385  -6.098  -1.513  6.197   8  A_DT9:DA7_B  A 9  ? B 7  ? 20 1 
1 A DT 11 1_555 B DA 5 1_555 -0.233 -0.199 0.784  6.631   1.632   -0.523  9  A_DT11:DA5_B A 11 ? B 5  ? 20 1 
1 A DA 12 1_555 B DT 4 1_555 -0.015 -0.172 0.650  7.476   -2.870  -3.277  10 A_DA12:DT4_B A 12 ? B 4  ? 20 1 
1 A DC 13 1_555 B DG 3 1_555 0.224  -0.276 0.432  2.756   -8.859  -0.582  11 A_DC13:DG3_B A 13 ? B 3  ? 19 1 
1 A DG 14 1_555 B DC 2 1_555 -0.249 -0.082 0.416  -7.337  -11.671 -1.486  12 A_DG14:DC2_B A 14 ? B 2  ? 19 1 
1 A DG 15 1_555 B DC 1 1_555 -0.253 -0.127 -0.467 -11.503 -6.911  0.936   13 A_DG15:DC1_B A 15 ? B 1  ? 19 1 
1 A DA 16 1_555 D DT 7 1_555 0.054  -0.184 -0.107 -5.622  -12.904 2.666   14 A_DA16:DT7_D A 16 ? D 7  ? 20 1 
1 A DC 17 1_555 D DG 6 1_555 0.173  -0.116 0.075  0.162   -6.087  2.477   15 A_DC17:DG6_D A 17 ? D 6  ? 19 1 
1 A DA 18 1_555 D DT 5 1_555 0.196  -0.085 0.135  -3.267  -10.896 -1.060  16 A_DA18:DT5_D A 18 ? D 5  ? 20 1 
1 A DT 19 1_555 D DA 4 1_555 -0.188 -0.156 -0.281 -3.579  -13.556 0.176   17 A_DT19:DA4_D A 19 ? D 4  ? 20 1 
1 A DC 20 1_555 D DG 3 1_555 0.160  -0.133 0.060  -4.836  -11.283 0.700   18 A_DC20:DG3_D A 20 ? D 3  ? 19 1 
1 A DA 21 1_555 D DT 2 1_555 0.256  -0.231 -0.526 -4.292  -5.584  0.834   19 A_DA21:DT2_D A 21 ? D 2  ? 20 1 
# 
loop_
_ndb_struct_na_base_pair_step.model_number 
_ndb_struct_na_base_pair_step.i_label_asym_id_1 
_ndb_struct_na_base_pair_step.i_label_comp_id_1 
_ndb_struct_na_base_pair_step.i_label_seq_id_1 
_ndb_struct_na_base_pair_step.i_symmetry_1 
_ndb_struct_na_base_pair_step.j_label_asym_id_1 
_ndb_struct_na_base_pair_step.j_label_comp_id_1 
_ndb_struct_na_base_pair_step.j_label_seq_id_1 
_ndb_struct_na_base_pair_step.j_symmetry_1 
_ndb_struct_na_base_pair_step.i_label_asym_id_2 
_ndb_struct_na_base_pair_step.i_label_comp_id_2 
_ndb_struct_na_base_pair_step.i_label_seq_id_2 
_ndb_struct_na_base_pair_step.i_symmetry_2 
_ndb_struct_na_base_pair_step.j_label_asym_id_2 
_ndb_struct_na_base_pair_step.j_label_comp_id_2 
_ndb_struct_na_base_pair_step.j_label_seq_id_2 
_ndb_struct_na_base_pair_step.j_symmetry_2 
_ndb_struct_na_base_pair_step.shift 
_ndb_struct_na_base_pair_step.slide 
_ndb_struct_na_base_pair_step.rise 
_ndb_struct_na_base_pair_step.tilt 
_ndb_struct_na_base_pair_step.roll 
_ndb_struct_na_base_pair_step.twist 
_ndb_struct_na_base_pair_step.x_displacement 
_ndb_struct_na_base_pair_step.y_displacement 
_ndb_struct_na_base_pair_step.helical_rise 
_ndb_struct_na_base_pair_step.inclination 
_ndb_struct_na_base_pair_step.tip 
_ndb_struct_na_base_pair_step.helical_twist 
_ndb_struct_na_base_pair_step.step_number 
_ndb_struct_na_base_pair_step.step_name 
_ndb_struct_na_base_pair_step.i_auth_asym_id_1 
_ndb_struct_na_base_pair_step.i_auth_seq_id_1 
_ndb_struct_na_base_pair_step.i_PDB_ins_code_1 
_ndb_struct_na_base_pair_step.j_auth_asym_id_1 
_ndb_struct_na_base_pair_step.j_auth_seq_id_1 
_ndb_struct_na_base_pair_step.j_PDB_ins_code_1 
_ndb_struct_na_base_pair_step.i_auth_asym_id_2 
_ndb_struct_na_base_pair_step.i_auth_seq_id_2 
_ndb_struct_na_base_pair_step.i_PDB_ins_code_2 
_ndb_struct_na_base_pair_step.j_auth_asym_id_2 
_ndb_struct_na_base_pair_step.j_auth_seq_id_2 
_ndb_struct_na_base_pair_step.j_PDB_ins_code_2 
1 A DA 2  1_555 C DT 7 1_555 A DG 3  1_555 C DC 6 1_555 0.173  -0.672 3.416 -1.364 2.213  37.431 -1.345 -0.454 3.364 3.443  2.122 
37.518 1  AA_DA2DG3:DC13DT14_CC A 2  ? C 14 ? A 3  ? C 13 ? 
1 A DG 3  1_555 C DC 6 1_555 A DC 4  1_555 C DG 5 1_555 0.269  -1.303 3.382 -2.215 0.715  30.836 -2.585 -0.945 3.325 1.341  4.158 
30.922 2  AA_DG3DC4:DG12DC13_CC A 3  ? C 13 ? A 4  ? C 12 ? 
1 A DC 4  1_555 C DG 5 1_555 A DA 5  1_555 C DT 4 1_555 -0.957 -0.108 3.436 1.799  5.326  42.224 -0.709 1.507  3.357 7.354  -2.484 
42.579 3  AA_DC4DA5:DT11DG12_CC A 4  ? C 12 ? A 5  ? C 11 ? 
1 A DA 5  1_555 C DT 4 1_555 A DG 6  1_555 C DC 3 1_555 0.642  -1.083 3.418 5.221  4.433  21.832 -4.367 0.306  3.203 11.351 
-13.367 22.868 4  AA_DA5DG6:DC10DT11_CC A 5  ? C 11 ? A 6  ? C 10 ? 
1 A DG 6  1_555 C DC 3 1_555 A DC 7  1_555 C DG 2 1_555 1.194  -1.098 3.254 -0.058 -2.208 37.674 -1.411 -1.854 3.309 -3.415 0.090 
37.737 5  AA_DG6DC7:DG9DC10_CC  A 6  ? C 10 ? A 7  ? C 9  ? 
1 A DC 7  1_555 C DG 2 1_555 A DC 8  1_555 C DG 1 1_555 0.574  -1.197 3.261 0.437  4.340  39.514 -2.255 -0.795 3.124 6.396  -0.644 
39.745 6  AA_DC7DC8:DG8DG9_CC   A 7  ? C 9  ? A 8  ? C 8  ? 
1 A DC 8  1_555 C DG 1 1_555 A DT 9  1_555 B DA 7 1_555 -1.041 -1.154 3.415 -1.222 -2.920 21.486 -1.821 2.242  3.591 -7.777 3.256 
21.715 7  AA_DC8DT9:DA7DG8_BC   A 8  ? C 8  ? A 9  ? B 7  ? 
1 A DT 9  1_555 B DA 7 1_555 A DT 11 1_555 B DA 5 1_555 0.254  -0.640 6.555 1.920  10.843 58.956 -1.715 -0.064 6.364 10.913 -1.933 
59.884 8  AA_DT9DT11:DA5DA7_BB  A 9  ? B 7  ? A 11 ? B 5  ? 
1 A DT 11 1_555 B DA 5 1_555 A DA 12 1_555 B DT 4 1_555 -0.836 -0.048 3.348 1.835  0.268  43.774 -0.090 1.298  3.311 0.360  -2.460 
43.812 9  AA_DT11DA12:DT4DA5_BB A 11 ? B 5  ? A 12 ? B 4  ? 
1 A DA 12 1_555 B DT 4 1_555 A DC 13 1_555 B DG 3 1_555 -0.167 -0.525 3.744 3.525  1.294  32.113 -1.203 1.010  3.682 2.330  -6.345 
32.326 10 AA_DA12DC13:DG3DT4_BB A 12 ? B 4  ? A 13 ? B 3  ? 
1 A DC 13 1_555 B DG 3 1_555 A DG 14 1_555 B DC 2 1_555 0.102  2.941  3.706 -0.861 -5.944 42.987 4.599  -0.227 3.287 -8.064 1.168 
43.385 11 AA_DC13DG14:DC2DG3_BB A 13 ? B 3  ? A 14 ? B 2  ? 
1 A DG 14 1_555 B DC 2 1_555 A DG 15 1_555 B DC 1 1_555 -0.282 1.362  3.798 -3.010 2.137  41.397 1.654  0.023  3.871 3.016  4.247 
41.554 12 AA_DG14DG15:DC1DC2_BB A 14 ? B 2  ? A 15 ? B 1  ? 
1 A DG 15 1_555 B DC 1 1_555 A DA 16 1_555 D DT 7 1_555 -0.435 0.028  3.099 -6.444 3.037  27.229 -0.628 -0.562 3.102 6.314  13.399 
28.129 13 AA_DG15DA16:DT7DC1_DB A 15 ? B 1  ? A 16 ? D 7  ? 
1 A DA 16 1_555 D DT 7 1_555 A DC 17 1_555 D DG 6 1_555 -0.326 -0.174 3.096 -4.891 -1.345 29.210 -0.069 -0.350 3.113 -2.642 9.607 
29.637 14 AA_DA16DC17:DG6DT7_DD A 16 ? D 7  ? A 17 ? D 6  ? 
1 A DC 17 1_555 D DG 6 1_555 A DA 18 1_555 D DT 5 1_555 -0.663 -0.113 3.012 -1.963 3.153  40.853 -0.478 0.748  3.023 4.506  2.805 
41.014 15 AA_DC17DA18:DT5DG6_DD A 17 ? D 6  ? A 18 ? D 5  ? 
1 A DA 18 1_555 D DT 5 1_555 A DT 19 1_555 D DA 4 1_555 -0.094 -0.317 3.117 3.157  -3.289 34.236 -0.048 0.625  3.112 -5.556 -5.333 
34.530 16 AA_DA18DT19:DA4DT5_DD A 18 ? D 5  ? A 19 ? D 4  ? 
1 A DT 19 1_555 D DA 4 1_555 A DC 20 1_555 D DG 3 1_555 -0.350 -0.647 3.261 -5.248 -2.921 37.165 -0.619 -0.147 3.317 -4.546 8.168 
37.630 17 AA_DT19DC20:DG3DA4_DD A 19 ? D 4  ? A 20 ? D 3  ? 
1 A DC 20 1_555 D DG 3 1_555 A DA 21 1_555 D DT 2 1_555 0.140  0.413  3.439 4.165  1.809  37.840 0.390  0.343  3.450 2.777  -6.394 
38.102 18 AA_DC20DA21:DT2DG3_DD A 20 ? D 3  ? A 21 ? D 2  ? 
# 
loop_
_pdbx_audit_support.funding_organization 
_pdbx_audit_support.country 
_pdbx_audit_support.grant_number 
_pdbx_audit_support.ordinal 
'Office of Naval Research (ONR)'                   'United States' N000141912596 1 
'Department of Energy (DOE, United States)'        'United States' DE-SC0007991  2 
'National Science Foundation (NSF, United States)' 'United States' 2106790       3 
'National Science Foundation (NSF, United States)' 'United States' CCF-2106790   4 
'National Science Foundation (NSF, United States)' 'United States' GCR-2317843   5 
# 
_pdbx_initial_refinement_model.id               1 
_pdbx_initial_refinement_model.entity_id_list   ? 
_pdbx_initial_refinement_model.type             'experimental model' 
_pdbx_initial_refinement_model.source_name      PDB 
_pdbx_initial_refinement_model.accession_code   5W6W 
_pdbx_initial_refinement_model.details          ? 
# 
_space_group.name_H-M_alt     'R 3 :H' 
_space_group.name_Hall        'R 3' 
_space_group.IT_number        146 
_space_group.crystal_system   trigonal 
_space_group.id               1 
# 
_atom_sites.entry_id                    8UY5 
_atom_sites.Cartn_transf_matrix[1][1]   ? 
_atom_sites.Cartn_transf_matrix[1][2]   ? 
_atom_sites.Cartn_transf_matrix[1][3]   ? 
_atom_sites.Cartn_transf_matrix[2][1]   ? 
_atom_sites.Cartn_transf_matrix[2][2]   ? 
_atom_sites.Cartn_transf_matrix[2][3]   ? 
_atom_sites.Cartn_transf_matrix[3][1]   ? 
_atom_sites.Cartn_transf_matrix[3][2]   ? 
_atom_sites.Cartn_transf_matrix[3][3]   ? 
_atom_sites.Cartn_transf_vector[1]      ? 
_atom_sites.Cartn_transf_vector[2]      ? 
_atom_sites.Cartn_transf_vector[3]      ? 
_atom_sites.Cartn_transform_axes        ? 
_atom_sites.fract_transf_matrix[1][1]   -0.00292776 
_atom_sites.fract_transf_matrix[1][2]   0.00672947 
_atom_sites.fract_transf_matrix[1][3]   0.00801299 
_atom_sites.fract_transf_matrix[2][1]   0.00107385 
_atom_sites.fract_transf_matrix[2][2]   -0.00309589 
_atom_sites.fract_transf_matrix[2][3]   0.01035908 
_atom_sites.fract_transf_matrix[3][1]   0.00978654 
_atom_sites.fract_transf_matrix[3][2]   0.00403123 
_atom_sites.fract_transf_matrix[3][3]   0.00019026 
_atom_sites.fract_transf_vector[1]      -0.129565 
_atom_sites.fract_transf_vector[2]      0.018979 
_atom_sites.fract_transf_vector[3]      -0.495677 
_atom_sites.solution_primary            ? 
_atom_sites.solution_secondary          ? 
_atom_sites.solution_hydrogens          ? 
_atom_sites.special_details             ? 
# 
loop_
_atom_type.symbol 
_atom_type.scat_dispersion_real 
_atom_type.scat_dispersion_imag 
_atom_type.scat_Cromer_Mann_a1 
_atom_type.scat_Cromer_Mann_a2 
_atom_type.scat_Cromer_Mann_a3 
_atom_type.scat_Cromer_Mann_a4 
_atom_type.scat_Cromer_Mann_b1 
_atom_type.scat_Cromer_Mann_b2 
_atom_type.scat_Cromer_Mann_b3 
_atom_type.scat_Cromer_Mann_b4 
_atom_type.scat_Cromer_Mann_c 
_atom_type.scat_source 
_atom_type.scat_dispersion_source 
C ? ? 5.96793 ?       ? ? 14.89577 ?        ? ? 0.0 
;1-Gaussian fit: Grosse-Kunstleve RW, Sauter NK, Adams PD: Newsletter of the IUCr Commission on Crystallographic Computing 2004, 3, 22-31.
;
? 
N ? ? 6.96715 ?       ? ? 11.43723 ?        ? ? 0.0 
;1-Gaussian fit: Grosse-Kunstleve RW, Sauter NK, Adams PD: Newsletter of the IUCr Commission on Crystallographic Computing 2004, 3, 22-31.
;
? 
O ? ? 7.96527 ?       ? ? 9.05267  ?        ? ? 0.0 
;1-Gaussian fit: Grosse-Kunstleve RW, Sauter NK, Adams PD: Newsletter of the IUCr Commission on Crystallographic Computing 2004, 3, 22-31.
;
? 
P ? ? 9.51135 5.44231 ? ? 1.42069  35.72801 ? ? 0.0 
;2-Gaussian fit: Grosse-Kunstleve RW, Sauter NK, Adams PD: Newsletter of the IUCr Commission on Crystallographic Computing 2004, 3, 22-31.
;
? 
# 
loop_
_atom_site.group_PDB 
_atom_site.id 
_atom_site.type_symbol 
_atom_site.label_atom_id 
_atom_site.label_alt_id 
_atom_site.label_comp_id 
_atom_site.label_asym_id 
_atom_site.label_entity_id 
_atom_site.label_seq_id 
_atom_site.pdbx_PDB_ins_code 
_atom_site.Cartn_x 
_atom_site.Cartn_y 
_atom_site.Cartn_z 
_atom_site.occupancy 
_atom_site.B_iso_or_equiv 
_atom_site.pdbx_formal_charge 
_atom_site.auth_seq_id 
_atom_site.auth_comp_id 
_atom_site.auth_asym_id 
_atom_site.auth_atom_id 
_atom_site.pdbx_PDB_model_num 
ATOM   1   O "O5'" . DG A 1 1  ? -11.59798 -7.56144  27.30460  1.000 247.20032 ? 1  DG A "O5'" 1 
ATOM   2   C "C5'" . DG A 1 1  ? -12.40483 -7.93714  28.42029  1.000 223.09864 ? 1  DG A "C5'" 1 
ATOM   3   C "C4'" . DG A 1 1  ? -11.55677 -8.56208  29.51674  1.000 236.54257 ? 1  DG A "C4'" 1 
ATOM   4   O "O4'" . DG A 1 1  ? -11.93178 -9.93367  29.68895  1.000 238.60772 ? 1  DG A "O4'" 1 
ATOM   5   C "C3'" . DG A 1 1  ? -10.07284 -8.61286  29.22337  1.000 231.05492 ? 1  DG A "C3'" 1 
ATOM   6   O "O3'" . DG A 1 1  ? -9.46944  -7.41398  29.66855  1.000 224.43233 ? 1  DG A "O3'" 1 
ATOM   7   C "C2'" . DG A 1 1  ? -9.58697  -9.83193  30.03051  1.000 207.56949 ? 1  DG A "C2'" 1 
ATOM   8   C "C1'" . DG A 1 1  ? -10.87106 -10.63644 30.29169  1.000 205.20006 ? 1  DG A "C1'" 1 
ATOM   9   N N9    . DG A 1 1  ? -10.88103 -12.00234 29.75087  1.000 200.24039 ? 1  DG A N9    1 
ATOM   10  C C8    . DG A 1 1  ? -11.95752 -12.63607 29.16718  1.000 195.05120 ? 1  DG A C8    1 
ATOM   11  N N7    . DG A 1 1  ? -11.70520 -13.85227 28.77906  1.000 151.01551 ? 1  DG A N7    1 
ATOM   12  C C5    . DG A 1 1  ? -10.37588 -14.04859 29.12744  1.000 184.57702 ? 1  DG A C5    1 
ATOM   13  C C6    . DG A 1 1  ? -9.55761  -15.18257 28.95245  1.000 188.00017 ? 1  DG A C6    1 
ATOM   14  O O6    . DG A 1 1  ? -9.85839  -16.26698 28.43782  1.000 189.35513 ? 1  DG A O6    1 
ATOM   15  N N1    . DG A 1 1  ? -8.26796  -14.97623 29.44265  1.000 183.30410 ? 1  DG A N1    1 
ATOM   16  C C2    . DG A 1 1  ? -7.82639  -13.81456 30.02968  1.000 196.68646 ? 1  DG A C2    1 
ATOM   17  N N2    . DG A 1 1  ? -6.54692  -13.80370 30.43957  1.000 189.61049 ? 1  DG A N2    1 
ATOM   18  N N3    . DG A 1 1  ? -8.58611  -12.73729 30.20503  1.000 200.88457 ? 1  DG A N3    1 
ATOM   19  C C4    . DG A 1 1  ? -9.84770  -12.92322 29.72991  1.000 198.08807 ? 1  DG A C4    1 
ATOM   20  P P     . DA A 1 2  ? -8.02781  -6.98204  29.11558  1.000 213.32856 ? 2  DA A P     1 
ATOM   21  O OP1   . DA A 1 2  ? -7.93533  -5.51231  29.25658  1.000 239.62290 ? 2  DA A OP1   1 
ATOM   22  O OP2   . DA A 1 2  ? -7.86004  -7.59665  27.77678  1.000 185.52570 ? 2  DA A OP2   1 
ATOM   23  O "O5'" . DA A 1 2  ? -7.01463  -7.67092  30.14939  1.000 234.21745 ? 2  DA A "O5'" 1 
ATOM   24  C "C5'" . DA A 1 2  ? -5.64132  -7.28988  30.17882  1.000 245.40517 ? 2  DA A "C5'" 1 
ATOM   25  C "C4'" . DA A 1 2  ? -4.77740  -8.37388  29.56749  1.000 230.75803 ? 2  DA A "C4'" 1 
ATOM   26  O "O4'" . DA A 1 2  ? -5.59220  -9.56934  29.36757  1.000 223.87490 ? 2  DA A "O4'" 1 
ATOM   27  C "C3'" . DA A 1 2  ? -4.18305  -8.01832  28.19385  1.000 215.46762 ? 2  DA A "C3'" 1 
ATOM   28  O "O3'" . DA A 1 2  ? -2.72972  -8.26583  28.15556  1.000 179.06930 ? 2  DA A "O3'" 1 
ATOM   29  C "C2'" . DA A 1 2  ? -4.97510  -8.91284  27.22836  1.000 230.45059 ? 2  DA A "C2'" 1 
ATOM   30  C "C1'" . DA A 1 2  ? -5.28403  -10.11131 28.11121  1.000 231.30547 ? 2  DA A "C1'" 1 
ATOM   31  N N9    . DA A 1 2  ? -6.38002  -10.95110 27.62378  1.000 234.37945 ? 2  DA A N9    1 
ATOM   32  C C8    . DA A 1 2  ? -7.68274  -10.58721 27.43527  1.000 224.62974 ? 2  DA A C8    1 
ATOM   33  N N7    . DA A 1 2  ? -8.44106  -11.55333 26.97006  1.000 221.96436 ? 2  DA A N7    1 
ATOM   34  C C5    . DA A 1 2  ? -7.57296  -12.62478 26.83441  1.000 220.30658 ? 2  DA A C5    1 
ATOM   35  C C6    . DA A 1 2  ? -7.75980  -13.94979 26.38637  1.000 208.32146 ? 2  DA A C6    1 
ATOM   36  N N6    . DA A 1 2  ? -8.94342  -14.42246 25.97676  1.000 192.55912 ? 2  DA A N6    1 
ATOM   37  N N1    . DA A 1 2  ? -6.68281  -14.77018 26.37540  1.000 210.74336 ? 2  DA A N1    1 
ATOM   38  C C2    . DA A 1 2  ? -5.49962  -14.28699 26.78786  1.000 196.54295 ? 2  DA A C2    1 
ATOM   39  N N3    . DA A 1 2  ? -5.20215  -13.06169 27.22870  1.000 197.49925 ? 2  DA A N3    1 
ATOM   40  C C4    . DA A 1 2  ? -6.29369  -12.27286 27.22837  1.000 222.26872 ? 2  DA A C4    1 
ATOM   41  P P     . DG A 1 3  ? -2.12255  -9.40786  27.19205  1.000 223.86395 ? 3  DG A P     1 
ATOM   42  O OP1   . DG A 1 3  ? -2.43400  -9.07838  25.78292  1.000 208.96558 ? 3  DG A OP1   1 
ATOM   43  O OP2   . DG A 1 3  ? -2.44414  -10.69470 27.85153  1.000 238.66961 ? 3  DG A OP2   1 
ATOM   44  O "O5'" . DG A 1 3  ? -0.53275  -9.30780  27.28527  1.000 223.73693 ? 3  DG A "O5'" 1 
ATOM   45  C "C5'" . DG A 1 3  ? 0.27540   -10.51955 27.17800  1.000 232.98831 ? 3  DG A "C5'" 1 
ATOM   46  C "C4'" . DG A 1 3  ? -0.01913  -11.35700 25.91130  1.000 226.85784 ? 3  DG A "C4'" 1 
ATOM   47  O "O4'" . DG A 1 3  ? -1.36193  -11.90858 25.93247  1.000 225.90559 ? 3  DG A "O4'" 1 
ATOM   48  C "C3'" . DG A 1 3  ? 0.09362   -10.63303 24.57128  1.000 206.30545 ? 3  DG A "C3'" 1 
ATOM   49  O "O3'" . DG A 1 3  ? 1.42032   -10.78105 23.99929  1.000 228.69003 ? 3  DG A "O3'" 1 
ATOM   50  C "C2'" . DG A 1 3  ? -0.98951  -11.28084 23.68815  1.000 196.95472 ? 3  DG A "C2'" 1 
ATOM   51  C "C1'" . DG A 1 3  ? -1.71393  -12.26497 24.61916  1.000 209.71914 ? 3  DG A "C1'" 1 
ATOM   52  N N9    . DG A 1 3  ? -3.17171  -12.22470 24.44215  1.000 211.59666 ? 3  DG A N9    1 
ATOM   53  C C8    . DG A 1 3  ? -4.00714  -11.15533 24.66367  1.000 208.69071 ? 3  DG A C8    1 
ATOM   54  N N7    . DG A 1 3  ? -5.25552  -11.39245 24.36842  1.000 189.23574 ? 3  DG A N7    1 
ATOM   55  C C5    . DG A 1 3  ? -5.25092  -12.69914 23.90165  1.000 200.07075 ? 3  DG A C5    1 
ATOM   56  C C6    . DG A 1 3  ? -6.32045  -13.50232 23.43271  1.000 202.17138 ? 3  DG A C6    1 
ATOM   57  O O6    . DG A 1 3  ? -7.52188  -13.20153 23.33922  1.000 188.36812 ? 3  DG A O6    1 
ATOM   58  N N1    . DG A 1 3  ? -5.88167  -14.77531 23.04963  1.000 213.10285 ? 3  DG A N1    1 
ATOM   59  C C2    . DG A 1 3  ? -4.57030  -15.20780 23.11623  1.000 199.48321 ? 3  DG A C2    1 
ATOM   60  N N2    . DG A 1 3  ? -4.32494  -16.46288 22.70433  1.000 194.21928 ? 3  DG A N2    1 
ATOM   61  N N3    . DG A 1 3  ? -3.56270  -14.45978 23.55349  1.000 191.93866 ? 3  DG A N3    1 
ATOM   62  C C4    . DG A 1 3  ? -3.97495  -13.22505 23.93250  1.000 206.65935 ? 3  DG A C4    1 
ATOM   63  P P     . DC A 1 4  ? 2.06827   -12.22121 23.65234  1.000 253.15538 ? 4  DC A P     1 
ATOM   64  O OP1   . DC A 1 4  ? 1.17525   -13.35361 23.97266  1.000 236.57651 ? 4  DC A OP1   1 
ATOM   65  O OP2   . DC A 1 4  ? 3.41131   -12.19745 24.26884  1.000 271.74041 ? 4  DC A OP2   1 
ATOM   66  O "O5'" . DC A 1 4  ? 2.29620   -12.18015 22.06685  1.000 217.39491 ? 4  DC A "O5'" 1 
ATOM   67  C "C5'" . DC A 1 4  ? 1.18637   -12.18325 21.17357  1.000 196.95550 ? 4  DC A "C5'" 1 
ATOM   68  C "C4'" . DC A 1 4  ? 0.64987   -13.59026 20.97552  1.000 204.31895 ? 4  DC A "C4'" 1 
ATOM   69  O "O4'" . DC A 1 4  ? -0.69180  -13.65455 21.49108  1.000 202.05015 ? 4  DC A "O4'" 1 
ATOM   70  C "C3'" . DC A 1 4  ? 0.60020   -14.05439 19.52499  1.000 224.06344 ? 4  DC A "C3'" 1 
ATOM   71  O "O3'" . DC A 1 4  ? 1.54832   -15.08768 19.32055  1.000 222.43017 ? 4  DC A "O3'" 1 
ATOM   72  C "C2'" . DC A 1 4  ? -0.82922  -14.55840 19.29649  1.000 222.57226 ? 4  DC A "C2'" 1 
ATOM   73  C "C1'" . DC A 1 4  ? -1.53228  -14.39186 20.63498  1.000 226.45011 ? 4  DC A "C1'" 1 
ATOM   74  N N1    . DC A 1 4  ? -2.84118  -13.66578 20.55537  1.000 227.58223 ? 4  DC A N1    1 
ATOM   75  C C2    . DC A 1 4  ? -3.98040  -14.29769 20.02272  1.000 217.71756 ? 4  DC A C2    1 
ATOM   76  O O2    . DC A 1 4  ? -3.88979  -15.45515 19.59207  1.000 212.29262 ? 4  DC A O2    1 
ATOM   77  N N3    . DC A 1 4  ? -5.15370  -13.60835 19.98974  1.000 211.30457 ? 4  DC A N3    1 
ATOM   78  C C4    . DC A 1 4  ? -5.21012  -12.35998 20.46603  1.000 218.78731 ? 4  DC A C4    1 
ATOM   79  N N4    . DC A 1 4  ? -6.38168  -11.71614 20.41606  1.000 218.29753 ? 4  DC A N4    1 
ATOM   80  C C5    . DC A 1 4  ? -4.06514  -11.71073 21.01064  1.000 224.88808 ? 4  DC A C5    1 
ATOM   81  C C6    . DC A 1 4  ? -2.91821  -12.39287 21.03653  1.000 222.38177 ? 4  DC A C6    1 
ATOM   82  P P     . DA A 1 5  ? 2.61338   -14.97305 18.12464  1.000 270.71141 ? 5  DA A P     1 
ATOM   83  O OP1   . DA A 1 5  ? 3.78362   -15.80748 18.48005  1.000 288.61909 ? 5  DA A OP1   1 
ATOM   84  O OP2   . DA A 1 5  ? 2.79983   -13.53334 17.83644  1.000 278.80311 ? 5  DA A OP2   1 
ATOM   85  O "O5'" . DA A 1 5  ? 1.86321   -15.63534 16.87646  1.000 222.82498 ? 5  DA A "O5'" 1 
ATOM   86  C "C5'" . DA A 1 5  ? 1.72856   -17.04424 16.80154  1.000 212.97962 ? 5  DA A "C5'" 1 
ATOM   87  C "C4'" . DA A 1 5  ? 0.57524   -17.42862 15.89528  1.000 228.57206 ? 5  DA A "C4'" 1 
ATOM   88  O "O4'" . DA A 1 5  ? -0.63175  -16.75705 16.33326  1.000 219.84241 ? 5  DA A "O4'" 1 
ATOM   89  C "C3'" . DA A 1 5  ? 0.76389   -17.08419 14.41766  1.000 235.65577 ? 5  DA A "C3'" 1 
ATOM   90  O "O3'" . DA A 1 5  ? 0.53744   -18.26940 13.62112  1.000 249.57603 ? 5  DA A "O3'" 1 
ATOM   91  C "C2'" . DA A 1 5  ? -0.25106  -15.95735 14.15605  1.000 229.66139 ? 5  DA A "C2'" 1 
ATOM   92  C "C1'" . DA A 1 5  ? -1.30240  -16.18111 15.23353  1.000 231.30550 ? 5  DA A "C1'" 1 
ATOM   93  N N9    . DA A 1 5  ? -1.94002  -14.94963 15.70469  1.000 238.38762 ? 5  DA A N9    1 
ATOM   94  C C8    . DA A 1 5  ? -1.32347  -13.88585 16.30167  1.000 228.23225 ? 5  DA A C8    1 
ATOM   95  N N7    . DA A 1 5  ? -2.14200  -12.92263 16.65593  1.000 214.10178 ? 5  DA A N7    1 
ATOM   96  C C5    . DA A 1 5  ? -3.38651  -13.37990 16.25281  1.000 227.73523 ? 5  DA A C5    1 
ATOM   97  C C6    . DA A 1 5  ? -4.67708  -12.81608 16.33374  1.000 214.39262 ? 5  DA A C6    1 
ATOM   98  N N6    . DA A 1 5  ? -4.92371  -11.61834 16.87280  1.000 220.28839 ? 5  DA A N6    1 
ATOM   99  N N1    . DA A 1 5  ? -5.70701  -13.53414 15.83625  1.000 205.12934 ? 5  DA A N1    1 
ATOM   100 C C2    . DA A 1 5  ? -5.45613  -14.73388 15.29618  1.000 219.92050 ? 5  DA A C2    1 
ATOM   101 N N3    . DA A 1 5  ? -4.28905  -15.36851 15.16331  1.000 237.36853 ? 5  DA A N3    1 
ATOM   102 C C4    . DA A 1 5  ? -3.28347  -14.63043 15.66705  1.000 240.79736 ? 5  DA A C4    1 
ATOM   103 P P     . DG A 1 6  ? -0.18103  -18.22798 12.17960  1.000 271.96242 ? 6  DG A P     1 
ATOM   104 O OP1   . DG A 1 6  ? 0.07657   -19.55244 11.57116  1.000 264.22831 ? 6  DG A OP1   1 
ATOM   105 O OP2   . DG A 1 6  ? 0.19994   -17.01212 11.42241  1.000 239.98301 ? 6  DG A OP2   1 
ATOM   106 O "O5'" . DG A 1 6  ? -1.73746  -18.16001 12.53237  1.000 252.69050 ? 6  DG A "O5'" 1 
ATOM   107 C "C5'" . DG A 1 6  ? -2.68394  -18.76949 11.67427  1.000 230.07015 ? 6  DG A "C5'" 1 
ATOM   108 C "C4'" . DG A 1 6  ? -3.42427  -17.72347 10.86821  1.000 233.44486 ? 6  DG A "C4'" 1 
ATOM   109 O "O4'" . DG A 1 6  ? -3.81867  -16.63644 11.72906  1.000 238.67440 ? 6  DG A "O4'" 1 
ATOM   110 C "C3'" . DG A 1 6  ? -2.61226  -17.07607 9.74197   1.000 236.78160 ? 6  DG A "C3'" 1 
ATOM   111 O "O3'" . DG A 1 6  ? -3.03760  -17.61058 8.46349   1.000 243.81122 ? 6  DG A "O3'" 1 
ATOM   112 C "C2'" . DG A 1 6  ? -2.87291  -15.56276 9.89699   1.000 227.34066 ? 6  DG A "C2'" 1 
ATOM   113 C "C1'" . DG A 1 6  ? -3.99985  -15.51105 10.92007  1.000 224.30773 ? 6  DG A "C1'" 1 
ATOM   114 N N9    . DG A 1 6  ? -3.98019  -14.30639 11.74648  1.000 208.02725 ? 6  DG A N9    1 
ATOM   115 C C8    . DG A 1 6  ? -2.88300  -13.70034 12.30698  1.000 205.21218 ? 6  DG A C8    1 
ATOM   116 N N7    . DG A 1 6  ? -3.17671  -12.62459 12.98705  1.000 208.13849 ? 6  DG A N7    1 
ATOM   117 C C5    . DG A 1 6  ? -4.55550  -12.50868 12.86451  1.000 209.97454 ? 6  DG A C5    1 
ATOM   118 C C6    . DG A 1 6  ? -5.44679  -11.53591 13.38785  1.000 210.03779 ? 6  DG A C6    1 
ATOM   119 O O6    . DG A 1 6  ? -5.17772  -10.55009 14.09028  1.000 198.29074 ? 6  DG A O6    1 
ATOM   120 N N1    . DG A 1 6  ? -6.76846  -11.79260 13.02331  1.000 228.36481 ? 6  DG A N1    1 
ATOM   121 C C2    . DG A 1 6  ? -7.17813  -12.85614 12.24749  1.000 232.29831 ? 6  DG A C2    1 
ATOM   122 N N2    . DG A 1 6  ? -8.49471  -12.94740 11.99416  1.000 243.23982 ? 6  DG A N2    1 
ATOM   123 N N3    . DG A 1 6  ? -6.35308  -13.77185 11.75287  1.000 222.96924 ? 6  DG A N3    1 
ATOM   124 C C4    . DG A 1 6  ? -5.06609  -13.53673 12.09926  1.000 212.27779 ? 6  DG A C4    1 
ATOM   125 P P     . DC A 1 7  ? -3.57258  -16.68067 7.25735   1.000 254.22163 ? 7  DC A P     1 
ATOM   126 O OP1   . DC A 1 7  ? -3.92669  -17.61824 6.16939   1.000 232.85360 ? 7  DC A OP1   1 
ATOM   127 O OP2   . DC A 1 7  ? -2.63571  -15.57060 6.96421   1.000 217.83310 ? 7  DC A OP2   1 
ATOM   128 O "O5'" . DC A 1 7  ? -4.94773  -16.07266 7.79317   1.000 242.11221 ? 7  DC A "O5'" 1 
ATOM   129 C "C5'" . DC A 1 7  ? -6.03343  -15.93177 6.90393   1.000 211.21194 ? 7  DC A "C5'" 1 
ATOM   130 C "C4'" . DC A 1 7  ? -6.81523  -14.66831 7.19661   1.000 217.59186 ? 7  DC A "C4'" 1 
ATOM   131 O "O4'" . DC A 1 7  ? -6.30920  -14.02241 8.37668   1.000 218.84469 ? 7  DC A "O4'" 1 
ATOM   132 C "C3'" . DC A 1 7  ? -6.71150  -13.58805 6.14276   1.000 205.32162 ? 7  DC A "C3'" 1 
ATOM   133 O "O3'" . DC A 1 7  ? -7.64701  -13.82917 5.10757   1.000 233.81753 ? 7  DC A "O3'" 1 
ATOM   134 C "C2'" . DC A 1 7  ? -7.06220  -12.31564 6.93060   1.000 167.13899 ? 7  DC A "C2'" 1 
ATOM   135 C "C1'" . DC A 1 7  ? -6.85698  -12.72357 8.39364   1.000 196.90574 ? 7  DC A "C1'" 1 
ATOM   136 N N1    . DC A 1 7  ? -5.96085  -11.80087 9.13537   1.000 197.62223 ? 7  DC A N1    1 
ATOM   137 C C2    . DC A 1 7  ? -6.51535  -10.68993 9.78388   1.000 196.91691 ? 7  DC A C2    1 
ATOM   138 O O2    . DC A 1 7  ? -7.74112  -10.51556 9.72705   1.000 190.91864 ? 7  DC A O2    1 
ATOM   139 N N3    . DC A 1 7  ? -5.69323  -9.83854  10.45077  1.000 196.64297 ? 7  DC A N3    1 
ATOM   140 C C4    . DC A 1 7  ? -4.37697  -10.06978 10.47657  1.000 206.99462 ? 7  DC A C4    1 
ATOM   141 N N4    . DC A 1 7  ? -3.60114  -9.20918  11.14575  1.000 221.40599 ? 7  DC A N4    1 
ATOM   142 C C5    . DC A 1 7  ? -3.79579  -11.19660 9.81598   1.000 211.83310 ? 7  DC A C5    1 
ATOM   143 C C6    . DC A 1 7  ? -4.61650  -12.02519 9.16058   1.000 200.67554 ? 7  DC A C6    1 
ATOM   144 P P     . DC A 1 8  ? -7.97534  -12.67764 4.03454   1.000 256.20006 ? 8  DC A P     1 
ATOM   145 O OP1   . DC A 1 8  ? -8.58241  -13.33498 2.85718   1.000 247.87823 ? 8  DC A OP1   1 
ATOM   146 O OP2   . DC A 1 8  ? -6.75830  -11.84877 3.87001   1.000 238.19735 ? 8  DC A OP2   1 
ATOM   147 O "O5'" . DC A 1 8  ? -9.10000  -11.78864 4.74771   1.000 184.83808 ? 8  DC A "O5'" 1 
ATOM   148 C "C5'" . DC A 1 8  ? -9.49589  -10.55492 4.17955   1.000 166.01606 ? 8  DC A "C5'" 1 
ATOM   149 C "C4'" . DC A 1 8  ? -10.02787 -9.62627  5.25211   1.000 177.54024 ? 8  DC A "C4'" 1 
ATOM   150 O "O4'" . DC A 1 8  ? -9.19899  -9.72871  6.42462   1.000 169.55027 ? 8  DC A "O4'" 1 
ATOM   151 C "C3'" . DC A 1 8  ? -10.01917 -8.15732  4.87812   1.000 171.98074 ? 8  DC A "C3'" 1 
ATOM   152 O "O3'" . DC A 1 8  ? -11.24031 -7.83145  4.26683   1.000 184.38287 ? 8  DC A "O3'" 1 
ATOM   153 C "C2'" . DC A 1 8  ? -9.87400  -7.44867  6.22202   1.000 148.03881 ? 8  DC A "C2'" 1 
ATOM   154 C "C1'" . DC A 1 8  ? -9.15622  -8.48286  7.09503   1.000 186.84616 ? 8  DC A "C1'" 1 
ATOM   155 N N1    . DC A 1 8  ? -7.72282  -8.17919  7.40114   1.000 187.18120 ? 8  DC A N1    1 
ATOM   156 C C2    . DC A 1 8  ? -7.36861  -7.04368  8.15695   1.000 183.62670 ? 8  DC A C2    1 
ATOM   157 O O2    . DC A 1 8  ? -8.24881  -6.26376  8.54419   1.000 197.12566 ? 8  DC A O2    1 
ATOM   158 N N3    . DC A 1 8  ? -6.05453  -6.82929  8.43125   1.000 175.64579 ? 8  DC A N3    1 
ATOM   159 C C4    . DC A 1 8  ? -5.13181  -7.69292  7.99921   1.000 194.56400 ? 8  DC A C4    1 
ATOM   160 N N4    . DC A 1 8  ? -3.85088  -7.44484  8.28973   1.000 195.08918 ? 8  DC A N4    1 
ATOM   161 C C5    . DC A 1 8  ? -5.47875  -8.84931  7.24485   1.000 197.92294 ? 8  DC A C5    1 
ATOM   162 C C6    . DC A 1 8  ? -6.76756  -9.04948  6.97617   1.000 177.74265 ? 8  DC A C6    1 
ATOM   163 P P     . DT A 1 9  ? -11.25398 -6.98580  2.90602   1.000 231.48565 ? 9  DT A P     1 
ATOM   164 O OP1   . DT A 1 9  ? -12.38017 -7.48269  2.08441   1.000 243.35791 ? 9  DT A OP1   1 
ATOM   165 O OP2   . DT A 1 9  ? -9.87514  -6.99287  2.36292   1.000 203.10129 ? 9  DT A OP2   1 
ATOM   166 O "O5'" . DT A 1 9  ? -11.58821 -5.50631  3.39497   1.000 191.29205 ? 9  DT A "O5'" 1 
ATOM   167 C "C5'" . DT A 1 9  ? -12.47483 -5.31088  4.48035   1.000 169.77005 ? 9  DT A "C5'" 1 
ATOM   168 C "C4'" . DT A 1 9  ? -12.08019 -4.07382  5.24903   1.000 180.63476 ? 9  DT A "C4'" 1 
ATOM   169 O "O4'" . DT A 1 9  ? -10.92989 -4.36770  6.05241   1.000 180.80665 ? 9  DT A "O4'" 1 
ATOM   170 C "C3'" . DT A 1 9  ? -11.63856 -2.91815  4.37835   1.000 175.71485 ? 9  DT A "C3'" 1 
ATOM   171 O "O3'" . DT A 1 9  ? -12.75862 -2.16145  3.99430   1.000 178.25978 ? 9  DT A "O3'" 1 
ATOM   172 C "C2'" . DT A 1 9  ? -10.71963 -2.12190  5.30047   1.000 165.97172 ? 9  DT A "C2'" 1 
ATOM   173 C "C1'" . DT A 1 9  ? -10.20806 -3.17278  6.27826   1.000 179.82503 ? 9  DT A "C1'" 1 
ATOM   174 N N1    . DT A 1 9  ? -8.75173  -3.47254  6.17832   1.000 173.94724 ? 9  DT A N1    1 
ATOM   175 C C2    . DT A 1 9  ? -7.85143  -2.63297  6.78677   1.000 168.34850 ? 9  DT A C2    1 
ATOM   176 O O2    . DT A 1 9  ? -8.17869  -1.61785  7.37729   1.000 162.54646 ? 9  DT A O2    1 
ATOM   177 N N3    . DT A 1 9  ? -6.54150  -3.01756  6.66979   1.000 162.69320 ? 9  DT A N3    1 
ATOM   178 C C4    . DT A 1 9  ? -6.05205  -4.13880  6.03362   1.000 158.07992 ? 9  DT A C4    1 
ATOM   179 O O4    . DT A 1 9  ? -4.84982  -4.39317  5.98753   1.000 149.78879 ? 9  DT A O4    1 
ATOM   180 C C5    . DT A 1 9  ? -7.05432  -4.98677  5.42683   1.000 167.58811 ? 9  DT A C5    1 
ATOM   181 C C7    . DT A 1 9  ? -6.65115  -6.23572  4.70249   1.000 192.43245 ? 9  DT A C7    1 
ATOM   182 C C6    . DT A 1 9  ? -8.33947  -4.61579  5.53015   1.000 166.42759 ? 9  DT A C6    1 
HETATM 183 P P     . DP A 1 10 ? -12.95861 -1.77396  2.45222   1.000 220.21285 ? 10 DP A P     1 
HETATM 184 O OP1   . DP A 1 10 ? -14.41098 -2.17546  1.99847   1.000 251.06216 ? 10 DP A OP1   1 
HETATM 185 O OP2   . DP A 1 10 ? -11.89532 -2.49688  1.62373   1.000 191.82883 ? 10 DP A OP2   1 
HETATM 186 O "O5'" . DP A 1 10 ? -12.72573 -0.08164  2.42130   1.000 189.43051 ? 10 DP A "O5'" 1 
HETATM 187 C "C5'" . DP A 1 10 ? -13.16052 0.63625   3.47472   1.000 174.28502 ? 10 DP A "C5'" 1 
HETATM 188 C "C4'" . DP A 1 10 ? -12.03996 1.49288   3.94997   1.000 185.18903 ? 10 DP A "C4'" 1 
HETATM 189 O "O4'" . DP A 1 10 ? -11.07519 0.74838   4.41609   1.000 185.93181 ? 10 DP A "O4'" 1 
HETATM 190 C "C1'" . DP A 1 10 ? -9.74752  1.37145   3.89579   1.000 148.94262 ? 10 DP A "C1'" 1 
HETATM 191 N N9    . DP A 1 10 ? -8.87961  0.43498   3.64350   1.000 166.17273 ? 10 DP A N9    1 
HETATM 192 C C8    . DP A 1 10 ? -9.00273  -0.76928  2.99771   1.000 166.05896 ? 10 DP A C8    1 
HETATM 193 C C7    . DP A 1 10 ? -7.76244  -1.39983  3.01772   1.000 158.02689 ? 10 DP A C7    1 
HETATM 194 N N5    . DP A 1 10 ? -6.87670  -0.57160  3.66594   1.000 159.17063 ? 10 DP A N5    1 
HETATM 195 C C6    . DP A 1 10 ? -5.54337  -0.68648  3.96212   1.000 142.20576 ? 10 DP A C6    1 
HETATM 196 N N1    . DP A 1 10 ? -4.89263  0.33909   4.64704   1.000 157.07563 ? 10 DP A N1    1 
HETATM 197 C C2    . DP A 1 10 ? -5.60240  1.46366   5.02849   1.000 173.24423 ? 10 DP A C2    1 
HETATM 198 N N3    . DP A 1 10 ? -6.94259  1.56449   4.71810   1.000 170.62755 ? 10 DP A N3    1 
HETATM 199 C C4    . DP A 1 10 ? -7.57357  0.55957   4.04821   1.000 172.73079 ? 10 DP A C4    1 
HETATM 200 N N2    . DP A 1 10 ? -4.76454  2.41568   5.71638   1.000 188.87778 ? 10 DP A N2    1 
HETATM 201 O O6    . DP A 1 10 ? -4.64729  -1.76573  3.65060   1.000 137.74978 ? 10 DP A O6    1 
HETATM 202 C "C2'" . DP A 1 10 ? -10.16186 2.16980   2.55914   1.000 148.18418 ? 10 DP A "C2'" 1 
HETATM 203 C "C3'" . DP A 1 10 ? -11.41469 2.37305   2.63922   1.000 171.44461 ? 10 DP A "C3'" 1 
HETATM 204 O "O3'" . DP A 1 10 ? -11.64559 3.75072   2.86980   1.000 175.99628 ? 10 DP A "O3'" 1 
ATOM   205 P P     . DT A 1 11 ? -11.94493 4.73005   1.63563   1.000 208.45641 ? 11 DT A P     1 
ATOM   206 O OP1   . DT A 1 11 ? -13.26527 5.36229   1.86823   1.000 239.13195 ? 11 DT A OP1   1 
ATOM   207 O OP2   . DT A 1 11 ? -11.67194 3.97218   0.39212   1.000 150.26523 ? 11 DT A OP2   1 
ATOM   208 O "O5'" . DT A 1 11 ? -10.82243 5.84534   1.78328   1.000 193.91049 ? 11 DT A "O5'" 1 
ATOM   209 C "C5'" . DT A 1 11 ? -10.19422 6.02170   3.03322   1.000 192.49076 ? 11 DT A "C5'" 1 
ATOM   210 C "C4'" . DT A 1 11 ? -8.70567  6.17533   2.84900   1.000 186.59208 ? 11 DT A "C4'" 1 
ATOM   211 O "O4'" . DT A 1 11 ? -8.07529  4.86956   2.79384   1.000 164.13036 ? 11 DT A "O4'" 1 
ATOM   212 C "C3'" . DT A 1 11 ? -8.29695  6.89731   1.55741   1.000 175.15570 ? 11 DT A "C3'" 1 
ATOM   213 O "O3'" . DT A 1 11 ? -7.60177  8.13716   1.87804   1.000 146.27088 ? 11 DT A "O3'" 1 
ATOM   214 C "C2'" . DT A 1 11 ? -7.40348  5.86534   0.82697   1.000 155.87121 ? 11 DT A "C2'" 1 
ATOM   215 C "C1'" . DT A 1 11 ? -6.94163  4.99838   1.98803   1.000 150.71899 ? 11 DT A "C1'" 1 
ATOM   216 N N1    . DT A 1 11 ? -6.43910  3.65410   1.60834   1.000 132.10737 ? 11 DT A N1    1 
ATOM   217 C C2    . DT A 1 11 ? -5.12300  3.33560   1.86142   1.000 152.13011 ? 11 DT A C2    1 
ATOM   218 O O2    . DT A 1 11 ? -4.34052  4.11045   2.37942   1.000 166.57296 ? 11 DT A O2    1 
ATOM   219 N N3    . DT A 1 11 ? -4.75326  2.07025   1.47749   1.000 148.90371 ? 11 DT A N3    1 
ATOM   220 C C4    . DT A 1 11 ? -5.55349  1.11762   0.88586   1.000 166.10158 ? 11 DT A C4    1 
ATOM   221 O O4    . DT A 1 11 ? -5.13392  0.00630   0.57654   1.000 168.68073 ? 11 DT A O4    1 
ATOM   222 C C5    . DT A 1 11 ? -6.92313  1.52141   0.65239   1.000 188.85558 ? 11 DT A C5    1 
ATOM   223 C C7    . DT A 1 11 ? -7.89041  0.57102   0.01222   1.000 226.39517 ? 11 DT A C7    1 
ATOM   224 C C6    . DT A 1 11 ? -7.29087  2.75692   1.01912   1.000 154.21281 ? 11 DT A C6    1 
ATOM   225 P P     . DA A 1 12 ? -6.10563  8.38311   1.34179   1.000 153.34668 ? 12 DA A P     1 
ATOM   226 O OP1   . DA A 1 12 ? -6.19007  8.45796   -0.13928  1.000 174.16039 ? 12 DA A OP1   1 
ATOM   227 O OP2   . DA A 1 12 ? -5.21940  7.45476   2.09148   1.000 161.39979 ? 12 DA A OP2   1 
ATOM   228 O "O5'" . DA A 1 12 ? -5.66367  9.83010   1.86241   1.000 156.03742 ? 12 DA A "O5'" 1 
ATOM   229 C "C5'" . DA A 1 12 ? -4.73842  10.61054  1.07396   1.000 163.12793 ? 12 DA A "C5'" 1 
ATOM   230 C "C4'" . DA A 1 12 ? -3.26617  10.21815  1.29928   1.000 161.31706 ? 12 DA A "C4'" 1 
ATOM   231 O "O4'" . DA A 1 12 ? -3.12012  8.78392   1.50737   1.000 173.56674 ? 12 DA A "O4'" 1 
ATOM   232 C "C3'" . DA A 1 12 ? -2.33228  10.59698  0.15138   1.000 166.71586 ? 12 DA A "C3'" 1 
ATOM   233 O "O3'" . DA A 1 12 ? -1.34182  11.57031  0.58144   1.000 147.81332 ? 12 DA A "O3'" 1 
ATOM   234 C "C2'" . DA A 1 12 ? -1.72104  9.27548   -0.35374  1.000 167.66249 ? 12 DA A "C2'" 1 
ATOM   235 C "C1'" . DA A 1 12 ? -2.08941  8.23289   0.70007   1.000 153.34212 ? 12 DA A "C1'" 1 
ATOM   236 N N9    . DA A 1 12 ? -2.59227  6.97951   0.11700   1.000 163.04723 ? 12 DA A N9    1 
ATOM   237 C C8    . DA A 1 12 ? -3.85589  6.76023   -0.35445  1.000 171.23428 ? 12 DA A C8    1 
ATOM   238 N N7    . DA A 1 12 ? -4.06125  5.55655   -0.82194  1.000 139.72123 ? 12 DA A N7    1 
ATOM   239 C C5    . DA A 1 12 ? -2.84278  4.92658   -0.66207  1.000 155.75259 ? 12 DA A C5    1 
ATOM   240 C C6    . DA A 1 12 ? -2.41467  3.62045   -0.97331  1.000 149.24388 ? 12 DA A C6    1 
ATOM   241 N N6    . DA A 1 12 ? -3.21222  2.70261   -1.53010  1.000 138.59724 ? 12 DA A N6    1 
ATOM   242 N N1    . DA A 1 12 ? -1.13843  3.29535   -0.68920  1.000 136.68602 ? 12 DA A N1    1 
ATOM   243 C C2    . DA A 1 12 ? -0.34195  4.22409   -0.12747  1.000 150.41814 ? 12 DA A C2    1 
ATOM   244 N N3    . DA A 1 12 ? -0.63109  5.49390   0.21257   1.000 155.77611 ? 12 DA A N3    1 
ATOM   245 C C4    . DA A 1 12 ? -1.91356  5.78464   -0.08343  1.000 154.16429 ? 12 DA A C4    1 
ATOM   246 P P     . DC A 1 13 ? -0.06087  11.15593  1.46673   1.000 179.29407 ? 13 DC A P     1 
ATOM   247 O OP1   . DC A 1 13 ? -0.45761  10.22654  2.54577   1.000 208.26436 ? 13 DC A OP1   1 
ATOM   248 O OP2   . DC A 1 13 ? 0.65174   12.41537  1.78829   1.000 147.24389 ? 13 DC A OP2   1 
ATOM   249 O "O5'" . DC A 1 13 ? 0.86946   10.36000  0.45556   1.000 161.74349 ? 13 DC A "O5'" 1 
ATOM   250 C "C5'" . DC A 1 13 ? 1.60176   9.22981   0.88979   1.000 142.69493 ? 13 DC A "C5'" 1 
ATOM   251 C "C4'" . DC A 1 13 ? 2.65265   8.90379   -0.14373  1.000 176.16810 ? 13 DC A "C4'" 1 
ATOM   252 O "O4'" . DC A 1 13 ? 2.22571   7.75604   -0.91237  1.000 158.23419 ? 13 DC A "O4'" 1 
ATOM   253 C "C3'" . DC A 1 13 ? 2.88883   10.02700  -1.15385  1.000 164.26023 ? 13 DC A "C3'" 1 
ATOM   254 O "O3'" . DC A 1 13 ? 4.26624   10.12131  -1.47880  1.000 138.71293 ? 13 DC A "O3'" 1 
ATOM   255 C "C2'" . DC A 1 13 ? 2.04194   9.60923   -2.35040  1.000 148.35723 ? 13 DC A "C2'" 1 
ATOM   256 C "C1'" . DC A 1 13 ? 2.14216   8.09492   -2.28074  1.000 145.96505 ? 13 DC A "C1'" 1 
ATOM   257 N N1    . DC A 1 13 ? 0.96749   7.39540   -2.85779  1.000 146.99378 ? 13 DC A N1    1 
ATOM   258 C C2    . DC A 1 13 ? 1.08170   6.04831   -3.20670  1.000 142.17310 ? 13 DC A C2    1 
ATOM   259 O O2    . DC A 1 13 ? 2.16504   5.47812   -3.02171  1.000 149.07890 ? 13 DC A O2    1 
ATOM   260 N N3    . DC A 1 13 ? 0.00723   5.41208   -3.73467  1.000 114.19191 ? 13 DC A N3    1 
ATOM   261 C C4    . DC A 1 13 ? -1.14043  6.07573   -3.90931  1.000 134.76427 ? 13 DC A C4    1 
ATOM   262 N N4    . DC A 1 13 ? -2.17529  5.40747   -4.42835  1.000 122.60544 ? 13 DC A N4    1 
ATOM   263 C C5    . DC A 1 13 ? -1.27479  7.45543   -3.55920  1.000 126.65620 ? 13 DC A C5    1 
ATOM   264 C C6    . DC A 1 13 ? -0.20359  8.07019   -3.04683  1.000 127.47447 ? 13 DC A C6    1 
ATOM   265 P P     . DG A 1 14 ? 5.13797   11.33521  -0.88282  1.000 143.79835 ? 14 DG A P     1 
ATOM   266 O OP1   . DG A 1 14 ? 4.65899   11.62757  0.48666   1.000 195.64151 ? 14 DG A OP1   1 
ATOM   267 O OP2   . DG A 1 14 ? 5.14251   12.42522  -1.88344  1.000 171.14225 ? 14 DG A OP2   1 
ATOM   268 O "O5'" . DG A 1 14 ? 6.61269   10.73279  -0.79495  1.000 137.71451 ? 14 DG A "O5'" 1 
ATOM   269 C "C5'" . DG A 1 14 ? 7.39340   10.64376  -1.96538  1.000 162.50965 ? 14 DG A "C5'" 1 
ATOM   270 C "C4'" . DG A 1 14 ? 7.91347   9.23712   -2.15741  1.000 178.76790 ? 14 DG A "C4'" 1 
ATOM   271 O "O4'" . DG A 1 14 ? 6.82753   8.35465   -2.56101  1.000 167.87453 ? 14 DG A "O4'" 1 
ATOM   272 C "C3'" . DG A 1 14 ? 8.95108   9.09884   -3.24530  1.000 175.77507 ? 14 DG A "C3'" 1 
ATOM   273 O "O3'" . DG A 1 14 ? 9.76714   7.95489   -2.96386  1.000 179.57667 ? 14 DG A "O3'" 1 
ATOM   274 C "C2'" . DG A 1 14 ? 8.07050   8.92759   -4.48286  1.000 158.86124 ? 14 DG A "C2'" 1 
ATOM   275 C "C1'" . DG A 1 14 ? 6.89478   8.10422   -3.95936  1.000 141.54481 ? 14 DG A "C1'" 1 
ATOM   276 N N9    . DG A 1 14 ? 5.59764   8.48186   -4.53160  1.000 135.07427 ? 14 DG A N9    1 
ATOM   277 C C8    . DG A 1 14 ? 5.02005   9.72927   -4.48819  1.000 140.02389 ? 14 DG A C8    1 
ATOM   278 N N7    . DG A 1 14 ? 3.84296   9.78626   -5.04909  1.000 128.18040 ? 14 DG A N7    1 
ATOM   279 C C5    . DG A 1 14 ? 3.60729   8.48998   -5.48628  1.000 129.60800 ? 14 DG A C5    1 
ATOM   280 C C6    . DG A 1 14 ? 2.48155   7.95175   -6.16851  1.000 110.86235 ? 14 DG A C6    1 
ATOM   281 O O6    . DG A 1 14 ? 1.44941   8.53824   -6.52348  1.000 84.90419  ? 14 DG A O6    1 
ATOM   282 N N1    . DG A 1 14 ? 2.63341   6.59227   -6.42839  1.000 95.09848  ? 14 DG A N1    1 
ATOM   283 C C2    . DG A 1 14 ? 3.73769   5.84684   -6.07606  1.000 120.37935 ? 14 DG A C2    1 
ATOM   284 N N2    . DG A 1 14 ? 3.70416   4.55145   -6.41382  1.000 158.35163 ? 14 DG A N2    1 
ATOM   285 N N3    . DG A 1 14 ? 4.80940   6.33820   -5.43618  1.000 124.51397 ? 14 DG A N3    1 
ATOM   286 C C4    . DG A 1 14 ? 4.67235   7.66406   -5.17242  1.000 132.50849 ? 14 DG A C4    1 
ATOM   287 P P     . DG A 1 15 ? 10.75171  7.29697   -4.05474  1.000 177.97979 ? 15 DG A P     1 
ATOM   288 O OP1   . DG A 1 15 ? 12.03708  7.06870   -3.35871  1.000 215.75634 ? 15 DG A OP1   1 
ATOM   289 O OP2   . DG A 1 15 ? 10.77219  8.07475   -5.31419  1.000 164.74362 ? 15 DG A OP2   1 
ATOM   290 O "O5'" . DG A 1 15 ? 10.06639  5.87696   -4.32445  1.000 178.58238 ? 15 DG A "O5'" 1 
ATOM   291 C "C5'" . DG A 1 15 ? 10.85763  4.72912   -4.59849  1.000 171.97927 ? 15 DG A "C5'" 1 
ATOM   292 C "C4'" . DG A 1 15 ? 10.51041  4.19744   -5.96642  1.000 185.78491 ? 15 DG A "C4'" 1 
ATOM   293 O "O4'" . DG A 1 15 ? 9.14822   4.59500   -6.26925  1.000 155.10551 ? 15 DG A "O4'" 1 
ATOM   294 C "C3'" . DG A 1 15 ? 11.38528  4.76144   -7.07517  1.000 196.80920 ? 15 DG A "C3'" 1 
ATOM   295 O "O3'" . DG A 1 15 ? 12.42888  3.80733   -7.50334  1.000 193.45855 ? 15 DG A "O3'" 1 
ATOM   296 C "C2'" . DG A 1 15 ? 10.42488  5.14233   -8.20158  1.000 201.15173 ? 15 DG A "C2'" 1 
ATOM   297 C "C1'" . DG A 1 15 ? 9.01750   4.95130   -7.62243  1.000 156.92133 ? 15 DG A "C1'" 1 
ATOM   298 N N9    . DG A 1 15 ? 8.20426   6.15808   -7.69332  1.000 134.16919 ? 15 DG A N9    1 
ATOM   299 C C8    . DG A 1 15 ? 8.52811   7.38640   -7.19100  1.000 147.44671 ? 15 DG A C8    1 
ATOM   300 N N7    . DG A 1 15 ? 7.62001   8.29528   -7.40369  1.000 153.26686 ? 15 DG A N7    1 
ATOM   301 C C5    . DG A 1 15 ? 6.62541   7.62798   -8.09517  1.000 145.02538 ? 15 DG A C5    1 
ATOM   302 C C6    . DG A 1 15 ? 5.38958   8.10671   -8.59508  1.000 127.35888 ? 15 DG A C6    1 
ATOM   303 O O6    . DG A 1 15 ? 4.92087   9.24767   -8.51083  1.000 109.27419 ? 15 DG A O6    1 
ATOM   304 N N1    . DG A 1 15 ? 4.67560   7.10869   -9.24710  1.000 107.37140 ? 15 DG A N1    1 
ATOM   305 C C2    . DG A 1 15 ? 5.10371   5.80767   -9.39499  1.000 148.46040 ? 15 DG A C2    1 
ATOM   306 N N2    . DG A 1 15 ? 4.27857   4.98066   -10.05249 1.000 154.19343 ? 15 DG A N2    1 
ATOM   307 N N3    . DG A 1 15 ? 6.26485   5.34418   -8.92687  1.000 160.48165 ? 15 DG A N3    1 
ATOM   308 C C4    . DG A 1 15 ? 6.96985   6.30872   -8.28874  1.000 142.94491 ? 15 DG A C4    1 
ATOM   309 P P     . DA A 1 16 ? 12.11352  2.30670   -8.02586  1.000 187.87371 ? 16 DA A P     1 
ATOM   310 O OP1   . DA A 1 16 ? 11.56633  1.50959   -6.90738  1.000 209.58353 ? 16 DA A OP1   1 
ATOM   311 O OP2   . DA A 1 16 ? 13.34646  1.82581   -8.68950  1.000 196.48387 ? 16 DA A OP2   1 
ATOM   312 O "O5'" . DA A 1 16 ? 11.02681  2.46633   -9.19681  1.000 159.08761 ? 16 DA A "O5'" 1 
ATOM   313 C "C5'" . DA A 1 16 ? 9.76069   1.79948   -9.10207  1.000 173.04563 ? 16 DA A "C5'" 1 
ATOM   314 C "C4'" . DA A 1 16 ? 9.02765   1.82260   -10.43501 1.000 188.61186 ? 16 DA A "C4'" 1 
ATOM   315 O "O4'" . DA A 1 16 ? 8.20642   3.02064   -10.54933 1.000 169.24584 ? 16 DA A "O4'" 1 
ATOM   316 C "C3'" . DA A 1 16 ? 9.92729   1.80637   -11.66484 1.000 186.07967 ? 16 DA A "C3'" 1 
ATOM   317 O "O3'" . DA A 1 16 ? 9.35397   0.96695   -12.64021 1.000 175.42498 ? 16 DA A "O3'" 1 
ATOM   318 C "C2'" . DA A 1 16 ? 9.92945   3.27122   -12.10932 1.000 175.62391 ? 16 DA A "C2'" 1 
ATOM   319 C "C1'" . DA A 1 16 ? 8.50906   3.69019   -11.76005 1.000 168.48931 ? 16 DA A "C1'" 1 
ATOM   320 N N9    . DA A 1 16 ? 8.33785   5.13131   -11.53873 1.000 171.00332 ? 16 DA A N9    1 
ATOM   321 C C8    . DA A 1 16 ? 9.19371   5.97638   -10.89303 1.000 161.49654 ? 16 DA A C8    1 
ATOM   322 N N7    . DA A 1 16 ? 8.77013   7.21542   -10.81321 1.000 131.34748 ? 16 DA A N7    1 
ATOM   323 C C5    . DA A 1 16 ? 7.55051   7.18599   -11.46328 1.000 145.83179 ? 16 DA A C5    1 
ATOM   324 C C6    . DA A 1 16 ? 6.59473   8.18471   -11.73456 1.000 149.86978 ? 16 DA A C6    1 
ATOM   325 N N6    . DA A 1 16 ? 6.73454   9.46143   -11.36021 1.000 171.79829 ? 16 DA A N6    1 
ATOM   326 N N1    . DA A 1 16 ? 5.48655   7.81899   -12.40718 1.000 140.62319 ? 16 DA A N1    1 
ATOM   327 C C2    . DA A 1 16 ? 5.34978   6.54208   -12.77936 1.000 158.68134 ? 16 DA A C2    1 
ATOM   328 N N3    . DA A 1 16 ? 6.17581   5.51596   -12.58281 1.000 157.70811 ? 16 DA A N3    1 
ATOM   329 C C4    . DA A 1 16 ? 7.26650   5.90762   -11.91372 1.000 158.67640 ? 16 DA A C4    1 
ATOM   330 P P     . DC A 1 17 ? 10.26939  0.27170   -13.75789 1.000 186.63871 ? 17 DC A P     1 
ATOM   331 O OP1   . DC A 1 17 ? 10.37828  -1.16886  -13.42827 1.000 191.80047 ? 17 DC A OP1   1 
ATOM   332 O OP2   . DC A 1 17 ? 11.49923  1.08351   -13.89300 1.000 206.75412 ? 17 DC A OP2   1 
ATOM   333 O "O5'" . DC A 1 17 ? 9.39296   0.44414   -15.08233 1.000 175.64823 ? 17 DC A "O5'" 1 
ATOM   334 C "C5'" . DC A 1 17 ? 7.97992   0.33832   -14.99057 1.000 170.59782 ? 17 DC A "C5'" 1 
ATOM   335 C "C4'" . DC A 1 17 ? 7.29222   1.41542   -15.81065 1.000 178.90966 ? 17 DC A "C4'" 1 
ATOM   336 O "O4'" . DC A 1 17 ? 7.37312   2.70291   -15.14305 1.000 177.02896 ? 17 DC A "O4'" 1 
ATOM   337 C "C3'" . DC A 1 17 ? 7.86587   1.64218   -17.21706 1.000 158.67338 ? 17 DC A "C3'" 1 
ATOM   338 O "O3'" . DC A 1 17 ? 6.81572   1.58122   -18.16027 1.000 162.75084 ? 17 DC A "O3'" 1 
ATOM   339 C "C2'" . DC A 1 17 ? 8.44802   3.05674   -17.13588 1.000 150.72270 ? 17 DC A "C2'" 1 
ATOM   340 C "C1'" . DC A 1 17 ? 7.48664   3.67345   -16.14847 1.000 162.76459 ? 17 DC A "C1'" 1 
ATOM   341 N N1    . DC A 1 17 ? 7.93518   4.96883   -15.56389 1.000 176.48149 ? 17 DC A N1    1 
ATOM   342 C C2    . DC A 1 17 ? 7.12272   6.09681   -15.71506 1.000 158.17962 ? 17 DC A C2    1 
ATOM   343 O O2    . DC A 1 17 ? 6.05592   5.98004   -16.32776 1.000 153.23495 ? 17 DC A O2    1 
ATOM   344 N N3    . DC A 1 17 ? 7.52668   7.28046   -15.18635 1.000 141.25733 ? 17 DC A N3    1 
ATOM   345 C C4    . DC A 1 17 ? 8.68936   7.35409   -14.53559 1.000 158.69810 ? 17 DC A C4    1 
ATOM   346 N N4    . DC A 1 17 ? 9.04997   8.54016   -14.03006 1.000 176.81940 ? 17 DC A N4    1 
ATOM   347 C C5    . DC A 1 17 ? 9.53490   6.21223   -14.37194 1.000 174.83428 ? 17 DC A C5    1 
ATOM   348 C C6    . DC A 1 17 ? 9.12396   5.05172   -14.90138 1.000 178.00533 ? 17 DC A C6    1 
ATOM   349 P P     . DA A 1 18 ? 7.13140   1.28288   -19.70640 1.000 170.34948 ? 18 DA A P     1 
ATOM   350 O OP1   . DA A 1 18 ? 6.75906   -0.12560  -19.97635 1.000 177.55803 ? 18 DA A OP1   1 
ATOM   351 O OP2   . DA A 1 18 ? 8.51889   1.73163   -19.97342 1.000 168.36584 ? 18 DA A OP2   1 
ATOM   352 O "O5'" . DA A 1 18 ? 6.12056   2.24931   -20.49124 1.000 146.16448 ? 18 DA A "O5'" 1 
ATOM   353 C "C5'" . DA A 1 18 ? 4.72609   2.19860   -20.20405 1.000 160.98821 ? 18 DA A "C5'" 1 
ATOM   354 C "C4'" . DA A 1 18 ? 4.03680   3.51524   -20.53808 1.000 183.39593 ? 18 DA A "C4'" 1 
ATOM   355 O "O4'" . DA A 1 18 ? 4.53610   4.57469   -19.67885 1.000 174.81204 ? 18 DA A "O4'" 1 
ATOM   356 C "C3'" . DA A 1 18 ? 4.23367   4.02191   -21.96316 1.000 185.13499 ? 18 DA A "C3'" 1 
ATOM   357 O "O3'" . DA A 1 18 ? 3.07507   4.73614   -22.36505 1.000 183.97862 ? 18 DA A "O3'" 1 
ATOM   358 C "C2'" . DA A 1 18 ? 5.42504   4.95862   -21.80823 1.000 182.85958 ? 18 DA A "C2'" 1 
ATOM   359 C "C1'" . DA A 1 18 ? 5.08902   5.60676   -20.47790 1.000 177.56848 ? 18 DA A "C1'" 1 
ATOM   360 N N9    . DA A 1 18 ? 6.22852   6.16463   -19.75715 1.000 166.93036 ? 18 DA A N9    1 
ATOM   361 C C8    . DA A 1 18 ? 7.32991   5.49402   -19.30174 1.000 149.50538 ? 18 DA A C8    1 
ATOM   362 N N7    . DA A 1 18 ? 8.17930   6.25466   -18.64935 1.000 149.37790 ? 18 DA A N7    1 
ATOM   363 C C5    . DA A 1 18 ? 7.58292   7.50844   -18.66292 1.000 157.32516 ? 18 DA A C5    1 
ATOM   364 C C6    . DA A 1 18 ? 7.97355   8.76166   -18.13452 1.000 152.59654 ? 18 DA A C6    1 
ATOM   365 N N6    . DA A 1 18 ? 9.11224   8.95641   -17.45986 1.000 146.80997 ? 18 DA A N6    1 
ATOM   366 N N1    . DA A 1 18 ? 7.14325   9.80984   -18.32982 1.000 155.39882 ? 18 DA A N1    1 
ATOM   367 C C2    . DA A 1 18 ? 6.01093   9.61374   -19.01399 1.000 160.24922 ? 18 DA A C2    1 
ATOM   368 N N3    . DA A 1 18 ? 5.53383   8.48848   -19.54593 1.000 162.25636 ? 18 DA A N3    1 
ATOM   369 C C4    . DA A 1 18 ? 6.37670   7.46590   -19.33676 1.000 162.78507 ? 18 DA A C4    1 
ATOM   370 P P     . DT A 1 19 ? 2.70778   4.87981   -23.92093 1.000 200.34722 ? 19 DT A P     1 
ATOM   371 O OP1   . DT A 1 19 ? 1.74551   3.80517   -24.26153 1.000 183.38528 ? 19 DT A OP1   1 
ATOM   372 O OP2   . DT A 1 19 ? 3.98465   4.99189   -24.66583 1.000 186.40930 ? 19 DT A OP2   1 
ATOM   373 O "O5'" . DT A 1 19 ? 1.94794   6.28759   -24.00295 1.000 190.20418 ? 19 DT A "O5'" 1 
ATOM   374 C "C5'" . DT A 1 19 ? 1.98215   7.18116   -22.89633 1.000 154.43487 ? 19 DT A "C5'" 1 
ATOM   375 C "C4'" . DT A 1 19 ? 2.53149   8.54120   -23.30578 1.000 192.67970 ? 19 DT A "C4'" 1 
ATOM   376 O "O4'" . DT A 1 19 ? 3.69777   8.83840   -22.50912 1.000 153.20865 ? 19 DT A "O4'" 1 
ATOM   377 C "C3'" . DT A 1 19 ? 2.97418   8.66220   -24.77436 1.000 207.36355 ? 19 DT A "C3'" 1 
ATOM   378 O "O3'" . DT A 1 19 ? 2.16358   9.64679   -25.50621 1.000 191.52726 ? 19 DT A "O3'" 1 
ATOM   379 C "C2'" . DT A 1 19 ? 4.46551   9.02819   -24.70985 1.000 172.72019 ? 19 DT A "C2'" 1 
ATOM   380 C "C1'" . DT A 1 19 ? 4.62237   9.54746   -23.28864 1.000 157.66239 ? 19 DT A "C1'" 1 
ATOM   381 N N1    . DT A 1 19 ? 5.94609   9.30821   -22.72154 1.000 145.51830 ? 19 DT A N1    1 
ATOM   382 C C2    . DT A 1 19 ? 6.54110   10.30106  -21.99009 1.000 160.90531 ? 19 DT A C2    1 
ATOM   383 O O2    . DT A 1 19 ? 6.01465   11.38394  -21.78721 1.000 162.19421 ? 19 DT A O2    1 
ATOM   384 N N3    . DT A 1 19 ? 7.77681   9.97422   -21.48678 1.000 160.04704 ? 19 DT A N3    1 
ATOM   385 C C4    . DT A 1 19 ? 8.45628   8.78222   -21.64743 1.000 158.33207 ? 19 DT A C4    1 
ATOM   386 O O4    . DT A 1 19 ? 9.56714   8.58527   -21.16127 1.000 158.93996 ? 19 DT A O4    1 
ATOM   387 C C5    . DT A 1 19 ? 7.76965   7.78349   -22.43133 1.000 163.17779 ? 19 DT A C5    1 
ATOM   388 C C7    . DT A 1 19 ? 8.41259   6.45163   -22.67841 1.000 187.75255 ? 19 DT A C7    1 
ATOM   389 C C6    . DT A 1 19 ? 6.55967   8.09035   -22.92369 1.000 144.99156 ? 19 DT A C6    1 
ATOM   390 P P     . DC A 1 20 ? 2.27942   11.24299  -25.26687 1.000 171.25773 ? 20 DC A P     1 
ATOM   391 O OP1   . DC A 1 20 ? 2.27828   11.56908  -23.81934 1.000 175.39380 ? 20 DC A OP1   1 
ATOM   392 O OP2   . DC A 1 20 ? 1.25044   11.85670  -26.14134 1.000 118.41268 ? 20 DC A OP2   1 
ATOM   393 O "O5'" . DC A 1 20 ? 3.69166   11.64403  -25.89054 1.000 151.97822 ? 20 DC A "O5'" 1 
ATOM   394 C "C5'" . DC A 1 20 ? 3.89347   12.96179  -26.37531 1.000 206.35475 ? 20 DC A "C5'" 1 
ATOM   395 C "C4'" . DC A 1 20 ? 3.75643   13.98658  -25.26251 1.000 169.03057 ? 20 DC A "C4'" 1 
ATOM   396 O "O4'" . DC A 1 20 ? 4.62050   13.61731  -24.16196 1.000 107.44492 ? 20 DC A "O4'" 1 
ATOM   397 C "C3'" . DC A 1 20 ? 4.22483   15.37394  -25.64205 1.000 171.96207 ? 20 DC A "C3'" 1 
ATOM   398 O "O3'" . DC A 1 20 ? 3.72707   16.31850  -24.71759 1.000 159.52136 ? 20 DC A "O3'" 1 
ATOM   399 C "C2'" . DC A 1 20 ? 5.73092   15.21717  -25.51176 1.000 171.87725 ? 20 DC A "C2'" 1 
ATOM   400 C "C1'" . DC A 1 20 ? 5.83151   14.35856  -24.25302 1.000 150.54762 ? 20 DC A "C1'" 1 
ATOM   401 N N1    . DC A 1 20 ? 6.97465   13.38584  -24.23680 1.000 170.38834 ? 20 DC A N1    1 
ATOM   402 C C2    . DC A 1 20 ? 8.15287   13.70899  -23.54990 1.000 171.97424 ? 20 DC A C2    1 
ATOM   403 O O2    . DC A 1 20 ? 8.24731   14.81220  -22.99647 1.000 153.33260 ? 20 DC A O2    1 
ATOM   404 N N3    . DC A 1 20 ? 9.16735   12.80319  -23.52001 1.000 162.95877 ? 20 DC A N3    1 
ATOM   405 C C4    . DC A 1 20 ? 9.03022   11.62434  -24.12712 1.000 168.61787 ? 20 DC A C4    1 
ATOM   406 N N4    . DC A 1 20 ? 10.05641  10.76653  -24.06674 1.000 165.74806 ? 20 DC A N4    1 
ATOM   407 C C5    . DC A 1 20 ? 7.83425   11.27233  -24.82563 1.000 172.62716 ? 20 DC A C5    1 
ATOM   408 C C6    . DC A 1 20 ? 6.84070   12.16897  -24.84744 1.000 163.38652 ? 20 DC A C6    1 
ATOM   409 P P     . DA A 1 21 ? 3.34808   17.79683  -25.21545 1.000 189.55323 ? 21 DA A P     1 
ATOM   410 O OP1   . DA A 1 21 ? 2.20054   18.28960  -24.42073 1.000 180.64711 ? 21 DA A OP1   1 
ATOM   411 O OP2   . DA A 1 21 ? 3.24236   17.72792  -26.69220 1.000 184.92448 ? 21 DA A OP2   1 
ATOM   412 O "O5'" . DA A 1 21 ? 4.64223   18.66091  -24.85713 1.000 179.52488 ? 21 DA A "O5'" 1 
ATOM   413 C "C5'" . DA A 1 21 ? 5.67296   18.78852  -25.81018 1.000 195.61773 ? 21 DA A "C5'" 1 
ATOM   414 C "C4'" . DA A 1 21 ? 6.94446   19.29994  -25.17192 1.000 201.64170 ? 21 DA A "C4'" 1 
ATOM   415 O "O4'" . DA A 1 21 ? 7.79878   18.17025  -24.85019 1.000 181.60204 ? 21 DA A "O4'" 1 
ATOM   416 C "C3'" . DA A 1 21 ? 7.79085   20.16562  -26.08628 1.000 230.88824 ? 21 DA A "C3'" 1 
ATOM   417 O "O3'" . DA A 1 21 ? 8.67153   20.97001  -25.30761 1.000 222.42810 ? 21 DA A "O3'" 1 
ATOM   418 C "C2'" . DA A 1 21 ? 8.55215   19.10085  -26.85397 1.000 215.12259 ? 21 DA A "C2'" 1 
ATOM   419 C "C1'" . DA A 1 21 ? 8.92732   18.18331  -25.70680 1.000 174.10756 ? 21 DA A "C1'" 1 
ATOM   420 N N9    . DA A 1 21 ? 9.21974   16.81204  -26.09575 1.000 184.61928 ? 21 DA A N9    1 
ATOM   421 C C8    . DA A 1 21 ? 8.45819   15.98740  -26.87424 1.000 182.15593 ? 21 DA A C8    1 
ATOM   422 N N7    . DA A 1 21 ? 8.96855   14.78698  -27.02860 1.000 192.18943 ? 21 DA A N7    1 
ATOM   423 C C5    . DA A 1 21 ? 10.15049  14.83527  -26.30296 1.000 193.91613 ? 21 DA A C5    1 
ATOM   424 C C6    . DA A 1 21 ? 11.16664  13.88596  -26.06503 1.000 176.88283 ? 21 DA A C6    1 
ATOM   425 N N6    . DA A 1 21 ? 11.14314  12.64704  -26.55884 1.000 174.44371 ? 21 DA A N6    1 
ATOM   426 N N1    . DA A 1 21 ? 12.21063  14.26460  -25.29615 1.000 172.72913 ? 21 DA A N1    1 
ATOM   427 C C2    . DA A 1 21 ? 12.23224  15.50785  -24.80954 1.000 192.34478 ? 21 DA A C2    1 
ATOM   428 N N3    . DA A 1 21 ? 11.33969  16.48221  -24.95801 1.000 192.63909 ? 21 DA A N3    1 
ATOM   429 C C4    . DA A 1 21 ? 10.31533  16.07724  -25.72182 1.000 194.97071 ? 21 DA A C4    1 
ATOM   430 P P     . DC B 2 1  ? -4.48505  8.17984   -9.61208  1.000 139.09672 ? 1  DC B P     1 
ATOM   431 O OP1   . DC B 2 1  ? -5.95753  8.19756   -9.81425  1.000 150.80455 ? 1  DC B OP1   1 
ATOM   432 O OP2   . DC B 2 1  ? -3.91121  7.59341   -8.37238  1.000 100.40401 ? 1  DC B OP2   1 
ATOM   433 O "O5'" . DC B 2 1  ? -3.79792  7.46626   -10.87258 1.000 120.15071 ? 1  DC B "O5'" 1 
ATOM   434 C "C5'" . DC B 2 1  ? -4.02694  6.08373   -11.11640 1.000 145.28507 ? 1  DC B "C5'" 1 
ATOM   435 C "C4'" . DC B 2 1  ? -3.00883  5.54919   -12.10008 1.000 140.77226 ? 1  DC B "C4'" 1 
ATOM   436 O "O4'" . DC B 2 1  ? -1.98203  6.54898   -12.30581 1.000 110.73150 ? 1  DC B "O4'" 1 
ATOM   437 C "C3'" . DC B 2 1  ? -2.28408  4.27925   -11.65434 1.000 140.02205 ? 1  DC B "C3'" 1 
ATOM   438 O "O3'" . DC B 2 1  ? -2.05982  3.43361   -12.76700 1.000 144.40592 ? 1  DC B "O3'" 1 
ATOM   439 C "C2'" . DC B 2 1  ? -0.97191  4.80625   -11.08775 1.000 125.50714 ? 1  DC B "C2'" 1 
ATOM   440 C "C1'" . DC B 2 1  ? -0.71629  6.02286   -11.96115 1.000 113.81931 ? 1  DC B "C1'" 1 
ATOM   441 N N1    . DC B 2 1  ? 0.07334   7.10491   -11.28372 1.000 107.26336 ? 1  DC B N1    1 
ATOM   442 C C2    . DC B 2 1  ? 1.43517   6.89942   -10.99213 1.000 94.81851  ? 1  DC B C2    1 
ATOM   443 O O2    . DC B 2 1  ? 1.96434   5.81953   -11.28964 1.000 107.22218 ? 1  DC B O2    1 
ATOM   444 N N3    . DC B 2 1  ? 2.13176   7.89103   -10.38777 1.000 101.00250 ? 1  DC B N3    1 
ATOM   445 C C4    . DC B 2 1  ? 1.52347   9.04302   -10.08192 1.000 129.62203 ? 1  DC B C4    1 
ATOM   446 N N4    . DC B 2 1  ? 2.25036   9.98932   -9.48444  1.000 157.21836 ? 1  DC B N4    1 
ATOM   447 C C5    . DC B 2 1  ? 0.14223   9.27521   -10.37502 1.000 122.26447 ? 1  DC B C5    1 
ATOM   448 C C6    . DC B 2 1  ? -0.53713  8.29002   -10.96854 1.000 111.35650 ? 1  DC B C6    1 
ATOM   449 P P     . DC B 2 2  ? -2.96219  2.11943   -12.97789 1.000 180.03229 ? 2  DC B P     1 
ATOM   450 O OP1   . DC B 2 2  ? -2.38765  1.40566   -14.14279 1.000 194.40357 ? 2  DC B OP1   1 
ATOM   451 O OP2   . DC B 2 2  ? -4.39492  2.51618   -13.02208 1.000 140.12286 ? 2  DC B OP2   1 
ATOM   452 O "O5'" . DC B 2 2  ? -2.65816  1.24376   -11.67066 1.000 166.34391 ? 2  DC B "O5'" 1 
ATOM   453 C "C5'" . DC B 2 2  ? -1.53910  0.37134   -11.68071 1.000 181.32186 ? 2  DC B "C5'" 1 
ATOM   454 C "C4'" . DC B 2 2  ? -0.81924  0.35109   -10.34344 1.000 170.20696 ? 2  DC B "C4'" 1 
ATOM   455 O "O4'" . DC B 2 2  ? -0.51124  1.69686   -9.90592  1.000 158.47717 ? 2  DC B "O4'" 1 
ATOM   456 C "C3'" . DC B 2 2  ? -1.58729  -0.30200  -9.19419  1.000 147.76272 ? 2  DC B "C3'" 1 
ATOM   457 O "O3'" . DC B 2 2  ? -0.76341  -1.27333  -8.58575  1.000 147.71740 ? 2  DC B "O3'" 1 
ATOM   458 C "C2'" . DC B 2 2  ? -1.87003  0.86538   -8.24652  1.000 141.41385 ? 2  DC B "C2'" 1 
ATOM   459 C "C1'" . DC B 2 2  ? -0.66474  1.73940   -8.51186  1.000 131.09343 ? 2  DC B "C1'" 1 
ATOM   460 N N1    . DC B 2 2  ? -0.82455  3.16889   -8.08520  1.000 164.98870 ? 2  DC B N1    1 
ATOM   461 C C2    . DC B 2 2  ? 0.29908   3.87494   -7.61356  1.000 146.37418 ? 2  DC B C2    1 
ATOM   462 O O2    . DC B 2 2  ? 1.39300   3.29236   -7.55925  1.000 132.64370 ? 2  DC B O2    1 
ATOM   463 N N3    . DC B 2 2  ? 0.15490   5.17286   -7.23229  1.000 110.66733 ? 2  DC B N3    1 
ATOM   464 C C4    . DC B 2 2  ? -1.05006  5.75710   -7.31556  1.000 104.97865 ? 2  DC B C4    1 
ATOM   465 N N4    . DC B 2 2  ? -1.14845  7.03226   -6.93357  1.000 113.31223 ? 2  DC B N4    1 
ATOM   466 C C5    . DC B 2 2  ? -2.20848  5.05554   -7.79334  1.000 94.17263  ? 2  DC B C5    1 
ATOM   467 C C6    . DC B 2 2  ? -2.05368  3.77512   -8.15771  1.000 135.59416 ? 2  DC B C6    1 
ATOM   468 P P     . DG B 2 3  ? -1.07406  -2.83409  -8.80545  1.000 157.09924 ? 3  DG B P     1 
ATOM   469 O OP1   . DG B 2 3  ? -0.80702  -3.16653  -10.22590 1.000 153.12444 ? 3  DG B OP1   1 
ATOM   470 O OP2   . DG B 2 3  ? -2.42468  -3.07929  -8.24769  1.000 178.14613 ? 3  DG B OP2   1 
ATOM   471 O "O5'" . DG B 2 3  ? 0.00999   -3.57641  -7.88313  1.000 140.91431 ? 3  DG B "O5'" 1 
ATOM   472 C "C5'" . DG B 2 3  ? 1.34080   -3.75680  -8.35525  1.000 150.97230 ? 3  DG B "C5'" 1 
ATOM   473 C "C4'" . DG B 2 3  ? 2.36433   -3.37731  -7.29306  1.000 164.62885 ? 3  DG B "C4'" 1 
ATOM   474 O "O4'" . DG B 2 3  ? 2.15024   -2.00846  -6.86558  1.000 148.23339 ? 3  DG B "O4'" 1 
ATOM   475 C "C3'" . DG B 2 3  ? 2.34705   -4.22656  -6.02621  1.000 153.86688 ? 3  DG B "C3'" 1 
ATOM   476 O "O3'" . DG B 2 3  ? 3.67708   -4.40001  -5.54865  1.000 184.02462 ? 3  DG B "O3'" 1 
ATOM   477 C "C2'" . DG B 2 3  ? 1.50167   -3.39951  -5.06192  1.000 138.87803 ? 3  DG B "C2'" 1 
ATOM   478 C "C1'" . DG B 2 3  ? 1.81783   -1.97089  -5.49231  1.000 154.03948 ? 3  DG B "C1'" 1 
ATOM   479 N N9    . DG B 2 3  ? 0.69134   -1.06739  -5.34410  1.000 149.66609 ? 3  DG B N9    1 
ATOM   480 C C8    . DG B 2 3  ? -0.62369  -1.32259  -5.64858  1.000 164.17832 ? 3  DG B C8    1 
ATOM   481 N N7    . DG B 2 3  ? -1.41655  -0.31378  -5.41527  1.000 139.45346 ? 3  DG B N7    1 
ATOM   482 C C5    . DG B 2 3  ? -0.56723  0.67653   -4.94211  1.000 136.10196 ? 3  DG B C5    1 
ATOM   483 C C6    . DG B 2 3  ? -0.84775  1.99810   -4.52329  1.000 119.79959 ? 3  DG B C6    1 
ATOM   484 O O6    . DG B 2 3  ? -1.94000  2.57885   -4.49085  1.000 102.79227 ? 3  DG B O6    1 
ATOM   485 N N1    . DG B 2 3  ? 0.30246   2.65885   -4.11275  1.000 106.27330 ? 3  DG B N1    1 
ATOM   486 C C2    . DG B 2 3  ? 1.56750   2.11308   -4.10623  1.000 145.48106 ? 3  DG B C2    1 
ATOM   487 N N2    . DG B 2 3  ? 2.55672   2.90123   -3.67648  1.000 137.78261 ? 3  DG B N2    1 
ATOM   488 N N3    . DG B 2 3  ? 1.84313   0.87802   -4.49284  1.000 146.87366 ? 3  DG B N3    1 
ATOM   489 C C4    . DG B 2 3  ? 0.73452   0.22290   -4.89646  1.000 142.08815 ? 3  DG B C4    1 
ATOM   490 P P     . DT B 2 4  ? 3.95457   -5.19028  -4.17840  1.000 221.14192 ? 4  DT B P     1 
ATOM   491 O OP1   . DT B 2 4  ? 5.30174   -5.80892  -4.27694  1.000 192.97204 ? 4  DT B OP1   1 
ATOM   492 O OP2   . DT B 2 4  ? 2.76119   -6.01180  -3.87104  1.000 230.77764 ? 4  DT B OP2   1 
ATOM   493 O "O5'" . DT B 2 4  ? 4.02300   -4.03019  -3.09393  1.000 161.51329 ? 4  DT B "O5'" 1 
ATOM   494 C "C5'" . DT B 2 4  ? 4.96462   -3.00019  -3.25279  1.000 180.07394 ? 4  DT B "C5'" 1 
ATOM   495 C "C4'" . DT B 2 4  ? 4.81368   -1.98011  -2.15312  1.000 199.39831 ? 4  DT B "C4'" 1 
ATOM   496 O "O4'" . DT B 2 4  ? 3.57301   -1.25409  -2.33304  1.000 178.50701 ? 4  DT B "O4'" 1 
ATOM   497 C "C3'" . DT B 2 4  ? 4.75855   -2.56489  -0.73130  1.000 187.36030 ? 4  DT B "C3'" 1 
ATOM   498 O "O3'" . DT B 2 4  ? 5.65851   -1.85069  0.11533   1.000 203.95577 ? 4  DT B "O3'" 1 
ATOM   499 C "C2'" . DT B 2 4  ? 3.30332   -2.34088  -0.31759  1.000 153.66073 ? 4  DT B "C2'" 1 
ATOM   500 C "C1'" . DT B 2 4  ? 3.00570   -1.06105  -1.06662  1.000 167.55023 ? 4  DT B "C1'" 1 
ATOM   501 N N1    . DT B 2 4  ? 1.57847   -0.78453  -1.22308  1.000 160.65332 ? 4  DT B N1    1 
ATOM   502 C C2    . DT B 2 4  ? 1.08438   0.42245   -0.78114  1.000 169.56727 ? 4  DT B C2    1 
ATOM   503 O O2    . DT B 2 4  ? 1.77917   1.28304   -0.26342  1.000 173.57575 ? 4  DT B O2    1 
ATOM   504 N N3    . DT B 2 4  ? -0.25656  0.59392   -0.96956  1.000 150.66173 ? 4  DT B N3    1 
ATOM   505 C C4    . DT B 2 4  ? -1.13715  -0.31153  -1.53934  1.000 149.32248 ? 4  DT B C4    1 
ATOM   506 O O4    . DT B 2 4  ? -2.33115  -0.06989  -1.66234  1.000 152.89824 ? 4  DT B O4    1 
ATOM   507 C C5    . DT B 2 4  ? -0.55016  -1.55886  -1.98061  1.000 130.26620 ? 4  DT B C5    1 
ATOM   508 C C7    . DT B 2 4  ? -1.40711  -2.61247  -2.61229  1.000 133.09398 ? 4  DT B C7    1 
ATOM   509 C C6    . DT B 2 4  ? 0.76568   -1.73329  -1.80289  1.000 134.01255 ? 4  DT B C6    1 
ATOM   510 P P     . DA B 2 5  ? 5.96719   -2.36285  1.60829   1.000 213.89221 ? 5  DA B P     1 
ATOM   511 O OP1   . DA B 2 5  ? 7.43953   -2.42561  1.75893   1.000 213.01260 ? 5  DA B OP1   1 
ATOM   512 O OP2   . DA B 2 5  ? 5.16347   -3.58212  1.84524   1.000 244.18170 ? 5  DA B OP2   1 
ATOM   513 O "O5'" . DA B 2 5  ? 5.39779   -1.18903  2.54453   1.000 178.66009 ? 5  DA B "O5'" 1 
ATOM   514 C "C5'" . DA B 2 5  ? 5.94278   0.12392   2.44122   1.000 183.36927 ? 5  DA B "C5'" 1 
ATOM   515 C "C4'" . DA B 2 5  ? 5.02936   1.16225   3.07691   1.000 177.05761 ? 5  DA B "C4'" 1 
ATOM   516 O "O4'" . DA B 2 5  ? 3.71511   1.11917   2.46022   1.000 151.40023 ? 5  DA B "O4'" 1 
ATOM   517 C "C3'" . DA B 2 5  ? 4.79836   0.99701   4.57780   1.000 156.43045 ? 5  DA B "C3'" 1 
ATOM   518 O "O3'" . DA B 2 5  ? 4.79605   2.26781   5.19787   1.000 163.89167 ? 5  DA B "O3'" 1 
ATOM   519 C "C2'" . DA B 2 5  ? 3.42168   0.34977   4.64352   1.000 156.92500 ? 5  DA B "C2'" 1 
ATOM   520 C "C1'" . DA B 2 5  ? 2.73351   1.01547   3.46674   1.000 136.76514 ? 5  DA B "C1'" 1 
ATOM   521 N N9    . DA B 2 5  ? 1.61036   0.25418   2.93508   1.000 149.81648 ? 5  DA B N9    1 
ATOM   522 C C8    . DA B 2 5  ? 1.64494   -0.99412  2.36708   1.000 138.40603 ? 5  DA B C8    1 
ATOM   523 N N7    . DA B 2 5  ? 0.46896   -1.42780  1.96925   1.000 139.61076 ? 5  DA B N7    1 
ATOM   524 C C5    . DA B 2 5  ? -0.39610  -0.38370  2.29672   1.000 180.89483 ? 5  DA B C5    1 
ATOM   525 C C6    . DA B 2 5  ? -1.79532  -0.20399  2.13723   1.000 179.21989 ? 5  DA B C6    1 
ATOM   526 N N6    . DA B 2 5  ? -2.59898  -1.11988  1.58360   1.000 182.25234 ? 5  DA B N6    1 
ATOM   527 N N1    . DA B 2 5  ? -2.33353  0.96336   2.56981   1.000 152.03639 ? 5  DA B N1    1 
ATOM   528 C C2    . DA B 2 5  ? -1.52540  1.87366   3.12908   1.000 155.86640 ? 5  DA B C2    1 
ATOM   529 N N3    . DA B 2 5  ? -0.20823  1.82079   3.33007   1.000 145.72300 ? 5  DA B N3    1 
ATOM   530 C C4    . DA B 2 5  ? 0.29851   0.65770   2.88959   1.000 166.83879 ? 5  DA B C4    1 
HETATM 531 P P     . DZ B 2 6  ? 5.51408   2.46458   6.61969   1.000 207.87112 ? 6  DZ B P     1 
HETATM 532 O OP1   . DZ B 2 6  ? 6.53476   3.58007   6.53960   1.000 189.32926 ? 6  DZ B OP1   1 
HETATM 533 O OP2   . DZ B 2 6  ? 6.14439   1.13832   7.00152   1.000 149.15119 ? 6  DZ B OP2   1 
HETATM 534 O "O5'" . DZ B 2 6  ? 4.28427   2.90536   7.62209   1.000 186.37658 ? 6  DZ B "O5'" 1 
HETATM 535 C "C5'" . DZ B 2 6  ? 3.48942   3.96745   7.17967   1.000 167.63454 ? 6  DZ B "C5'" 1 
HETATM 536 C "C4'" . DZ B 2 6  ? 1.95760   3.68684   7.47049   1.000 170.37683 ? 6  DZ B "C4'" 1 
HETATM 537 O "O4'" . DZ B 2 6  ? 1.47423   2.83661   6.70180   1.000 180.60350 ? 6  DZ B "O4'" 1 
HETATM 538 C "C1'" . DZ B 2 6  ? 0.34020   2.12271   7.61477   1.000 154.99727 ? 6  DZ B "C1'" 1 
HETATM 539 C C1    . DZ B 2 6  ? -0.27614  0.91995   6.87377   1.000 146.38544 ? 6  DZ B C1    1 
HETATM 540 C C2    . DZ B 2 6  ? -1.63190  0.91176   6.58506   1.000 152.55396 ? 6  DZ B C2    1 
HETATM 541 O O2    . DZ B 2 6  ? -2.44148  1.97567   6.97714   1.000 159.71678 ? 6  DZ B O2    1 
HETATM 542 N N3    . DZ B 2 6  ? -2.19493  -0.12348  5.92713   1.000 153.33480 ? 6  DZ B N3    1 
HETATM 543 C C4    . DZ B 2 6  ? -1.43890  -1.15993  5.53661   1.000 147.98806 ? 6  DZ B C4    1 
HETATM 544 C C5    . DZ B 2 6  ? -0.08295  -1.16109  5.81474   1.000 146.20825 ? 6  DZ B C5    1 
HETATM 545 C C6    . DZ B 2 6  ? 0.48801   -0.12242  6.47695   1.000 137.49832 ? 6  DZ B C6    1 
HETATM 546 N N     . DZ B 2 6  ? 0.72147   -2.29270  5.39412   1.000 192.95957 ? 6  DZ B N     1 
HETATM 547 O ON1   . DZ B 2 6  ? 1.82430   -2.68892  6.16623   1.000 204.46132 ? 6  DZ B ON1   1 
HETATM 548 O ON2   . DZ B 2 6  ? 0.44238   -2.87968  4.41375   1.000 199.90014 ? 6  DZ B ON2   1 
HETATM 549 N N4    . DZ B 2 6  ? -2.06558  -2.26199  4.83192   1.000 164.65707 ? 6  DZ B N4    1 
HETATM 550 C "C2'" . DZ B 2 6  ? 0.98760   1.81486   8.65570   1.000 145.43758 ? 6  DZ B "C2'" 1 
HETATM 551 C "C3'" . DZ B 2 6  ? 1.77770   3.06295   8.88404   1.000 136.57726 ? 6  DZ B "C3'" 1 
HETATM 552 O "O3'" . DZ B 2 6  ? 1.04405   3.94294   9.63097   1.000 120.12031 ? 6  DZ B "O3'" 1 
ATOM   553 P P     . DA B 2 7  ? 1.46610   4.26463   11.15001  1.000 148.68080 ? 7  DA B P     1 
ATOM   554 O OP1   . DA B 2 7  ? 2.12250   5.60433   11.17203  1.000 115.88198 ? 7  DA B OP1   1 
ATOM   555 O OP2   . DA B 2 7  ? 2.15126   3.04486   11.67426  1.000 109.83615 ? 7  DA B OP2   1 
ATOM   556 O "O5'" . DA B 2 7  ? 0.06037   4.40966   11.89895  1.000 150.34920 ? 7  DA B "O5'" 1 
ATOM   557 C "C5'" . DA B 2 7  ? -1.01136  5.07228   11.24393  1.000 154.29473 ? 7  DA B "C5'" 1 
ATOM   558 C "C4'" . DA B 2 7  ? -2.31507  4.32617   11.45014  1.000 133.35385 ? 7  DA B "C4'" 1 
ATOM   559 O "O4'" . DA B 2 7  ? -2.44008  3.25060   10.47959  1.000 98.36338  ? 7  DA B "O4'" 1 
ATOM   560 C "C3'" . DA B 2 7  ? -2.46565  3.66973   12.82625  1.000 155.46704 ? 7  DA B "C3'" 1 
ATOM   561 O "O3'" . DA B 2 7  ? -3.75656  3.94089   13.34920  1.000 149.82993 ? 7  DA B "O3'" 1 
ATOM   562 C "C2'" . DA B 2 7  ? -2.29238  2.18584   12.51491  1.000 148.75145 ? 7  DA B "C2'" 1 
ATOM   563 C "C1'" . DA B 2 7  ? -2.93406  2.12541   11.14832  1.000 93.90134  ? 7  DA B "C1'" 1 
ATOM   564 N N9    . DA B 2 7  ? -2.60564  0.93048   10.38828  1.000 113.88927 ? 7  DA B N9    1 
ATOM   565 C C8    . DA B 2 7  ? -1.38405  0.33591   10.25156  1.000 127.55249 ? 7  DA B C8    1 
ATOM   566 N N7    . DA B 2 7  ? -1.40360  -0.74334  9.49847   1.000 142.06158 ? 7  DA B N7    1 
ATOM   567 C C5    . DA B 2 7  ? -2.73571  -0.86455  9.13011   1.000 143.38936 ? 7  DA B C5    1 
ATOM   568 C C6    . DA B 2 7  ? -3.43014  -1.80217  8.33440   1.000 152.12800 ? 7  DA B C6    1 
ATOM   569 N N6    . DA B 2 7  ? -2.84607  -2.84685  7.74100   1.000 153.37035 ? 7  DA B N6    1 
ATOM   570 N N1    . DA B 2 7  ? -4.75904  -1.61982  8.17287   1.000 164.76116 ? 7  DA B N1    1 
ATOM   571 C C2    . DA B 2 7  ? -5.34299  -0.57669  8.76700   1.000 162.93992 ? 7  DA B C2    1 
ATOM   572 N N3    . DA B 2 7  ? -4.80167  0.36163   9.53329   1.000 154.23170 ? 7  DA B N3    1 
ATOM   573 C C4    . DA B 2 7  ? -3.48461  0.15944   9.67528   1.000 141.18047 ? 7  DA B C4    1 
ATOM   574 P P     . DG C 3 1  ? -1.53396  0.86138   16.62571  1.000 138.34466 ? 8  DG C P     1 
ATOM   575 O OP1   . DG C 3 1  ? -1.42649  -0.55860  16.19325  1.000 111.87213 ? 8  DG C OP1   1 
ATOM   576 O OP2   . DG C 3 1  ? -1.43957  1.24724   18.05877  1.000 130.02762 ? 8  DG C OP2   1 
ATOM   577 O "O5'" . DG C 3 1  ? -2.91275  1.45559   16.08828  1.000 163.06508 ? 8  DG C "O5'" 1 
ATOM   578 C "C5'" . DG C 3 1  ? -4.10294  0.74377   16.30984  1.000 166.68970 ? 8  DG C "C5'" 1 
ATOM   579 C "C4'" . DG C 3 1  ? -4.92800  0.67625   15.04413  1.000 183.06968 ? 8  DG C "C4'" 1 
ATOM   580 O "O4'" . DG C 3 1  ? -4.11492  0.23251   13.94558  1.000 141.28739 ? 8  DG C "O4'" 1 
ATOM   581 C "C3'" . DG C 3 1  ? -6.05545  -0.32249  15.09336  1.000 201.33907 ? 8  DG C "C3'" 1 
ATOM   582 O "O3'" . DG C 3 1  ? -7.17401  0.27536   15.71838  1.000 218.87997 ? 8  DG C "O3'" 1 
ATOM   583 C "C2'" . DG C 3 1  ? -6.31448  -0.60832  13.61039  1.000 172.71306 ? 8  DG C "C2'" 1 
ATOM   584 C "C1'" . DG C 3 1  ? -4.95248  -0.32761  12.95570  1.000 144.71651 ? 8  DG C "C1'" 1 
ATOM   585 N N9    . DG C 3 1  ? -4.29151  -1.51082  12.42138  1.000 153.79971 ? 8  DG C N9    1 
ATOM   586 C C8    . DG C 3 1  ? -2.97644  -1.87151  12.61804  1.000 173.45178 ? 8  DG C C8    1 
ATOM   587 N N7    . DG C 3 1  ? -2.64371  -2.97945  12.01758  1.000 186.97490 ? 8  DG C N7    1 
ATOM   588 C C5    . DG C 3 1  ? -3.81211  -3.38218  11.37437  1.000 176.87432 ? 8  DG C C5    1 
ATOM   589 C C6    . DG C 3 1  ? -4.05267  -4.51594  10.56709  1.000 167.16891 ? 8  DG C C6    1 
ATOM   590 O O6    . DG C 3 1  ? -3.26139  -5.41153  10.25381  1.000 182.04290 ? 8  DG C O6    1 
ATOM   591 N N1    . DG C 3 1  ? -5.36975  -4.55617  10.11016  1.000 146.97139 ? 8  DG C N1    1 
ATOM   592 C C2    . DG C 3 1  ? -6.33191  -3.61626  10.39913  1.000 163.06447 ? 8  DG C C2    1 
ATOM   593 N N2    . DG C 3 1  ? -7.54765  -3.82568  9.87004   1.000 176.41413 ? 8  DG C N2    1 
ATOM   594 N N3    . DG C 3 1  ? -6.11929  -2.54352  11.15800  1.000 152.98816 ? 8  DG C N3    1 
ATOM   595 C C4    . DG C 3 1  ? -4.83491  -2.49122  11.61174  1.000 164.44743 ? 8  DG C C4    1 
ATOM   596 P P     . DG C 3 2  ? -8.43982  -0.61727  16.13530  1.000 175.27571 ? 9  DG C P     1 
ATOM   597 O OP1   . DG C 3 2  ? -9.12622  0.07714   17.25112  1.000 209.27999 ? 9  DG C OP1   1 
ATOM   598 O OP2   . DG C 3 2  ? -7.94916  -2.00690  16.30069  1.000 137.83857 ? 9  DG C OP2   1 
ATOM   599 O "O5'" . DG C 3 2  ? -9.37809  -0.55622  14.84123  1.000 186.05264 ? 9  DG C "O5'" 1 
ATOM   600 C "C5'" . DG C 3 2  ? -10.77508 -0.75905  14.96139  1.000 192.87129 ? 9  DG C "C5'" 1 
ATOM   601 C "C4'" . DG C 3 2  ? -11.19184 -1.99642  14.19785  1.000 201.99640 ? 9  DG C "C4'" 1 
ATOM   602 O "O4'" . DG C 3 2  ? -10.03286 -2.51815  13.46992  1.000 177.80598 ? 9  DG C "O4'" 1 
ATOM   603 C "C3'" . DG C 3 2  ? -11.70204 -3.14436  15.08219  1.000 188.71051 ? 9  DG C "C3'" 1 
ATOM   604 O "O3'" . DG C 3 2  ? -12.90658 -3.75544  14.51758  1.000 176.43231 ? 9  DG C "O3'" 1 
ATOM   605 C "C2'" . DG C 3 2  ? -10.51066 -4.10116  15.09726  1.000 209.89092 ? 9  DG C "C2'" 1 
ATOM   606 C "C1'" . DG C 3 2  ? -9.95774  -3.89966  13.69296  1.000 192.51802 ? 9  DG C "C1'" 1 
ATOM   607 N N9    . DG C 3 2  ? -8.58646  -4.37637  13.53260  1.000 191.53605 ? 9  DG C N9    1 
ATOM   608 C C8    . DG C 3 2  ? -7.43979  -3.80320  14.02531  1.000 190.79684 ? 9  DG C C8    1 
ATOM   609 N N7    . DG C 3 2  ? -6.35828  -4.47957  13.74324  1.000 205.84812 ? 9  DG C N7    1 
ATOM   610 C C5    . DG C 3 2  ? -6.81962  -5.58002  13.02536  1.000 197.69669 ? 9  DG C C5    1 
ATOM   611 C C6    . DG C 3 2  ? -6.10596  -6.66701  12.45147  1.000 180.09865 ? 9  DG C C6    1 
ATOM   612 O O6    . DG C 3 2  ? -4.88454  -6.87764  12.46761  1.000 170.42735 ? 9  DG C O6    1 
ATOM   613 N N1    . DG C 3 2  ? -6.95852  -7.56493  11.80976  1.000 181.38222 ? 9  DG C N1    1 
ATOM   614 C C2    . DG C 3 2  ? -8.32776  -7.42787  11.72950  1.000 188.29543 ? 9  DG C C2    1 
ATOM   615 N N2    . DG C 3 2  ? -8.99091  -8.39244  11.07232  1.000 195.96190 ? 9  DG C N2    1 
ATOM   616 N N3    . DG C 3 2  ? -9.00542  -6.41575  12.26405  1.000 178.43728 ? 9  DG C N3    1 
ATOM   617 C C4    . DG C 3 2  ? -8.18934  -5.53327  12.89292  1.000 189.94454 ? 9  DG C C4    1 
ATOM   618 P P     . DC C 3 3  ? -13.03995 -5.36097  14.44325  1.000 215.83099 ? 10 DC C P     1 
ATOM   619 O OP1   . DC C 3 3  ? -12.92503 -5.88865  15.82115  1.000 210.54481 ? 10 DC C OP1   1 
ATOM   620 O OP2   . DC C 3 3  ? -12.17607 -5.81095  13.33065  1.000 227.15458 ? 10 DC C OP2   1 
ATOM   621 O "O5'" . DC C 3 3  ? -14.51668 -5.66764  13.90926  1.000 216.07031 ? 10 DC C "O5'" 1 
ATOM   622 C "C5'" . DC C 3 3  ? -14.70198 -6.51115  12.73377  1.000 251.01128 ? 10 DC C "C5'" 1 
ATOM   623 C "C4'" . DC C 3 3  ? -14.33763 -7.98558  12.98639  1.000 246.91079 ? 10 DC C "C4'" 1 
ATOM   624 O "O4'" . DC C 3 3  ? -12.93297 -8.21042  12.73259  1.000 230.92623 ? 10 DC C "O4'" 1 
ATOM   625 C "C3'" . DC C 3 3  ? -14.58450 -8.49630  14.39739  1.000 229.94825 ? 10 DC C "C3'" 1 
ATOM   626 O "O3'" . DC C 3 3  ? -15.89415 -9.09685  14.47990  1.000 239.56306 ? 10 DC C "O3'" 1 
ATOM   627 C "C2'" . DC C 3 3  ? -13.44418 -9.50480  14.65406  1.000 208.59994 ? 10 DC C "C2'" 1 
ATOM   628 C "C1'" . DC C 3 3  ? -12.49945 -9.34099  13.45465  1.000 208.90045 ? 10 DC C "C1'" 1 
ATOM   629 N N1    . DC C 3 3  ? -11.06200 -9.13394  13.84935  1.000 207.18808 ? 10 DC C N1    1 
ATOM   630 C C2    . DC C 3 3  ? -10.07623 -10.04584 13.44123  1.000 220.48844 ? 10 DC C C2    1 
ATOM   631 O O2    . DC C 3 3  ? -10.40192 -11.01727 12.74650  1.000 230.56327 ? 10 DC C O2    1 
ATOM   632 N N3    . DC C 3 3  ? -8.78313  -9.83017  13.81688  1.000 223.06808 ? 10 DC C N3    1 
ATOM   633 C C4    . DC C 3 3  ? -8.47355  -8.76924  14.56780  1.000 202.87857 ? 10 DC C C4    1 
ATOM   634 N N4    . DC C 3 3  ? -7.19184  -8.58966  14.91487  1.000 195.65618 ? 10 DC C N4    1 
ATOM   635 C C5    . DC C 3 3  ? -9.46309  -7.83777  14.99110  1.000 204.38087 ? 10 DC C C5    1 
ATOM   636 C C6    . DC C 3 3  ? -10.72643 -8.05535  14.61314  1.000 214.63616 ? 10 DC C C6    1 
ATOM   637 P P     . DT C 3 4  ? -16.14285 -10.65684 14.15720  1.000 266.03320 ? 11 DT C P     1 
ATOM   638 O OP1   . DT C 3 4  ? -15.36854 -11.08067 12.96732  1.000 252.14003 ? 11 DT C OP1   1 
ATOM   639 O OP2   . DT C 3 4  ? -17.61062 -10.84409 14.14008  1.000 272.09902 ? 11 DT C OP2   1 
ATOM   640 O "O5'" . DT C 3 4  ? -15.59604 -11.40746 15.45538  1.000 233.28391 ? 11 DT C "O5'" 1 
ATOM   641 C "C5'" . DT C 3 4  ? -16.02896 -12.71647 15.74303  1.000 242.89711 ? 11 DT C "C5'" 1 
ATOM   642 C "C4'" . DT C 3 4  ? -15.20718 -13.73945 14.98601  1.000 224.89703 ? 11 DT C "C4'" 1 
ATOM   643 O "O4'" . DT C 3 4  ? -13.99537 -13.12840 14.49014  1.000 213.67048 ? 11 DT C "O4'" 1 
ATOM   644 C "C3'" . DT C 3 4  ? -14.73769 -14.89975 15.83376  1.000 231.97912 ? 11 DT C "C3'" 1 
ATOM   645 O "O3'" . DT C 3 4  ? -15.79017 -15.89172 15.92602  1.000 248.40579 ? 11 DT C "O3'" 1 
ATOM   646 C "C2'" . DT C 3 4  ? -13.49603 -15.38348 15.08453  1.000 227.73997 ? 11 DT C "C2'" 1 
ATOM   647 C "C1'" . DT C 3 4  ? -12.96369 -14.09974 14.43266  1.000 231.69292 ? 11 DT C "C1'" 1 
ATOM   648 N N1    . DT C 3 4  ? -11.73099 -13.54166 15.09057  1.000 241.40449 ? 11 DT C N1    1 
ATOM   649 C C2    . DT C 3 4  ? -10.55006 -14.25079 15.03007  1.000 236.88581 ? 11 DT C C2    1 
ATOM   650 O O2    . DT C 3 4  ? -10.44405 -15.32927 14.47229  1.000 248.11779 ? 11 DT C O2    1 
ATOM   651 N N3    . DT C 3 4  ? -9.48681  -13.64870 15.65437  1.000 223.43249 ? 11 DT C N3    1 
ATOM   652 C C4    . DT C 3 4  ? -9.48341  -12.43401 16.31572  1.000 207.05920 ? 11 DT C C4    1 
ATOM   653 O O4    . DT C 3 4  ? -8.47569  -11.97546 16.84636  1.000 189.82739 ? 11 DT C O4    1 
ATOM   654 C C5    . DT C 3 4  ? -10.74829 -11.74251 16.33872  1.000 205.86499 ? 11 DT C C5    1 
ATOM   655 C C7    . DT C 3 4  ? -10.86500 -10.42036 17.03034  1.000 189.70146 ? 11 DT C C7    1 
ATOM   656 C C6    . DT C 3 4  ? -11.79809 -12.32072 15.73136  1.000 226.82076 ? 11 DT C C6    1 
ATOM   657 P P     . DG C 3 5  ? -15.74809 -17.27935 15.10975  1.000 268.24920 ? 12 DG C P     1 
ATOM   658 O OP1   . DG C 3 5  ? -15.48110 -17.01920 13.67524  1.000 244.84469 ? 12 DG C OP1   1 
ATOM   659 O OP2   . DG C 3 5  ? -16.99542 -17.99608 15.45675  1.000 292.42453 ? 12 DG C OP2   1 
ATOM   660 O "O5'" . DG C 3 5  ? -14.55747 -18.09505 15.79872  1.000 232.04771 ? 12 DG C "O5'" 1 
ATOM   661 C "C5'" . DG C 3 5  ? -13.76863 -18.98134 15.03140  1.000 234.89065 ? 12 DG C "C5'" 1 
ATOM   662 C "C4'" . DG C 3 5  ? -12.43542 -19.22519 15.70892  1.000 231.68264 ? 12 DG C "C4'" 1 
ATOM   663 O "O4'" . DG C 3 5  ? -11.81302 -17.96231 16.02698  1.000 211.35618 ? 12 DG C "O4'" 1 
ATOM   664 C "C3'" . DG C 3 5  ? -12.51389 -19.99763 17.03078  1.000 229.51165 ? 12 DG C "C3'" 1 
ATOM   665 O "O3'" . DG C 3 5  ? -11.82687 -21.22934 16.90315  1.000 240.11603 ? 12 DG C "O3'" 1 
ATOM   666 C "C2'" . DG C 3 5  ? -11.83832 -19.07433 18.05958  1.000 197.19192 ? 12 DG C "C2'" 1 
ATOM   667 C "C1'" . DG C 3 5  ? -11.03161 -18.14315 17.17268  1.000 204.16429 ? 12 DG C "C1'" 1 
ATOM   668 N N9    . DG C 3 5  ? -10.77463 -16.84132 17.77147  1.000 194.28011 ? 12 DG C N9    1 
ATOM   669 C C8    . DG C 3 5  ? -11.67781 -15.82779 17.97181  1.000 191.83693 ? 12 DG C C8    1 
ATOM   670 N N7    . DG C 3 5  ? -11.15364 -14.77084 18.52977  1.000 211.13656 ? 12 DG C N7    1 
ATOM   671 C C5    . DG C 3 5  ? -9.81645  -15.10719 18.70923  1.000 217.40356 ? 12 DG C C5    1 
ATOM   672 C C6    . DG C 3 5  ? -8.74945  -14.35937 19.26880  1.000 211.27322 ? 12 DG C C6    1 
ATOM   673 O O6    . DG C 3 5  ? -8.78208  -13.21063 19.73314  1.000 196.39878 ? 12 DG C O6    1 
ATOM   674 N N1    . DG C 3 5  ? -7.55041  -15.07650 19.25883  1.000 215.10423 ? 12 DG C N1    1 
ATOM   675 C C2    . DG C 3 5  ? -7.40245  -16.35687 18.76799  1.000 220.16358 ? 12 DG C C2    1 
ATOM   676 N N2    . DG C 3 5  ? -6.17179  -16.89408 18.84057  1.000 202.72013 ? 12 DG C N2    1 
ATOM   677 N N3    . DG C 3 5  ? -8.39626  -17.06574 18.24368  1.000 225.18071 ? 12 DG C N3    1 
ATOM   678 C C4    . DG C 3 5  ? -9.56714  -16.38061 18.24597  1.000 216.30464 ? 12 DG C C4    1 
ATOM   679 P P     . DC C 3 6  ? -11.94096 -22.33954 18.05623  1.000 243.03830 ? 13 DC C P     1 
ATOM   680 O OP1   . DC C 3 6  ? -11.88794 -23.66863 17.40534  1.000 225.85268 ? 13 DC C OP1   1 
ATOM   681 O OP2   . DC C 3 6  ? -13.09879 -21.97289 18.90185  1.000 253.28775 ? 13 DC C OP2   1 
ATOM   682 O "O5'" . DC C 3 6  ? -10.60861 -22.13076 18.91595  1.000 232.70867 ? 13 DC C "O5'" 1 
ATOM   683 C "C5'" . DC C 3 6  ? -9.34693  -22.10170 18.26047  1.000 249.09353 ? 13 DC C "C5'" 1 
ATOM   684 C "C4'" . DC C 3 6  ? -8.22606  -21.86157 19.25285  1.000 247.41009 ? 13 DC C "C4'" 1 
ATOM   685 O "O4'" . DC C 3 6  ? -8.11536  -20.44442 19.53741  1.000 235.57112 ? 13 DC C "O4'" 1 
ATOM   686 C "C3'" . DC C 3 6  ? -8.40057  -22.55923 20.60324  1.000 236.63572 ? 13 DC C "C3'" 1 
ATOM   687 O "O3'" . DC C 3 6  ? -7.22210  -23.27175 20.92591  1.000 236.38868 ? 13 DC C "O3'" 1 
ATOM   688 C "C2'" . DC C 3 6  ? -8.65229  -21.40649 21.58141  1.000 217.81348 ? 13 DC C "C2'" 1 
ATOM   689 C "C1'" . DC C 3 6  ? -7.90069  -20.26961 20.91462  1.000 218.50159 ? 13 DC C "C1'" 1 
ATOM   690 N N1    . DC C 3 6  ? -8.38285  -18.90818 21.29456  1.000 209.46447 ? 13 DC C N1    1 
ATOM   691 C C2    . DC C 3 6  ? -7.48618  -17.99161 21.85954  1.000 217.85996 ? 13 DC C C2    1 
ATOM   692 O O2    . DC C 3 6  ? -6.31209  -18.33935 22.04621  1.000 210.16685 ? 13 DC C O2    1 
ATOM   693 N N3    . DC C 3 6  ? -7.93356  -16.74842 22.19011  1.000 217.31812 ? 13 DC C N3    1 
ATOM   694 C C4    . DC C 3 6  ? -9.21140  -16.42001 21.96996  1.000 194.93497 ? 13 DC C C4    1 
ATOM   695 N N4    . DC C 3 6  ? -9.60975  -15.18757 22.30913  1.000 175.45715 ? 13 DC C N4    1 
ATOM   696 C C5    . DC C 3 6  ? -10.13624 -17.34198 21.39025  1.000 195.71420 ? 13 DC C C5    1 
ATOM   697 C C6    . DC C 3 6  ? -9.68299  -18.55998 21.06835  1.000 198.70881 ? 13 DC C C6    1 
ATOM   698 P P     . DT C 3 7  ? -7.17714  -24.20216 22.23208  1.000 255.23149 ? 14 DT C P     1 
ATOM   699 O OP1   . DT C 3 7  ? -6.31833  -25.36534 21.90902  1.000 271.60554 ? 14 DT C OP1   1 
ATOM   700 O OP2   . DT C 3 7  ? -8.57882  -24.42342 22.65753  1.000 238.01085 ? 14 DT C OP2   1 
ATOM   701 O "O5'" . DT C 3 7  ? -6.44838  -23.28411 23.32990  1.000 199.28405 ? 14 DT C "O5'" 1 
ATOM   702 C "C5'" . DT C 3 7  ? -6.16244  -23.80575 24.63016  1.000 232.36819 ? 14 DT C "C5'" 1 
ATOM   703 C "C4'" . DT C 3 7  ? -5.08575  -22.98306 25.32143  1.000 232.73789 ? 14 DT C "C4'" 1 
ATOM   704 O "O4'" . DT C 3 7  ? -5.00204  -21.67650 24.69657  1.000 201.66116 ? 14 DT C "O4'" 1 
ATOM   705 C "C3'" . DT C 3 7  ? -5.33640  -22.70035 26.79710  1.000 229.22850 ? 14 DT C "C3'" 1 
ATOM   706 O "O3'" . DT C 3 7  ? -4.82516  -23.76001 27.59723  1.000 204.65606 ? 14 DT C "O3'" 1 
ATOM   707 C "C2'" . DT C 3 7  ? -4.55645  -21.40828 27.00911  1.000 187.46514 ? 14 DT C "C2'" 1 
ATOM   708 C "C1'" . DT C 3 7  ? -4.79221  -20.68004 25.68565  1.000 207.53464 ? 14 DT C "C1'" 1 
ATOM   709 N N1    . DT C 3 7  ? -5.97692  -19.75728 25.69030  1.000 195.69611 ? 14 DT C N1    1 
ATOM   710 C C2    . DT C 3 7  ? -5.83160  -18.46656 26.15721  1.000 203.23771 ? 14 DT C C2    1 
ATOM   711 O O2    . DT C 3 7  ? -4.78322  -18.02873 26.59873  1.000 206.91359 ? 14 DT C O2    1 
ATOM   712 N N3    . DT C 3 7  ? -6.97412  -17.70510 26.09711  1.000 203.07183 ? 14 DT C N3    1 
ATOM   713 C C4    . DT C 3 7  ? -8.21739  -18.09944 25.62339  1.000 192.13292 ? 14 DT C C4    1 
ATOM   714 O O4    . DT C 3 7  ? -9.19021  -17.34948 25.61717  1.000 185.81107 ? 14 DT C O4    1 
ATOM   715 C C5    . DT C 3 7  ? -8.29414  -19.45745 25.14618  1.000 179.07520 ? 14 DT C C5    1 
ATOM   716 C C7    . DT C 3 7  ? -9.58768  -19.99111 24.61221  1.000 177.15191 ? 14 DT C C7    1 
ATOM   717 C C6    . DT C 3 7  ? -7.18476  -20.20790 25.19350  1.000 177.66086 ? 14 DT C C6    1 
ATOM   718 P P     . DC D 4 1  ? 19.37775  4.25722   -27.79706 1.000 335.55820 ? 1  DC D P     1 
ATOM   719 O OP1   . DC D 4 1  ? 20.01863  4.00538   -29.10773 1.000 295.44257 ? 1  DC D OP1   1 
ATOM   720 O OP2   . DC D 4 1  ? 19.38805  3.20768   -26.75288 1.000 369.06705 ? 1  DC D OP2   1 
ATOM   721 O "O5'" . DC D 4 1  ? 19.99586  5.58883   -27.16224 1.000 256.11244 ? 1  DC D "O5'" 1 
ATOM   722 C "C5'" . DC D 4 1  ? 19.51636  6.85412   -27.57262 1.000 195.37411 ? 1  DC D "C5'" 1 
ATOM   723 C "C4'" . DC D 4 1  ? 20.36722  7.96353   -26.98888 1.000 196.20898 ? 1  DC D "C4'" 1 
ATOM   724 O "O4'" . DC D 4 1  ? 20.06092  9.20094   -27.67669 1.000 193.35822 ? 1  DC D "O4'" 1 
ATOM   725 C "C3'" . DC D 4 1  ? 20.12454  8.25459   -25.51412 1.000 181.23353 ? 1  DC D "C3'" 1 
ATOM   726 O "O3'" . DC D 4 1  ? 21.28147  8.85398   -24.93523 1.000 214.99957 ? 1  DC D "O3'" 1 
ATOM   727 C "C2'" . DC D 4 1  ? 18.97131  9.23523   -25.58078 1.000 179.67180 ? 1  DC D "C2'" 1 
ATOM   728 C "C1'" . DC D 4 1  ? 19.31586  10.05124  -26.82484 1.000 195.99602 ? 1  DC D "C1'" 1 
ATOM   729 N N1    . DC D 4 1  ? 18.10986  10.48907  -27.54372 1.000 195.35881 ? 1  DC D N1    1 
ATOM   730 C C2    . DC D 4 1  ? 17.69040  11.82301  -27.46069 1.000 198.37904 ? 1  DC D C2    1 
ATOM   731 O O2    . DC D 4 1  ? 18.36419  12.63261  -26.80600 1.000 187.10083 ? 1  DC D O2    1 
ATOM   732 N N3    . DC D 4 1  ? 16.55956  12.19107  -28.11501 1.000 184.56320 ? 1  DC D N3    1 
ATOM   733 C C4    . DC D 4 1  ? 15.86516  11.28252  -28.80668 1.000 167.03563 ? 1  DC D C4    1 
ATOM   734 N N4    . DC D 4 1  ? 14.75625  11.68080  -29.42299 1.000 151.81349 ? 1  DC D N4    1 
ATOM   735 C C5    . DC D 4 1  ? 16.27524  9.92220   -28.88928 1.000 156.88398 ? 1  DC D C5    1 
ATOM   736 C C6    . DC D 4 1  ? 17.38542  9.57378   -28.24153 1.000 167.81816 ? 1  DC D C6    1 
ATOM   737 P P     . DT D 4 2  ? 21.16770  9.78424   -23.62365 1.000 268.58276 ? 2  DT D P     1 
ATOM   738 O OP1   . DT D 4 2  ? 22.52816  9.87874   -23.04888 1.000 288.40570 ? 2  DT D OP1   1 
ATOM   739 O OP2   . DT D 4 2  ? 20.06031  9.29856   -22.77011 1.000 252.18845 ? 2  DT D OP2   1 
ATOM   740 O "O5'" . DT D 4 2  ? 20.77136  11.22788  -24.19335 1.000 182.60277 ? 2  DT D "O5'" 1 
ATOM   741 C "C5'" . DT D 4 2  ? 21.15816  12.39665  -23.48693 1.000 195.28783 ? 2  DT D "C5'" 1 
ATOM   742 C "C4'" . DT D 4 2  ? 19.96373  13.03199  -22.80407 1.000 198.60338 ? 2  DT D "C4'" 1 
ATOM   743 O "O4'" . DT D 4 2  ? 18.84694  13.03701  -23.71136 1.000 180.54469 ? 2  DT D "O4'" 1 
ATOM   744 C "C3'" . DT D 4 2  ? 19.45875  12.30405  -21.55240 1.000 195.78369 ? 2  DT D "C3'" 1 
ATOM   745 O "O3'" . DT D 4 2  ? 19.90440  12.95894  -20.33471 1.000 178.28375 ? 2  DT D "O3'" 1 
ATOM   746 C "C2'" . DT D 4 2  ? 17.92557  12.30318  -21.68610 1.000 184.53608 ? 2  DT D "C2'" 1 
ATOM   747 C "C1'" . DT D 4 2  ? 17.67168  13.12028  -22.95270 1.000 178.56390 ? 2  DT D "C1'" 1 
ATOM   748 N N1    . DT D 4 2  ? 16.54906  12.61006  -23.76602 1.000 183.60186 ? 2  DT D N1    1 
ATOM   749 C C2    . DT D 4 2  ? 15.55750  13.47592  -24.16236 1.000 170.74032 ? 2  DT D C2    1 
ATOM   750 O O2    . DT D 4 2  ? 15.55785  14.66352  -23.88160 1.000 156.07950 ? 2  DT D O2    1 
ATOM   751 N N3    . DT D 4 2  ? 14.56287  12.89515  -24.91369 1.000 164.12925 ? 2  DT D N3    1 
ATOM   752 C C4    . DT D 4 2  ? 14.45825  11.56779  -25.28395 1.000 175.89966 ? 2  DT D C4    1 
ATOM   753 O O4    . DT D 4 2  ? 13.52219  11.13851  -25.95618 1.000 157.35500 ? 2  DT D O4    1 
ATOM   754 C C5    . DT D 4 2  ? 15.53163  10.71732  -24.82957 1.000 193.09993 ? 2  DT D C5    1 
ATOM   755 C C7    . DT D 4 2  ? 15.52640  9.25726   -25.17089 1.000 210.28427 ? 2  DT D C7    1 
ATOM   756 C C6    . DT D 4 2  ? 16.51300  11.27220  -24.10039 1.000 184.69536 ? 2  DT D C6    1 
ATOM   757 P P     . DG D 4 3  ? 19.63208  14.52479  -20.03596 1.000 230.29265 ? 3  DG D P     1 
ATOM   758 O OP1   . DG D 4 3  ? 18.88692  15.21789  -21.11083 1.000 199.31659 ? 3  DG D OP1   1 
ATOM   759 O OP2   . DG D 4 3  ? 20.94356  15.06005  -19.60723 1.000 233.51993 ? 3  DG D OP2   1 
ATOM   760 O "O5'" . DG D 4 3  ? 18.66749  14.51722  -18.75794 1.000 219.70606 ? 3  DG D "O5'" 1 
ATOM   761 C "C5'" . DG D 4 3  ? 18.46451  15.71837  -18.00042 1.000 189.20208 ? 3  DG D "C5'" 1 
ATOM   762 C "C4'" . DG D 4 3  ? 17.29761  16.53291  -18.54434 1.000 185.14668 ? 3  DG D "C4'" 1 
ATOM   763 O "O4'" . DG D 4 3  ? 16.66284  15.83830  -19.65873 1.000 176.69257 ? 3  DG D "O4'" 1 
ATOM   764 C "C3'" . DG D 4 3  ? 16.18622  16.81443  -17.53691 1.000 168.42277 ? 3  DG D "C3'" 1 
ATOM   765 O "O3'" . DG D 4 3  ? 15.72482  18.13225  -17.70947 1.000 186.25769 ? 3  DG D "O3'" 1 
ATOM   766 C "C2'" . DG D 4 3  ? 15.11454  15.79655  -17.91975 1.000 176.88620 ? 3  DG D "C2'" 1 
ATOM   767 C "C1'" . DG D 4 3  ? 15.27497  15.75179  -19.42783 1.000 160.99899 ? 3  DG D "C1'" 1 
ATOM   768 N N9    . DG D 4 3  ? 14.78308  14.51637  -20.02843 1.000 158.00733 ? 3  DG D N9    1 
ATOM   769 C C8    . DG D 4 3  ? 15.37754  13.27596  -19.98580 1.000 148.94661 ? 3  DG D C8    1 
ATOM   770 N N7    . DG D 4 3  ? 14.70433  12.35103  -20.61398 1.000 116.33966 ? 3  DG D N7    1 
ATOM   771 C C5    . DG D 4 3  ? 13.58652  13.02382  -21.10114 1.000 153.39892 ? 3  DG D C5    1 
ATOM   772 C C6    . DG D 4 3  ? 12.49007  12.54810  -21.86476 1.000 152.91867 ? 3  DG D C6    1 
ATOM   773 O O6    . DG D 4 3  ? 12.27543  11.39929  -22.27483 1.000 145.86278 ? 3  DG D O6    1 
ATOM   774 N N1    . DG D 4 3  ? 11.58020  13.56441  -22.14579 1.000 152.61229 ? 3  DG D N1    1 
ATOM   775 C C2    . DG D 4 3  ? 11.70884  14.87394  -21.73557 1.000 173.74680 ? 3  DG D C2    1 
ATOM   776 N N2    . DG D 4 3  ? 10.72796  15.71278  -22.10213 1.000 191.69499 ? 3  DG D N2    1 
ATOM   777 N N3    . DG D 4 3  ? 12.73114  15.33267  -21.02454 1.000 159.61613 ? 3  DG D N3    1 
ATOM   778 C C4    . DG D 4 3  ? 13.62690  14.35772  -20.74497 1.000 155.59836 ? 3  DG D C4    1 
ATOM   779 P P     . DA D 4 4  ? 14.72867  18.79760  -16.63889 1.000 236.00055 ? 4  DA D P     1 
ATOM   780 O OP1   . DA D 4 4  ? 15.43306  19.96094  -16.05716 1.000 265.69639 ? 4  DA D OP1   1 
ATOM   781 O OP2   . DA D 4 4  ? 14.19742  17.75266  -15.73545 1.000 190.30131 ? 4  DA D OP2   1 
ATOM   782 O "O5'" . DA D 4 4  ? 13.52634  19.33916  -17.54045 1.000 224.08730 ? 4  DA D "O5'" 1 
ATOM   783 C "C5'" . DA D 4 4  ? 13.03778  18.55261  -18.61354 1.000 184.22968 ? 4  DA D "C5'" 1 
ATOM   784 C "C4'" . DA D 4 4  ? 11.54399  18.38001  -18.49360 1.000 172.36187 ? 4  DA D "C4'" 1 
ATOM   785 O "O4'" . DA D 4 4  ? 11.17154  17.06571  -18.98530 1.000 155.31525 ? 4  DA D "O4'" 1 
ATOM   786 C "C3'" . DA D 4 4  ? 11.01329  18.40865  -17.06497 1.000 157.77448 ? 4  DA D "C3'" 1 
ATOM   787 O "O3'" . DA D 4 4  ? 9.64569   18.64937  -17.12576 1.000 154.94461 ? 4  DA D "O3'" 1 
ATOM   788 C "C2'" . DA D 4 4  ? 11.23802  16.96930  -16.67072 1.000 158.36807 ? 4  DA D "C2'" 1 
ATOM   789 C "C1'" . DA D 4 4  ? 10.63302  16.33342  -17.90363 1.000 150.92933 ? 4  DA D "C1'" 1 
ATOM   790 N N9    . DA D 4 4  ? 10.94178  14.93095  -18.07748 1.000 149.97679 ? 4  DA D N9    1 
ATOM   791 C C8    . DA D 4 4  ? 11.93322  14.21213  -17.47163 1.000 153.42750 ? 4  DA D C8    1 
ATOM   792 N N7    . DA D 4 4  ? 11.95619  12.94806  -17.82723 1.000 157.14816 ? 4  DA D N7    1 
ATOM   793 C C5    . DA D 4 4  ? 10.90689  12.84064  -18.72885 1.000 161.28024 ? 4  DA D C5    1 
ATOM   794 C C6    . DA D 4 4  ? 10.39756  11.76020  -19.47539 1.000 161.29882 ? 4  DA D C6    1 
ATOM   795 N N6    . DA D 4 4  ? 10.90918  10.52696  -19.42423 1.000 161.26309 ? 4  DA D N6    1 
ATOM   796 N N1    . DA D 4 4  ? 9.33817   12.00034  -20.28008 1.000 165.30410 ? 4  DA D N1    1 
ATOM   797 C C2    . DA D 4 4  ? 8.83012   13.23837  -20.32597 1.000 164.03563 ? 4  DA D C2    1 
ATOM   798 N N3    . DA D 4 4  ? 9.22204   14.32754  -19.67328 1.000 147.93483 ? 4  DA D N3    1 
ATOM   799 C C4    . DA D 4 4  ? 10.27344  14.05659  -18.88678 1.000 154.52125 ? 4  DA D C4    1 
ATOM   800 P P     . DT D 4 5  ? 8.94910   19.82748  -16.29458 1.000 175.39642 ? 5  DT D P     1 
ATOM   801 O OP1   . DT D 4 5  ? 9.44912   21.11343  -16.83336 1.000 194.99737 ? 5  DT D OP1   1 
ATOM   802 O OP2   . DT D 4 5  ? 9.09348   19.53776  -14.85023 1.000 188.19521 ? 5  DT D OP2   1 
ATOM   803 O "O5'" . DT D 4 5  ? 7.41264   19.63004  -16.70214 1.000 192.37200 ? 5  DT D "O5'" 1 
ATOM   804 C "C5'" . DT D 4 5  ? 7.10456   19.22546  -18.04463 1.000 181.46958 ? 5  DT D "C5'" 1 
ATOM   805 C "C4'" . DT D 4 5  ? 6.16189   18.02072  -18.09239 1.000 165.38064 ? 5  DT D "C4'" 1 
ATOM   806 O "O4'" . DT D 4 5  ? 6.89318   16.76670  -18.09720 1.000 112.78352 ? 5  DT D "O4'" 1 
ATOM   807 C "C3'" . DT D 4 5  ? 5.14028   17.90969  -16.95446 1.000 150.34403 ? 5  DT D "C3'" 1 
ATOM   808 O "O3'" . DT D 4 5  ? 3.84345   17.92643  -17.51220 1.000 139.61526 ? 5  DT D "O3'" 1 
ATOM   809 C "C2'" . DT D 4 5  ? 5.45649   16.54953  -16.30807 1.000 130.42740 ? 5  DT D "C2'" 1 
ATOM   810 C "C1'" . DT D 4 5  ? 6.07557   15.81109  -17.47705 1.000 128.98187 ? 5  DT D "C1'" 1 
ATOM   811 N N1    . DT D 4 5  ? 6.90587   14.66501  -17.09283 1.000 140.29272 ? 5  DT D N1    1 
ATOM   812 C C2    . DT D 4 5  ? 6.66073   13.44445  -17.66678 1.000 153.56280 ? 5  DT D C2    1 
ATOM   813 O O2    . DT D 4 5  ? 5.77438   13.26146  -18.48269 1.000 159.71863 ? 5  DT D O2    1 
ATOM   814 N N3    . DT D 4 5  ? 7.49755   12.43834  -17.24718 1.000 161.62243 ? 5  DT D N3    1 
ATOM   815 C C4    . DT D 4 5  ? 8.53013   12.53812  -16.33340 1.000 154.61892 ? 5  DT D C4    1 
ATOM   816 O O4    . DT D 4 5  ? 9.23037   11.57798  -16.02046 1.000 147.92204 ? 5  DT D O4    1 
ATOM   817 C C5    . DT D 4 5  ? 8.72849   13.85246  -15.77265 1.000 161.25100 ? 5  DT D C5    1 
ATOM   818 C C7    . DT D 4 5  ? 9.81816   14.08687  -14.77034 1.000 185.98973 ? 5  DT D C7    1 
ATOM   819 C C6    . DT D 4 5  ? 7.91562   14.83957  -16.17518 1.000 155.17398 ? 5  DT D C6    1 
ATOM   820 P P     . DG D 4 6  ? 2.55217   17.85124  -16.56713 1.000 185.17201 ? 6  DG D P     1 
ATOM   821 O OP1   . DG D 4 6  ? 1.58106   18.84221  -17.09340 1.000 177.82999 ? 6  DG D OP1   1 
ATOM   822 O OP2   . DG D 4 6  ? 3.01999   17.94623  -15.15772 1.000 154.91004 ? 6  DG D OP2   1 
ATOM   823 O "O5'" . DG D 4 6  ? 1.98065   16.37089  -16.82083 1.000 161.07235 ? 6  DG D "O5'" 1 
ATOM   824 C "C5'" . DG D 4 6  ? 1.41931   16.01662  -18.09305 1.000 109.67796 ? 6  DG D "C5'" 1 
ATOM   825 C "C4'" . DG D 4 6  ? 1.13785   14.51842  -18.16604 1.000 149.03913 ? 6  DG D "C4'" 1 
ATOM   826 O "O4'" . DG D 4 6  ? 2.36668   13.77536  -17.92566 1.000 164.45123 ? 6  DG D "O4'" 1 
ATOM   827 C "C3'" . DG D 4 6  ? 0.11663   13.98403  -17.15182 1.000 127.55004 ? 6  DG D "C3'" 1 
ATOM   828 O "O3'" . DG D 4 6  ? -0.71722  13.00551  -17.76425 1.000 112.45410 ? 6  DG D "O3'" 1 
ATOM   829 C "C2'" . DG D 4 6  ? 0.99627   13.34724  -16.08241 1.000 117.27422 ? 6  DG D "C2'" 1 
ATOM   830 C "C1'" . DG D 4 6  ? 2.14101   12.80633  -16.92462 1.000 91.87542  ? 6  DG D "C1'" 1 
ATOM   831 N N9    . DG D 4 6  ? 3.37789   12.61656  -16.16524 1.000 130.32186 ? 6  DG D N9    1 
ATOM   832 C C8    . DG D 4 6  ? 4.03964   13.54807  -15.39550 1.000 156.51163 ? 6  DG D C8    1 
ATOM   833 N N7    . DG D 4 6  ? 5.11883   13.07898  -14.82107 1.000 148.34082 ? 6  DG D N7    1 
ATOM   834 C C5    . DG D 4 6  ? 5.16999   11.75344  -15.23226 1.000 140.77474 ? 6  DG D C5    1 
ATOM   835 C C6    . DG D 4 6  ? 6.10990   10.73718  -14.93643 1.000 137.75631 ? 6  DG D C6    1 
ATOM   836 O O6    . DG D 4 6  ? 7.11972   10.80906  -14.22615 1.000 157.58804 ? 6  DG D O6    1 
ATOM   837 N N1    . DG D 4 6  ? 5.78741   9.53684   -15.56319 1.000 126.85338 ? 6  DG D N1    1 
ATOM   838 C C2    . DG D 4 6  ? 4.68329   9.33967   -16.35967 1.000 135.52730 ? 6  DG D C2    1 
ATOM   839 N N2    . DG D 4 6  ? 4.53079   8.11640   -16.88953 1.000 151.85937 ? 6  DG D N2    1 
ATOM   840 N N3    . DG D 4 6  ? 3.80440   10.28556  -16.65672 1.000 127.87070 ? 6  DG D N3    1 
ATOM   841 C C4    . DG D 4 6  ? 4.10279   11.45559  -16.05846 1.000 135.44381 ? 6  DG D C4    1 
ATOM   842 P P     . DT D 4 7  ? -2.31158  13.21405  -17.83047 1.000 152.84662 ? 7  DT D P     1 
ATOM   843 O OP1   . DT D 4 7  ? -2.72089  12.88320  -19.20993 1.000 190.79434 ? 7  DT D OP1   1 
ATOM   844 O OP2   . DT D 4 7  ? -2.65311  14.55580  -17.29062 1.000 139.13716 ? 7  DT D OP2   1 
ATOM   845 O "O5'" . DT D 4 7  ? -2.88257  12.06528  -16.86754 1.000 154.86248 ? 7  DT D "O5'" 1 
ATOM   846 C "C5'" . DT D 4 7  ? -2.23137  11.77806  -15.62259 1.000 158.52777 ? 7  DT D "C5'" 1 
ATOM   847 C "C4'" . DT D 4 7  ? -1.69312  10.35685  -15.60639 1.000 148.91183 ? 7  DT D "C4'" 1 
ATOM   848 O "O4'" . DT D 4 7  ? -0.25373  10.37407  -15.74536 1.000 131.23369 ? 7  DT D "O4'" 1 
ATOM   849 C "C3'" . DT D 4 7  ? -1.94680  9.58651   -14.31715 1.000 139.96913 ? 7  DT D "C3'" 1 
ATOM   850 O "O3'" . DT D 4 7  ? -3.24632  8.98590   -14.35007 1.000 159.25966 ? 7  DT D "O3'" 1 
ATOM   851 C "C2'" . DT D 4 7  ? -0.84994  8.52984   -14.35365 1.000 89.15469  ? 7  DT D "C2'" 1 
ATOM   852 C "C1'" . DT D 4 7  ? 0.29607   9.26243   -15.04574 1.000 127.53719 ? 7  DT D "C1'" 1 
ATOM   853 N N1    . DT D 4 7  ? 1.36154   9.74494   -14.11649 1.000 98.65806  ? 7  DT D N1    1 
ATOM   854 C C2    . DT D 4 7  ? 2.46976   8.95478   -13.90876 1.000 103.55381 ? 7  DT D C2    1 
ATOM   855 O O2    . DT D 4 7  ? 2.61775   7.87092   -14.43297 1.000 150.42676 ? 7  DT D O2    1 
ATOM   856 N N3    . DT D 4 7  ? 3.40480   9.48123   -13.06933 1.000 93.83841  ? 7  DT D N3    1 
ATOM   857 C C4    . DT D 4 7  ? 3.35011   10.69534  -12.42617 1.000 116.68322 ? 7  DT D C4    1 
ATOM   858 O O4    . DT D 4 7  ? 4.25164   11.08140  -11.68885 1.000 139.24300 ? 7  DT D O4    1 
ATOM   859 C C5    . DT D 4 7  ? 2.15678   11.48143  -12.68421 1.000 111.64926 ? 7  DT D C5    1 
ATOM   860 C C7    . DT D 4 7  ? 1.97967   12.82090  -12.03954 1.000 126.81917 ? 7  DT D C7    1 
ATOM   861 C C6    . DT D 4 7  ? 1.23173   10.97265  -13.50814 1.000 93.35934  ? 7  DT D C6    1 
# 
